data_1MJ4
# 
_entry.id   1MJ4 
# 
_audit_conform.dict_name       mmcif_pdbx.dic 
_audit_conform.dict_version    5.386 
_audit_conform.dict_location   http://mmcif.pdb.org/dictionaries/ascii/mmcif_pdbx.dic 
# 
loop_
_database_2.database_id 
_database_2.database_code 
_database_2.pdbx_database_accession 
_database_2.pdbx_DOI 
PDB   1MJ4         pdb_00001mj4 10.2210/pdb1mj4/pdb 
RCSB  RCSB016948   ?            ?                   
WWPDB D_1000016948 ?            ?                   
# 
loop_
_pdbx_audit_revision_history.ordinal 
_pdbx_audit_revision_history.data_content_type 
_pdbx_audit_revision_history.major_revision 
_pdbx_audit_revision_history.minor_revision 
_pdbx_audit_revision_history.revision_date 
1 'Structure model' 1 0 2002-09-12 
2 'Structure model' 1 1 2008-04-28 
3 'Structure model' 1 2 2011-07-13 
4 'Structure model' 1 3 2024-02-14 
# 
_pdbx_audit_revision_details.ordinal             1 
_pdbx_audit_revision_details.revision_ordinal    1 
_pdbx_audit_revision_details.data_content_type   'Structure model' 
_pdbx_audit_revision_details.provider            repository 
_pdbx_audit_revision_details.type                'Initial release' 
_pdbx_audit_revision_details.description         ? 
_pdbx_audit_revision_details.details             ? 
# 
loop_
_pdbx_audit_revision_group.ordinal 
_pdbx_audit_revision_group.revision_ordinal 
_pdbx_audit_revision_group.data_content_type 
_pdbx_audit_revision_group.group 
1 2 'Structure model' 'Version format compliance' 
2 3 'Structure model' 'Non-polymer description'   
3 3 'Structure model' 'Version format compliance' 
4 4 'Structure model' 'Data collection'           
5 4 'Structure model' 'Database references'       
6 4 'Structure model' 'Derived calculations'      
# 
loop_
_pdbx_audit_revision_category.ordinal 
_pdbx_audit_revision_category.revision_ordinal 
_pdbx_audit_revision_category.data_content_type 
_pdbx_audit_revision_category.category 
1 4 'Structure model' chem_comp_atom 
2 4 'Structure model' chem_comp_bond 
3 4 'Structure model' database_2     
4 4 'Structure model' struct_site    
# 
loop_
_pdbx_audit_revision_item.ordinal 
_pdbx_audit_revision_item.revision_ordinal 
_pdbx_audit_revision_item.data_content_type 
_pdbx_audit_revision_item.item 
1 4 'Structure model' '_database_2.pdbx_DOI'                
2 4 'Structure model' '_database_2.pdbx_database_accession' 
3 4 'Structure model' '_struct_site.pdbx_auth_asym_id'      
4 4 'Structure model' '_struct_site.pdbx_auth_comp_id'      
5 4 'Structure model' '_struct_site.pdbx_auth_seq_id'       
# 
_pdbx_database_status.status_code                     REL 
_pdbx_database_status.entry_id                        1MJ4 
_pdbx_database_status.recvd_initial_deposition_date   2002-08-26 
_pdbx_database_status.deposit_site                    RCSB 
_pdbx_database_status.process_site                    RCSB 
_pdbx_database_status.SG_entry                        . 
_pdbx_database_status.pdb_format_compatible           Y 
_pdbx_database_status.status_code_mr                  ? 
_pdbx_database_status.status_code_sf                  ? 
_pdbx_database_status.status_code_cs                  ? 
_pdbx_database_status.status_code_nmr_data            ? 
_pdbx_database_status.methods_development_category    ? 
# 
_pdbx_database_related.db_name        PDB 
_pdbx_database_related.db_id          1SOX 
_pdbx_database_related.details        'SULFITE OXIDASE FROM CHICKEN LIVER' 
_pdbx_database_related.content_type   unspecified 
# 
loop_
_audit_author.name 
_audit_author.pdbx_ordinal 
'Rudolph, M.J.'     1 
'Johnson, J.L.'     2 
'Rajagopalan, K.V.' 3 
'Kisker, C.'        4 
# 
_citation.id                        primary 
_citation.title                     'The 1.2 A structure of the human sulfite oxidase cytochrome b(5) domain.' 
_citation.journal_abbrev            'Acta Crystallogr.,Sect.D' 
_citation.journal_volume            59 
_citation.page_first                1183 
_citation.page_last                 1191 
_citation.year                      2003 
_citation.journal_id_ASTM           ABCRE6 
_citation.country                   DK 
_citation.journal_id_ISSN           0907-4449 
_citation.journal_id_CSD            0766 
_citation.book_publisher            ? 
_citation.pdbx_database_id_PubMed   12832761 
_citation.pdbx_database_id_DOI      10.1107/S0907444903009934 
# 
loop_
_citation_author.citation_id 
_citation_author.name 
_citation_author.ordinal 
_citation_author.identifier_ORCID 
primary 'Rudolph, M.J.'     1 ? 
primary 'Johnson, J.L.'     2 ? 
primary 'Rajagopalan, K.V.' 3 ? 
primary 'Kisker, C.'        4 ? 
# 
loop_
_entity.id 
_entity.type 
_entity.src_method 
_entity.pdbx_description 
_entity.formula_weight 
_entity.pdbx_number_of_molecules 
_entity.pdbx_ec 
_entity.pdbx_mutation 
_entity.pdbx_fragment 
_entity.details 
1 polymer     man 'sulfite oxidase'                 9087.128 1   1.8.3.1 ? 'cytochrome b5 domain, residues 22-103 of SWS P51687' ? 
2 non-polymer syn 'SULFATE ION'                     96.063   1   ?       ? ?                                                     ? 
3 non-polymer syn 'PROTOPORPHYRIN IX CONTAINING FE' 616.487  1   ?       ? ?                                                     ? 
4 non-polymer syn GLYCEROL                          92.094   1   ?       ? ?                                                     ? 
5 water       nat water                             18.015   117 ?       ? ?                                                     ? 
# 
_entity_name_sys.entity_id   1 
_entity_name_sys.name        E.C.1.8.3.1 
# 
_entity_poly.entity_id                      1 
_entity_poly.type                           'polypeptide(L)' 
_entity_poly.nstd_linkage                   no 
_entity_poly.nstd_monomer                   no 
_entity_poly.pdbx_seq_one_letter_code       
;QESTHIYTKEEVSSHTSPETGIWVTLGSEVFDVTEFVDLHPGGPSKLMLAAGGPLEPFWALYAVHNQSHVRELLAQYKIG
EL
;
_entity_poly.pdbx_seq_one_letter_code_can   
;QESTHIYTKEEVSSHTSPETGIWVTLGSEVFDVTEFVDLHPGGPSKLMLAAGGPLEPFWALYAVHNQSHVRELLAQYKIG
EL
;
_entity_poly.pdbx_strand_id                 A 
_entity_poly.pdbx_target_identifier         ? 
# 
loop_
_pdbx_entity_nonpoly.entity_id 
_pdbx_entity_nonpoly.name 
_pdbx_entity_nonpoly.comp_id 
2 'SULFATE ION'                     SO4 
3 'PROTOPORPHYRIN IX CONTAINING FE' HEM 
4 GLYCEROL                          GOL 
5 water                             HOH 
# 
loop_
_entity_poly_seq.entity_id 
_entity_poly_seq.num 
_entity_poly_seq.mon_id 
_entity_poly_seq.hetero 
1 1  GLN n 
1 2  GLU n 
1 3  SER n 
1 4  THR n 
1 5  HIS n 
1 6  ILE n 
1 7  TYR n 
1 8  THR n 
1 9  LYS n 
1 10 GLU n 
1 11 GLU n 
1 12 VAL n 
1 13 SER n 
1 14 SER n 
1 15 HIS n 
1 16 THR n 
1 17 SER n 
1 18 PRO n 
1 19 GLU n 
1 20 THR n 
1 21 GLY n 
1 22 ILE n 
1 23 TRP n 
1 24 VAL n 
1 25 THR n 
1 26 LEU n 
1 27 GLY n 
1 28 SER n 
1 29 GLU n 
1 30 VAL n 
1 31 PHE n 
1 32 ASP n 
1 33 VAL n 
1 34 THR n 
1 35 GLU n 
1 36 PHE n 
1 37 VAL n 
1 38 ASP n 
1 39 LEU n 
1 40 HIS n 
1 41 PRO n 
1 42 GLY n 
1 43 GLY n 
1 44 PRO n 
1 45 SER n 
1 46 LYS n 
1 47 LEU n 
1 48 MET n 
1 49 LEU n 
1 50 ALA n 
1 51 ALA n 
1 52 GLY n 
1 53 GLY n 
1 54 PRO n 
1 55 LEU n 
1 56 GLU n 
1 57 PRO n 
1 58 PHE n 
1 59 TRP n 
1 60 ALA n 
1 61 LEU n 
1 62 TYR n 
1 63 ALA n 
1 64 VAL n 
1 65 HIS n 
1 66 ASN n 
1 67 GLN n 
1 68 SER n 
1 69 HIS n 
1 70 VAL n 
1 71 ARG n 
1 72 GLU n 
1 73 LEU n 
1 74 LEU n 
1 75 ALA n 
1 76 GLN n 
1 77 TYR n 
1 78 LYS n 
1 79 ILE n 
1 80 GLY n 
1 81 GLU n 
1 82 LEU n 
# 
_entity_src_gen.entity_id                          1 
_entity_src_gen.pdbx_src_id                        1 
_entity_src_gen.pdbx_alt_source_flag               sample 
_entity_src_gen.pdbx_seq_type                      ? 
_entity_src_gen.pdbx_beg_seq_num                   ? 
_entity_src_gen.pdbx_end_seq_num                   ? 
_entity_src_gen.gene_src_common_name               human 
_entity_src_gen.gene_src_genus                     Homo 
_entity_src_gen.pdbx_gene_src_gene                 ? 
_entity_src_gen.gene_src_species                   ? 
_entity_src_gen.gene_src_strain                    ? 
_entity_src_gen.gene_src_tissue                    ? 
_entity_src_gen.gene_src_tissue_fraction           ? 
_entity_src_gen.gene_src_details                   ? 
_entity_src_gen.pdbx_gene_src_fragment             ? 
_entity_src_gen.pdbx_gene_src_scientific_name      'Homo sapiens' 
_entity_src_gen.pdbx_gene_src_ncbi_taxonomy_id     9606 
_entity_src_gen.pdbx_gene_src_variant              ? 
_entity_src_gen.pdbx_gene_src_cell_line            ? 
_entity_src_gen.pdbx_gene_src_atcc                 ? 
_entity_src_gen.pdbx_gene_src_organ                ? 
_entity_src_gen.pdbx_gene_src_organelle            ? 
_entity_src_gen.pdbx_gene_src_cell                 ? 
_entity_src_gen.pdbx_gene_src_cellular_location    ? 
_entity_src_gen.host_org_common_name               ? 
_entity_src_gen.pdbx_host_org_scientific_name      'Escherichia coli' 
_entity_src_gen.pdbx_host_org_ncbi_taxonomy_id     562 
_entity_src_gen.host_org_genus                     Escherichia 
_entity_src_gen.pdbx_host_org_gene                 ? 
_entity_src_gen.pdbx_host_org_organ                ? 
_entity_src_gen.host_org_species                   ? 
_entity_src_gen.pdbx_host_org_tissue               ? 
_entity_src_gen.pdbx_host_org_tissue_fraction      ? 
_entity_src_gen.pdbx_host_org_strain               ? 
_entity_src_gen.pdbx_host_org_variant              ? 
_entity_src_gen.pdbx_host_org_cell_line            ? 
_entity_src_gen.pdbx_host_org_atcc                 ? 
_entity_src_gen.pdbx_host_org_culture_collection   ? 
_entity_src_gen.pdbx_host_org_cell                 ? 
_entity_src_gen.pdbx_host_org_organelle            ? 
_entity_src_gen.pdbx_host_org_cellular_location    ? 
_entity_src_gen.pdbx_host_org_vector_type          ? 
_entity_src_gen.pdbx_host_org_vector               ? 
_entity_src_gen.host_org_details                   ? 
_entity_src_gen.expression_system_id               ? 
_entity_src_gen.plasmid_name                       ? 
_entity_src_gen.plasmid_details                    ? 
_entity_src_gen.pdbx_description                   ? 
# 
loop_
_chem_comp.id 
_chem_comp.type 
_chem_comp.mon_nstd_flag 
_chem_comp.name 
_chem_comp.pdbx_synonyms 
_chem_comp.formula 
_chem_comp.formula_weight 
ALA 'L-peptide linking' y ALANINE                           ?                               'C3 H7 N O2'       89.093  
ARG 'L-peptide linking' y ARGININE                          ?                               'C6 H15 N4 O2 1'   175.209 
ASN 'L-peptide linking' y ASPARAGINE                        ?                               'C4 H8 N2 O3'      132.118 
ASP 'L-peptide linking' y 'ASPARTIC ACID'                   ?                               'C4 H7 N O4'       133.103 
GLN 'L-peptide linking' y GLUTAMINE                         ?                               'C5 H10 N2 O3'     146.144 
GLU 'L-peptide linking' y 'GLUTAMIC ACID'                   ?                               'C5 H9 N O4'       147.129 
GLY 'peptide linking'   y GLYCINE                           ?                               'C2 H5 N O2'       75.067  
GOL non-polymer         . GLYCEROL                          'GLYCERIN; PROPANE-1,2,3-TRIOL' 'C3 H8 O3'         92.094  
HEM non-polymer         . 'PROTOPORPHYRIN IX CONTAINING FE' HEME                            'C34 H32 Fe N4 O4' 616.487 
HIS 'L-peptide linking' y HISTIDINE                         ?                               'C6 H10 N3 O2 1'   156.162 
HOH non-polymer         . WATER                             ?                               'H2 O'             18.015  
ILE 'L-peptide linking' y ISOLEUCINE                        ?                               'C6 H13 N O2'      131.173 
LEU 'L-peptide linking' y LEUCINE                           ?                               'C6 H13 N O2'      131.173 
LYS 'L-peptide linking' y LYSINE                            ?                               'C6 H15 N2 O2 1'   147.195 
MET 'L-peptide linking' y METHIONINE                        ?                               'C5 H11 N O2 S'    149.211 
PHE 'L-peptide linking' y PHENYLALANINE                     ?                               'C9 H11 N O2'      165.189 
PRO 'L-peptide linking' y PROLINE                           ?                               'C5 H9 N O2'       115.130 
SER 'L-peptide linking' y SERINE                            ?                               'C3 H7 N O3'       105.093 
SO4 non-polymer         . 'SULFATE ION'                     ?                               'O4 S -2'          96.063  
THR 'L-peptide linking' y THREONINE                         ?                               'C4 H9 N O3'       119.119 
TRP 'L-peptide linking' y TRYPTOPHAN                        ?                               'C11 H12 N2 O2'    204.225 
TYR 'L-peptide linking' y TYROSINE                          ?                               'C9 H11 N O3'      181.189 
VAL 'L-peptide linking' y VALINE                            ?                               'C5 H11 N O2'      117.146 
# 
loop_
_pdbx_poly_seq_scheme.asym_id 
_pdbx_poly_seq_scheme.entity_id 
_pdbx_poly_seq_scheme.seq_id 
_pdbx_poly_seq_scheme.mon_id 
_pdbx_poly_seq_scheme.ndb_seq_num 
_pdbx_poly_seq_scheme.pdb_seq_num 
_pdbx_poly_seq_scheme.auth_seq_num 
_pdbx_poly_seq_scheme.pdb_mon_id 
_pdbx_poly_seq_scheme.auth_mon_id 
_pdbx_poly_seq_scheme.pdb_strand_id 
_pdbx_poly_seq_scheme.pdb_ins_code 
_pdbx_poly_seq_scheme.hetero 
A 1 1  GLN 1  1  ?  ?   ?   A . n 
A 1 2  GLU 2  2  ?  ?   ?   A . n 
A 1 3  SER 3  3  3  SER SER A . n 
A 1 4  THR 4  4  4  THR THR A . n 
A 1 5  HIS 5  5  5  HIS HIS A . n 
A 1 6  ILE 6  6  6  ILE ILE A . n 
A 1 7  TYR 7  7  7  TYR TYR A . n 
A 1 8  THR 8  8  8  THR THR A . n 
A 1 9  LYS 9  9  9  LYS LYS A . n 
A 1 10 GLU 10 10 10 GLU GLU A . n 
A 1 11 GLU 11 11 11 GLU GLU A . n 
A 1 12 VAL 12 12 12 VAL VAL A . n 
A 1 13 SER 13 13 13 SER SER A . n 
A 1 14 SER 14 14 14 SER SER A . n 
A 1 15 HIS 15 15 15 HIS HIS A . n 
A 1 16 THR 16 16 16 THR THR A . n 
A 1 17 SER 17 17 17 SER SER A . n 
A 1 18 PRO 18 18 18 PRO PRO A . n 
A 1 19 GLU 19 19 19 GLU GLU A . n 
A 1 20 THR 20 20 20 THR THR A . n 
A 1 21 GLY 21 21 21 GLY GLY A . n 
A 1 22 ILE 22 22 22 ILE ILE A . n 
A 1 23 TRP 23 23 23 TRP TRP A . n 
A 1 24 VAL 24 24 24 VAL VAL A . n 
A 1 25 THR 25 25 25 THR THR A . n 
A 1 26 LEU 26 26 26 LEU LEU A . n 
A 1 27 GLY 27 27 27 GLY GLY A . n 
A 1 28 SER 28 28 28 SER SER A . n 
A 1 29 GLU 29 29 29 GLU GLU A . n 
A 1 30 VAL 30 30 30 VAL VAL A . n 
A 1 31 PHE 31 31 31 PHE PHE A . n 
A 1 32 ASP 32 32 32 ASP ASP A . n 
A 1 33 VAL 33 33 33 VAL VAL A . n 
A 1 34 THR 34 34 34 THR THR A . n 
A 1 35 GLU 35 35 35 GLU GLU A . n 
A 1 36 PHE 36 36 36 PHE PHE A . n 
A 1 37 VAL 37 37 37 VAL VAL A . n 
A 1 38 ASP 38 38 38 ASP ASP A . n 
A 1 39 LEU 39 39 39 LEU LEU A . n 
A 1 40 HIS 40 40 40 HIS HIS A . n 
A 1 41 PRO 41 41 41 PRO PRO A . n 
A 1 42 GLY 42 42 42 GLY GLY A . n 
A 1 43 GLY 43 43 43 GLY GLY A . n 
A 1 44 PRO 44 44 44 PRO PRO A . n 
A 1 45 SER 45 45 45 SER SER A . n 
A 1 46 LYS 46 46 46 LYS LYS A . n 
A 1 47 LEU 47 47 47 LEU LEU A . n 
A 1 48 MET 48 48 48 MET MET A . n 
A 1 49 LEU 49 49 49 LEU LEU A . n 
A 1 50 ALA 50 50 50 ALA ALA A . n 
A 1 51 ALA 51 51 51 ALA ALA A . n 
A 1 52 GLY 52 52 52 GLY GLY A . n 
A 1 53 GLY 53 53 53 GLY GLY A . n 
A 1 54 PRO 54 54 54 PRO PRO A . n 
A 1 55 LEU 55 55 55 LEU LEU A . n 
A 1 56 GLU 56 56 56 GLU GLU A . n 
A 1 57 PRO 57 57 57 PRO PRO A . n 
A 1 58 PHE 58 58 58 PHE PHE A . n 
A 1 59 TRP 59 59 59 TRP TRP A . n 
A 1 60 ALA 60 60 60 ALA ALA A . n 
A 1 61 LEU 61 61 61 LEU LEU A . n 
A 1 62 TYR 62 62 62 TYR TYR A . n 
A 1 63 ALA 63 63 63 ALA ALA A . n 
A 1 64 VAL 64 64 64 VAL VAL A . n 
A 1 65 HIS 65 65 65 HIS HIS A . n 
A 1 66 ASN 66 66 66 ASN ASN A . n 
A 1 67 GLN 67 67 67 GLN GLN A . n 
A 1 68 SER 68 68 68 SER SER A . n 
A 1 69 HIS 69 69 69 HIS HIS A . n 
A 1 70 VAL 70 70 70 VAL VAL A . n 
A 1 71 ARG 71 71 71 ARG ARG A . n 
A 1 72 GLU 72 72 72 GLU GLU A . n 
A 1 73 LEU 73 73 73 LEU LEU A . n 
A 1 74 LEU 74 74 74 LEU LEU A . n 
A 1 75 ALA 75 75 75 ALA ALA A . n 
A 1 76 GLN 76 76 76 GLN GLN A . n 
A 1 77 TYR 77 77 77 TYR TYR A . n 
A 1 78 LYS 78 78 78 LYS LYS A . n 
A 1 79 ILE 79 79 79 ILE ILE A . n 
A 1 80 GLY 80 80 80 GLY GLY A . n 
A 1 81 GLU 81 81 81 GLU GLU A . n 
A 1 82 LEU 82 82 82 LEU LEU A . n 
# 
loop_
_pdbx_nonpoly_scheme.asym_id 
_pdbx_nonpoly_scheme.entity_id 
_pdbx_nonpoly_scheme.mon_id 
_pdbx_nonpoly_scheme.ndb_seq_num 
_pdbx_nonpoly_scheme.pdb_seq_num 
_pdbx_nonpoly_scheme.auth_seq_num 
_pdbx_nonpoly_scheme.pdb_mon_id 
_pdbx_nonpoly_scheme.auth_mon_id 
_pdbx_nonpoly_scheme.pdb_strand_id 
_pdbx_nonpoly_scheme.pdb_ins_code 
B 2 SO4 1   83   1    SO4 SUL A . 
C 3 HEM 1   502  502  HEM HEM A . 
D 4 GOL 1   9601 9601 GOL GOL A . 
E 5 HOH 1   503  503  HOH HOH A . 
E 5 HOH 2   504  504  HOH HOH A . 
E 5 HOH 3   505  505  HOH HOH A . 
E 5 HOH 4   506  506  HOH HOH A . 
E 5 HOH 5   507  507  HOH HOH A . 
E 5 HOH 6   508  508  HOH HOH A . 
E 5 HOH 7   509  509  HOH HOH A . 
E 5 HOH 8   510  510  HOH HOH A . 
E 5 HOH 9   511  511  HOH HOH A . 
E 5 HOH 10  512  512  HOH HOH A . 
E 5 HOH 11  513  513  HOH HOH A . 
E 5 HOH 12  514  514  HOH HOH A . 
E 5 HOH 13  515  515  HOH HOH A . 
E 5 HOH 14  516  516  HOH HOH A . 
E 5 HOH 15  517  517  HOH HOH A . 
E 5 HOH 16  518  518  HOH HOH A . 
E 5 HOH 17  519  519  HOH HOH A . 
E 5 HOH 18  520  520  HOH HOH A . 
E 5 HOH 19  521  521  HOH HOH A . 
E 5 HOH 20  523  523  HOH HOH A . 
E 5 HOH 21  524  524  HOH HOH A . 
E 5 HOH 22  525  525  HOH HOH A . 
E 5 HOH 23  526  526  HOH HOH A . 
E 5 HOH 24  527  527  HOH HOH A . 
E 5 HOH 25  528  528  HOH HOH A . 
E 5 HOH 26  529  529  HOH HOH A . 
E 5 HOH 27  530  530  HOH HOH A . 
E 5 HOH 28  531  531  HOH HOH A . 
E 5 HOH 29  532  532  HOH HOH A . 
E 5 HOH 30  533  533  HOH HOH A . 
E 5 HOH 31  534  534  HOH HOH A . 
E 5 HOH 32  535  535  HOH HOH A . 
E 5 HOH 33  536  536  HOH HOH A . 
E 5 HOH 34  537  537  HOH HOH A . 
E 5 HOH 35  538  538  HOH HOH A . 
E 5 HOH 36  539  539  HOH HOH A . 
E 5 HOH 37  540  540  HOH HOH A . 
E 5 HOH 38  541  541  HOH HOH A . 
E 5 HOH 39  542  542  HOH HOH A . 
E 5 HOH 40  543  543  HOH HOH A . 
E 5 HOH 41  544  544  HOH HOH A . 
E 5 HOH 42  545  545  HOH HOH A . 
E 5 HOH 43  546  546  HOH HOH A . 
E 5 HOH 44  547  547  HOH HOH A . 
E 5 HOH 45  548  548  HOH HOH A . 
E 5 HOH 46  549  549  HOH HOH A . 
E 5 HOH 47  550  550  HOH HOH A . 
E 5 HOH 48  551  551  HOH HOH A . 
E 5 HOH 49  552  552  HOH HOH A . 
E 5 HOH 50  553  553  HOH HOH A . 
E 5 HOH 51  554  554  HOH HOH A . 
E 5 HOH 52  555  555  HOH HOH A . 
E 5 HOH 53  556  556  HOH HOH A . 
E 5 HOH 54  558  558  HOH HOH A . 
E 5 HOH 55  559  559  HOH HOH A . 
E 5 HOH 56  560  560  HOH HOH A . 
E 5 HOH 57  561  561  HOH HOH A . 
E 5 HOH 58  562  562  HOH HOH A . 
E 5 HOH 59  563  563  HOH HOH A . 
E 5 HOH 60  564  564  HOH HOH A . 
E 5 HOH 61  565  565  HOH HOH A . 
E 5 HOH 62  566  566  HOH HOH A . 
E 5 HOH 63  567  567  HOH HOH A . 
E 5 HOH 64  568  568  HOH HOH A . 
E 5 HOH 65  569  569  HOH HOH A . 
E 5 HOH 66  570  570  HOH HOH A . 
E 5 HOH 67  571  571  HOH HOH A . 
E 5 HOH 68  572  572  HOH HOH A . 
E 5 HOH 69  573  573  HOH HOH A . 
E 5 HOH 70  574  574  HOH HOH A . 
E 5 HOH 71  575  575  HOH HOH A . 
E 5 HOH 72  576  576  HOH HOH A . 
E 5 HOH 73  577  577  HOH HOH A . 
E 5 HOH 74  578  578  HOH HOH A . 
E 5 HOH 75  579  579  HOH HOH A . 
E 5 HOH 76  580  580  HOH HOH A . 
E 5 HOH 77  581  581  HOH HOH A . 
E 5 HOH 78  582  582  HOH HOH A . 
E 5 HOH 79  583  583  HOH HOH A . 
E 5 HOH 80  584  584  HOH HOH A . 
E 5 HOH 81  585  585  HOH HOH A . 
E 5 HOH 82  586  586  HOH HOH A . 
E 5 HOH 83  587  587  HOH HOH A . 
E 5 HOH 84  588  588  HOH HOH A . 
E 5 HOH 85  589  589  HOH HOH A . 
E 5 HOH 86  590  590  HOH HOH A . 
E 5 HOH 87  591  591  HOH HOH A . 
E 5 HOH 88  592  592  HOH HOH A . 
E 5 HOH 89  593  593  HOH HOH A . 
E 5 HOH 90  594  594  HOH HOH A . 
E 5 HOH 91  595  595  HOH HOH A . 
E 5 HOH 92  596  596  HOH HOH A . 
E 5 HOH 93  597  597  HOH HOH A . 
E 5 HOH 94  598  598  HOH HOH A . 
E 5 HOH 95  599  599  HOH HOH A . 
E 5 HOH 96  600  600  HOH HOH A . 
E 5 HOH 97  601  601  HOH HOH A . 
E 5 HOH 98  602  602  HOH HOH A . 
E 5 HOH 99  603  603  HOH HOH A . 
E 5 HOH 100 604  604  HOH HOH A . 
E 5 HOH 101 605  605  HOH HOH A . 
E 5 HOH 102 606  606  HOH HOH A . 
E 5 HOH 103 607  607  HOH HOH A . 
E 5 HOH 104 608  608  HOH HOH A . 
E 5 HOH 105 609  609  HOH HOH A . 
E 5 HOH 106 610  610  HOH HOH A . 
E 5 HOH 107 611  611  HOH HOH A . 
E 5 HOH 108 612  612  HOH HOH A . 
E 5 HOH 109 613  613  HOH HOH A . 
E 5 HOH 110 614  614  HOH HOH A . 
E 5 HOH 111 615  615  HOH HOH A . 
E 5 HOH 112 616  616  HOH HOH A . 
E 5 HOH 113 618  618  HOH HOH A . 
E 5 HOH 114 619  619  HOH HOH A . 
E 5 HOH 115 620  620  HOH HOH A . 
E 5 HOH 116 621  621  HOH HOH A . 
E 5 HOH 117 622  622  HOH HOH A . 
# 
loop_
_pdbx_unobs_or_zero_occ_atoms.id 
_pdbx_unobs_or_zero_occ_atoms.PDB_model_num 
_pdbx_unobs_or_zero_occ_atoms.polymer_flag 
_pdbx_unobs_or_zero_occ_atoms.occupancy_flag 
_pdbx_unobs_or_zero_occ_atoms.auth_asym_id 
_pdbx_unobs_or_zero_occ_atoms.auth_comp_id 
_pdbx_unobs_or_zero_occ_atoms.auth_seq_id 
_pdbx_unobs_or_zero_occ_atoms.PDB_ins_code 
_pdbx_unobs_or_zero_occ_atoms.auth_atom_id 
_pdbx_unobs_or_zero_occ_atoms.label_alt_id 
_pdbx_unobs_or_zero_occ_atoms.label_asym_id 
_pdbx_unobs_or_zero_occ_atoms.label_comp_id 
_pdbx_unobs_or_zero_occ_atoms.label_seq_id 
_pdbx_unobs_or_zero_occ_atoms.label_atom_id 
1 1 Y 1 A GLU 11 ? CA  ? A GLU 11 CA  
2 1 Y 1 A GLU 11 ? CB  ? A GLU 11 CB  
3 1 Y 1 A GLU 11 ? CG  ? A GLU 11 CG  
4 1 Y 1 A GLU 11 ? CD  ? A GLU 11 CD  
5 1 Y 1 A VAL 37 ? CG1 ? A VAL 37 CG1 
6 1 Y 1 A SER 45 ? OG  ? A SER 45 OG  
7 1 Y 1 A LEU 61 ? CB  ? A LEU 61 CB  
8 1 Y 1 A LEU 61 ? CG  ? A LEU 61 CG  
# 
loop_
_software.name 
_software.classification 
_software.version 
_software.citation_id 
_software.pdbx_ordinal 
DENZO     'data reduction' .      ? 1 
SCALEPACK 'data scaling'   .      ? 2 
AMoRE     phasing          .      ? 3 
REFMAC    refinement       5.1.24 ? 4 
# 
_cell.entry_id           1MJ4 
_cell.length_a           98.899 
_cell.length_b           35.447 
_cell.length_c           26.263 
_cell.angle_alpha        90.00 
_cell.angle_beta         93.78 
_cell.angle_gamma        90.00 
_cell.Z_PDB              4 
_cell.pdbx_unique_axis   ? 
# 
_symmetry.entry_id                         1MJ4 
_symmetry.space_group_name_H-M             'C 1 2 1' 
_symmetry.cell_setting                     monoclinic 
_symmetry.pdbx_full_space_group_name_H-M   ? 
_symmetry.Int_Tables_number                5 
# 
_exptl.entry_id          1MJ4 
_exptl.method            'X-RAY DIFFRACTION' 
_exptl.crystals_number   2 
# 
_exptl_crystal.id                    1 
_exptl_crystal.density_meas          ? 
_exptl_crystal.density_percent_sol   51.31 
_exptl_crystal.density_Matthews      2.53 
_exptl_crystal.description           ? 
# 
_exptl_crystal_grow.crystal_id      1 
_exptl_crystal_grow.method          'VAPOR DIFFUSION, HANGING DROP' 
_exptl_crystal_grow.temp            298 
_exptl_crystal_grow.temp_details    ? 
_exptl_crystal_grow.pH              8.5 
_exptl_crystal_grow.pdbx_details    'ammonium sulfate and Tris, pH 8.5, VAPOR DIFFUSION, HANGING DROP at 298K' 
_exptl_crystal_grow.pdbx_pH_range   . 
# 
_diffrn.id                     1 
_diffrn.ambient_temp           298 
_diffrn.ambient_temp_details   ? 
_diffrn.crystal_id             1 
# 
_diffrn_detector.diffrn_id              1 
_diffrn_detector.detector               CCD 
_diffrn_detector.type                   'ADSC QUANTUM 4' 
_diffrn_detector.pdbx_collection_date   2001-05-01 
_diffrn_detector.details                ? 
# 
_diffrn_radiation.diffrn_id                        1 
_diffrn_radiation.wavelength_id                    1 
_diffrn_radiation.pdbx_monochromatic_or_laue_m_l   M 
_diffrn_radiation.monochromator                    platinum 
_diffrn_radiation.pdbx_diffrn_protocol             'SINGLE WAVELENGTH' 
_diffrn_radiation.pdbx_scattering_type             x-ray 
# 
_diffrn_radiation_wavelength.id           1 
_diffrn_radiation_wavelength.wavelength   1.100 
_diffrn_radiation_wavelength.wt           1.0 
# 
_diffrn_source.diffrn_id                   1 
_diffrn_source.source                      SYNCHROTRON 
_diffrn_source.type                        'NSLS BEAMLINE X26C' 
_diffrn_source.pdbx_synchrotron_site       NSLS 
_diffrn_source.pdbx_synchrotron_beamline   X26C 
_diffrn_source.pdbx_wavelength             ? 
_diffrn_source.pdbx_wavelength_list        1.100 
# 
_reflns.entry_id                     1MJ4 
_reflns.observed_criterion_sigma_F   2.0 
_reflns.observed_criterion_sigma_I   1.0 
_reflns.d_resolution_high            1.200 
_reflns.d_resolution_low             50.0 
_reflns.number_all                   120723 
_reflns.number_obs                   120114 
_reflns.percent_possible_obs         96.0 
_reflns.pdbx_Rmerge_I_obs            ? 
_reflns.pdbx_Rsym_value              ? 
_reflns.pdbx_netI_over_sigmaI        ? 
_reflns.B_iso_Wilson_estimate        ? 
_reflns.pdbx_redundancy              ? 
_reflns.R_free_details               ? 
_reflns.limit_h_max                  ? 
_reflns.limit_h_min                  ? 
_reflns.limit_k_max                  ? 
_reflns.limit_k_min                  ? 
_reflns.limit_l_max                  ? 
_reflns.limit_l_min                  ? 
_reflns.observed_criterion_F_max     ? 
_reflns.observed_criterion_F_min     ? 
_reflns.pdbx_ordinal                 1 
_reflns.pdbx_diffrn_id               1 
# 
_reflns_shell.d_res_high             1.20 
_reflns_shell.d_res_low              1.24 
_reflns_shell.percent_possible_all   88.0 
_reflns_shell.Rmerge_I_obs           ? 
_reflns_shell.pdbx_Rsym_value        ? 
_reflns_shell.meanI_over_sigI_obs    ? 
_reflns_shell.pdbx_redundancy        ? 
_reflns_shell.percent_possible_obs   ? 
_reflns_shell.number_unique_all      ? 
_reflns_shell.pdbx_ordinal           1 
_reflns_shell.pdbx_diffrn_id         1 
# 
_refine.entry_id                                 1MJ4 
_refine.ls_number_reflns_obs                     26118 
_refine.ls_number_reflns_all                     27496 
_refine.pdbx_ls_sigma_I                          ? 
_refine.pdbx_ls_sigma_F                          2.0 
_refine.pdbx_data_cutoff_high_absF               ? 
_refine.pdbx_data_cutoff_low_absF                ? 
_refine.ls_d_res_low                             49.39 
_refine.ls_d_res_high                            1.20 
_refine.ls_percent_reflns_obs                    96.77 
_refine.ls_R_factor_obs                          0.1195 
_refine.ls_R_factor_all                          0.1195 
_refine.ls_R_factor_R_work                       0.11845 
_refine.ls_R_factor_R_free                       0.13855 
_refine.ls_R_factor_R_free_error                 ? 
_refine.ls_R_factor_R_free_error_details         ? 
_refine.ls_percent_reflns_R_free                 5.0 
_refine.ls_number_reflns_R_free                  1378 
_refine.ls_number_parameters                     ? 
_refine.ls_number_restraints                     ? 
_refine.occupancy_min                            ? 
_refine.occupancy_max                            ? 
_refine.correlation_coeff_Fo_to_Fc               0.982 
_refine.correlation_coeff_Fo_to_Fc_free          0.977 
_refine.B_iso_mean                               11.983 
_refine.aniso_B[1][1]                            0.15 
_refine.aniso_B[2][2]                            -0.01 
_refine.aniso_B[3][3]                            -0.11 
_refine.aniso_B[1][2]                            0.00 
_refine.aniso_B[1][3]                            0.23 
_refine.aniso_B[2][3]                            0.00 
_refine.solvent_model_details                    'BABINET MODEL WITH MASK' 
_refine.solvent_model_param_ksol                 ? 
_refine.solvent_model_param_bsol                 ? 
_refine.pdbx_solvent_vdw_probe_radii             ? 
_refine.pdbx_solvent_ion_probe_radii             ? 
_refine.pdbx_solvent_shrinkage_radii             0.80 
_refine.pdbx_ls_cross_valid_method               THROUGHOUT 
_refine.details                                  'HYDROGENS HAVE BEEN ADDED IN THE RIDING POSITIONS' 
_refine.pdbx_starting_model                      ? 
_refine.pdbx_method_to_determine_struct          'MOLECULAR REPLACEMENT' 
_refine.pdbx_isotropic_thermal_model             ? 
_refine.pdbx_stereochemistry_target_values       'MAXIMUM LIKELIHOOD' 
_refine.pdbx_stereochem_target_val_spec_case     ? 
_refine.pdbx_R_Free_selection_details            RANDOM 
_refine.pdbx_overall_ESU_R_Free                  ? 
_refine.overall_SU_B                             ? 
_refine.ls_redundancy_reflns_obs                 ? 
_refine.B_iso_min                                ? 
_refine.B_iso_max                                ? 
_refine.overall_SU_R_Cruickshank_DPI             ? 
_refine.overall_SU_R_free                        ? 
_refine.overall_SU_ML                            ? 
_refine.pdbx_overall_ESU_R                       ? 
_refine.pdbx_data_cutoff_high_rms_absF           ? 
_refine.pdbx_refine_id                           'X-RAY DIFFRACTION' 
_refine.pdbx_diffrn_id                           1 
_refine.pdbx_TLS_residual_ADP_flag               ? 
_refine.pdbx_overall_phase_error                 ? 
_refine.pdbx_overall_SU_R_free_Cruickshank_DPI   ? 
_refine.pdbx_overall_SU_R_Blow_DPI               ? 
_refine.pdbx_overall_SU_R_free_Blow_DPI          ? 
# 
_refine_hist.pdbx_refine_id                   'X-RAY DIFFRACTION' 
_refine_hist.cycle_id                         LAST 
_refine_hist.pdbx_number_atoms_protein        617 
_refine_hist.pdbx_number_atoms_nucleic_acid   0 
_refine_hist.pdbx_number_atoms_ligand         54 
_refine_hist.number_atoms_solvent             117 
_refine_hist.number_atoms_total               788 
_refine_hist.d_res_high                       1.20 
_refine_hist.d_res_low                        49.39 
# 
loop_
_refine_ls_restr.type 
_refine_ls_restr.dev_ideal 
_refine_ls_restr.dev_ideal_target 
_refine_ls_restr.weight 
_refine_ls_restr.number 
_refine_ls_restr.pdbx_refine_id 
_refine_ls_restr.pdbx_restraint_function 
r_bond_refined_d         0.023 0.021 ? 688  'X-RAY DIFFRACTION' ? 
r_bond_other_d           0.007 0.020 ? 578  'X-RAY DIFFRACTION' ? 
r_angle_refined_deg      2.186 2.144 ? 949  'X-RAY DIFFRACTION' ? 
r_angle_other_deg        1.108 3.000 ? 1340 'X-RAY DIFFRACTION' ? 
r_dihedral_angle_1_deg   6.504 5.000 ? 77   'X-RAY DIFFRACTION' ? 
r_chiral_restr           0.150 0.200 ? 93   'X-RAY DIFFRACTION' ? 
r_gen_planes_refined     0.018 0.020 ? 747  'X-RAY DIFFRACTION' ? 
r_gen_planes_other       0.022 0.020 ? 124  'X-RAY DIFFRACTION' ? 
r_nbd_refined            0.739 0.200 ? 242  'X-RAY DIFFRACTION' ? 
r_nbd_other              0.278 0.200 ? 708  'X-RAY DIFFRACTION' ? 
r_nbtor_other            0.098 0.200 ? 334  'X-RAY DIFFRACTION' ? 
r_xyhbond_nbd_refined    0.342 0.200 ? 79   'X-RAY DIFFRACTION' ? 
r_symmetry_vdw_refined   0.257 0.200 ? 11   'X-RAY DIFFRACTION' ? 
r_symmetry_vdw_other     0.282 0.200 ? 35   'X-RAY DIFFRACTION' ? 
r_symmetry_hbond_refined 0.198 0.200 ? 21   'X-RAY DIFFRACTION' ? 
r_mcbond_it              2.426 1.500 ? 393  'X-RAY DIFFRACTION' ? 
r_mcangle_it             3.552 2.000 ? 628  'X-RAY DIFFRACTION' ? 
r_scbond_it              4.069 3.000 ? 295  'X-RAY DIFFRACTION' ? 
r_scangle_it             5.647 4.500 ? 321  'X-RAY DIFFRACTION' ? 
r_rigid_bond_restr       2.427 2.000 ? 688  'X-RAY DIFFRACTION' ? 
r_sphericity_free        9.026 2.000 ? 145  'X-RAY DIFFRACTION' ? 
r_sphericity_bonded      5.493 2.000 ? 665  'X-RAY DIFFRACTION' ? 
p_bond_d                 0.023 0.021 ? 688  'X-RAY DIFFRACTION' ? 
p_angle_d                2.186 2.144 ? 949  'X-RAY DIFFRACTION' ? 
# 
_refine_ls_shell.pdbx_total_number_of_bins_used   20 
_refine_ls_shell.d_res_high                       1.202 
_refine_ls_shell.d_res_low                        1.233 
_refine_ls_shell.number_reflns_R_work             1629 
_refine_ls_shell.R_factor_R_work                  0.307 
_refine_ls_shell.percent_reflns_obs               ? 
_refine_ls_shell.R_factor_R_free                  0.335 
_refine_ls_shell.R_factor_R_free_error            ? 
_refine_ls_shell.percent_reflns_R_free            ? 
_refine_ls_shell.number_reflns_R_free             87 
_refine_ls_shell.number_reflns_obs                ? 
_refine_ls_shell.redundancy_reflns_obs            ? 
_refine_ls_shell.number_reflns_all                ? 
_refine_ls_shell.pdbx_refine_id                   'X-RAY DIFFRACTION' 
_refine_ls_shell.R_factor_all                     ? 
# 
_struct.entry_id                  1MJ4 
_struct.title                     'Crystal Structure Analysis of the cytochrome b5 domain of human sulfite oxidase' 
_struct.pdbx_model_details        ? 
_struct.pdbx_CASP_flag            ? 
_struct.pdbx_model_type_details   ? 
# 
_struct_keywords.entry_id        1MJ4 
_struct_keywords.pdbx_keywords   OXIDOREDUCTASE 
_struct_keywords.text            'cytochrome b5, Heme, sulfite oxidase, OXIDOREDUCTASE' 
# 
loop_
_struct_asym.id 
_struct_asym.pdbx_blank_PDB_chainid_flag 
_struct_asym.pdbx_modified 
_struct_asym.entity_id 
_struct_asym.details 
A N N 1 ? 
B N N 2 ? 
C N N 3 ? 
D N N 4 ? 
E N N 5 ? 
# 
_struct_ref.id                         1 
_struct_ref.entity_id                  1 
_struct_ref.db_name                    UNP 
_struct_ref.db_code                    SUOX_HUMAN 
_struct_ref.pdbx_db_accession          P51687 
_struct_ref.pdbx_align_begin           22 
_struct_ref.pdbx_seq_one_letter_code   
;QESTHIYTKEEVSSHTSPETGIWVTLGSEVFDVTEFVDLHPGGPSKLMLAAGGPLEPFWALYAVHNQSHVRELLAQYKIG
EL
;
_struct_ref.pdbx_db_isoform            ? 
# 
_struct_ref_seq.align_id                      1 
_struct_ref_seq.ref_id                        1 
_struct_ref_seq.pdbx_PDB_id_code              1MJ4 
_struct_ref_seq.pdbx_strand_id                A 
_struct_ref_seq.seq_align_beg                 1 
_struct_ref_seq.pdbx_seq_align_beg_ins_code   ? 
_struct_ref_seq.seq_align_end                 82 
_struct_ref_seq.pdbx_seq_align_end_ins_code   ? 
_struct_ref_seq.pdbx_db_accession             P51687 
_struct_ref_seq.db_align_beg                  22 
_struct_ref_seq.pdbx_db_align_beg_ins_code    ? 
_struct_ref_seq.db_align_end                  103 
_struct_ref_seq.pdbx_db_align_end_ins_code    ? 
_struct_ref_seq.pdbx_auth_seq_align_beg       1 
_struct_ref_seq.pdbx_auth_seq_align_end       82 
# 
_pdbx_struct_assembly.id                   1 
_pdbx_struct_assembly.details              author_defined_assembly 
_pdbx_struct_assembly.method_details       ? 
_pdbx_struct_assembly.oligomeric_details   monomeric 
_pdbx_struct_assembly.oligomeric_count     1 
# 
_pdbx_struct_assembly_gen.assembly_id       1 
_pdbx_struct_assembly_gen.oper_expression   1 
_pdbx_struct_assembly_gen.asym_id_list      A,B,C,D,E 
# 
_pdbx_struct_oper_list.id                   1 
_pdbx_struct_oper_list.type                 'identity operation' 
_pdbx_struct_oper_list.name                 1_555 
_pdbx_struct_oper_list.symmetry_operation   x,y,z 
_pdbx_struct_oper_list.matrix[1][1]         1.0000000000 
_pdbx_struct_oper_list.matrix[1][2]         0.0000000000 
_pdbx_struct_oper_list.matrix[1][3]         0.0000000000 
_pdbx_struct_oper_list.vector[1]            0.0000000000 
_pdbx_struct_oper_list.matrix[2][1]         0.0000000000 
_pdbx_struct_oper_list.matrix[2][2]         1.0000000000 
_pdbx_struct_oper_list.matrix[2][3]         0.0000000000 
_pdbx_struct_oper_list.vector[2]            0.0000000000 
_pdbx_struct_oper_list.matrix[3][1]         0.0000000000 
_pdbx_struct_oper_list.matrix[3][2]         0.0000000000 
_pdbx_struct_oper_list.matrix[3][3]         1.0000000000 
_pdbx_struct_oper_list.vector[3]            0.0000000000 
# 
_struct_biol.id   1 
# 
loop_
_struct_conf.conf_type_id 
_struct_conf.id 
_struct_conf.pdbx_PDB_helix_id 
_struct_conf.beg_label_comp_id 
_struct_conf.beg_label_asym_id 
_struct_conf.beg_label_seq_id 
_struct_conf.pdbx_beg_PDB_ins_code 
_struct_conf.end_label_comp_id 
_struct_conf.end_label_asym_id 
_struct_conf.end_label_seq_id 
_struct_conf.pdbx_end_PDB_ins_code 
_struct_conf.beg_auth_comp_id 
_struct_conf.beg_auth_asym_id 
_struct_conf.beg_auth_seq_id 
_struct_conf.end_auth_comp_id 
_struct_conf.end_auth_asym_id 
_struct_conf.end_auth_seq_id 
_struct_conf.pdbx_PDB_helix_class 
_struct_conf.details 
_struct_conf.pdbx_PDB_helix_length 
HELX_P HELX_P1 1 THR A 8  ? SER A 14 ? THR A 8  SER A 14 1 ? 7  
HELX_P HELX_P2 2 PHE A 36 ? HIS A 40 ? PHE A 36 HIS A 40 5 ? 5  
HELX_P HELX_P3 3 GLY A 43 ? LEU A 49 ? GLY A 43 LEU A 49 1 ? 7  
HELX_P HELX_P4 4 LEU A 55 ? ALA A 60 ? LEU A 55 ALA A 60 1 ? 6  
HELX_P HELX_P5 5 LEU A 61 ? ASN A 66 ? LEU A 61 ASN A 66 5 ? 6  
HELX_P HELX_P6 6 GLN A 67 ? GLN A 76 ? GLN A 67 GLN A 76 1 ? 10 
# 
_struct_conf_type.id          HELX_P 
_struct_conf_type.criteria    ? 
_struct_conf_type.reference   ? 
# 
loop_
_struct_conn.id 
_struct_conn.conn_type_id 
_struct_conn.pdbx_leaving_atom_flag 
_struct_conn.pdbx_PDB_id 
_struct_conn.ptnr1_label_asym_id 
_struct_conn.ptnr1_label_comp_id 
_struct_conn.ptnr1_label_seq_id 
_struct_conn.ptnr1_label_atom_id 
_struct_conn.pdbx_ptnr1_label_alt_id 
_struct_conn.pdbx_ptnr1_PDB_ins_code 
_struct_conn.pdbx_ptnr1_standard_comp_id 
_struct_conn.ptnr1_symmetry 
_struct_conn.ptnr2_label_asym_id 
_struct_conn.ptnr2_label_comp_id 
_struct_conn.ptnr2_label_seq_id 
_struct_conn.ptnr2_label_atom_id 
_struct_conn.pdbx_ptnr2_label_alt_id 
_struct_conn.pdbx_ptnr2_PDB_ins_code 
_struct_conn.ptnr1_auth_asym_id 
_struct_conn.ptnr1_auth_comp_id 
_struct_conn.ptnr1_auth_seq_id 
_struct_conn.ptnr2_auth_asym_id 
_struct_conn.ptnr2_auth_comp_id 
_struct_conn.ptnr2_auth_seq_id 
_struct_conn.ptnr2_symmetry 
_struct_conn.pdbx_ptnr3_label_atom_id 
_struct_conn.pdbx_ptnr3_label_seq_id 
_struct_conn.pdbx_ptnr3_label_comp_id 
_struct_conn.pdbx_ptnr3_label_asym_id 
_struct_conn.pdbx_ptnr3_label_alt_id 
_struct_conn.pdbx_ptnr3_PDB_ins_code 
_struct_conn.details 
_struct_conn.pdbx_dist_value 
_struct_conn.pdbx_value_order 
_struct_conn.pdbx_role 
metalc1 metalc ? ? A HIS 40 NE2 ? ? ? 1_555 C HEM . FE ? ? A HIS 40 A HEM 502 1_555 ? ? ? ? ? ? ? 2.006 ? ? 
metalc2 metalc ? ? A HIS 65 NE2 ? ? ? 1_555 C HEM . FE ? ? A HIS 65 A HEM 502 1_555 ? ? ? ? ? ? ? 2.006 ? ? 
# 
_struct_conn_type.id          metalc 
_struct_conn_type.criteria    ? 
_struct_conn_type.reference   ? 
# 
loop_
_pdbx_struct_conn_angle.id 
_pdbx_struct_conn_angle.ptnr1_label_atom_id 
_pdbx_struct_conn_angle.ptnr1_label_alt_id 
_pdbx_struct_conn_angle.ptnr1_label_asym_id 
_pdbx_struct_conn_angle.ptnr1_label_comp_id 
_pdbx_struct_conn_angle.ptnr1_label_seq_id 
_pdbx_struct_conn_angle.ptnr1_auth_atom_id 
_pdbx_struct_conn_angle.ptnr1_auth_asym_id 
_pdbx_struct_conn_angle.ptnr1_auth_comp_id 
_pdbx_struct_conn_angle.ptnr1_auth_seq_id 
_pdbx_struct_conn_angle.ptnr1_PDB_ins_code 
_pdbx_struct_conn_angle.ptnr1_symmetry 
_pdbx_struct_conn_angle.ptnr2_label_atom_id 
_pdbx_struct_conn_angle.ptnr2_label_alt_id 
_pdbx_struct_conn_angle.ptnr2_label_asym_id 
_pdbx_struct_conn_angle.ptnr2_label_comp_id 
_pdbx_struct_conn_angle.ptnr2_label_seq_id 
_pdbx_struct_conn_angle.ptnr2_auth_atom_id 
_pdbx_struct_conn_angle.ptnr2_auth_asym_id 
_pdbx_struct_conn_angle.ptnr2_auth_comp_id 
_pdbx_struct_conn_angle.ptnr2_auth_seq_id 
_pdbx_struct_conn_angle.ptnr2_PDB_ins_code 
_pdbx_struct_conn_angle.ptnr2_symmetry 
_pdbx_struct_conn_angle.ptnr3_label_atom_id 
_pdbx_struct_conn_angle.ptnr3_label_alt_id 
_pdbx_struct_conn_angle.ptnr3_label_asym_id 
_pdbx_struct_conn_angle.ptnr3_label_comp_id 
_pdbx_struct_conn_angle.ptnr3_label_seq_id 
_pdbx_struct_conn_angle.ptnr3_auth_atom_id 
_pdbx_struct_conn_angle.ptnr3_auth_asym_id 
_pdbx_struct_conn_angle.ptnr3_auth_comp_id 
_pdbx_struct_conn_angle.ptnr3_auth_seq_id 
_pdbx_struct_conn_angle.ptnr3_PDB_ins_code 
_pdbx_struct_conn_angle.ptnr3_symmetry 
_pdbx_struct_conn_angle.value 
_pdbx_struct_conn_angle.value_esd 
1  NE2 ? A HIS 40 ? A HIS 40  ? 1_555 FE ? C HEM . ? A HEM 502 ? 1_555 NA  ? C HEM .  ? A HEM 502 ? 1_555 91.9  ? 
2  NE2 ? A HIS 40 ? A HIS 40  ? 1_555 FE ? C HEM . ? A HEM 502 ? 1_555 NB  ? C HEM .  ? A HEM 502 ? 1_555 89.0  ? 
3  NA  ? C HEM .  ? A HEM 502 ? 1_555 FE ? C HEM . ? A HEM 502 ? 1_555 NB  ? C HEM .  ? A HEM 502 ? 1_555 90.8  ? 
4  NE2 ? A HIS 40 ? A HIS 40  ? 1_555 FE ? C HEM . ? A HEM 502 ? 1_555 NC  ? C HEM .  ? A HEM 502 ? 1_555 88.4  ? 
5  NA  ? C HEM .  ? A HEM 502 ? 1_555 FE ? C HEM . ? A HEM 502 ? 1_555 NC  ? C HEM .  ? A HEM 502 ? 1_555 179.7 ? 
6  NB  ? C HEM .  ? A HEM 502 ? 1_555 FE ? C HEM . ? A HEM 502 ? 1_555 NC  ? C HEM .  ? A HEM 502 ? 1_555 89.4  ? 
7  NE2 ? A HIS 40 ? A HIS 40  ? 1_555 FE ? C HEM . ? A HEM 502 ? 1_555 ND  ? C HEM .  ? A HEM 502 ? 1_555 89.4  ? 
8  NA  ? C HEM .  ? A HEM 502 ? 1_555 FE ? C HEM . ? A HEM 502 ? 1_555 ND  ? C HEM .  ? A HEM 502 ? 1_555 90.8  ? 
9  NB  ? C HEM .  ? A HEM 502 ? 1_555 FE ? C HEM . ? A HEM 502 ? 1_555 ND  ? C HEM .  ? A HEM 502 ? 1_555 177.8 ? 
10 NC  ? C HEM .  ? A HEM 502 ? 1_555 FE ? C HEM . ? A HEM 502 ? 1_555 ND  ? C HEM .  ? A HEM 502 ? 1_555 89.0  ? 
11 NE2 ? A HIS 40 ? A HIS 40  ? 1_555 FE ? C HEM . ? A HEM 502 ? 1_555 NE2 ? A HIS 65 ? A HIS 65  ? 1_555 177.7 ? 
12 NA  ? C HEM .  ? A HEM 502 ? 1_555 FE ? C HEM . ? A HEM 502 ? 1_555 NE2 ? A HIS 65 ? A HIS 65  ? 1_555 90.3  ? 
13 NB  ? C HEM .  ? A HEM 502 ? 1_555 FE ? C HEM . ? A HEM 502 ? 1_555 NE2 ? A HIS 65 ? A HIS 65  ? 1_555 91.7  ? 
14 NC  ? C HEM .  ? A HEM 502 ? 1_555 FE ? C HEM . ? A HEM 502 ? 1_555 NE2 ? A HIS 65 ? A HIS 65  ? 1_555 89.4  ? 
15 ND  ? C HEM .  ? A HEM 502 ? 1_555 FE ? C HEM . ? A HEM 502 ? 1_555 NE2 ? A HIS 65 ? A HIS 65  ? 1_555 89.8  ? 
# 
_struct_sheet.id               A 
_struct_sheet.type             ? 
_struct_sheet.number_strands   4 
_struct_sheet.details          ? 
# 
loop_
_struct_sheet_order.sheet_id 
_struct_sheet_order.range_id_1 
_struct_sheet_order.range_id_2 
_struct_sheet_order.offset 
_struct_sheet_order.sense 
A 1 2 ? anti-parallel 
A 2 3 ? anti-parallel 
A 3 4 ? anti-parallel 
# 
loop_
_struct_sheet_range.sheet_id 
_struct_sheet_range.id 
_struct_sheet_range.beg_label_comp_id 
_struct_sheet_range.beg_label_asym_id 
_struct_sheet_range.beg_label_seq_id 
_struct_sheet_range.pdbx_beg_PDB_ins_code 
_struct_sheet_range.end_label_comp_id 
_struct_sheet_range.end_label_asym_id 
_struct_sheet_range.end_label_seq_id 
_struct_sheet_range.pdbx_end_PDB_ins_code 
_struct_sheet_range.beg_auth_comp_id 
_struct_sheet_range.beg_auth_asym_id 
_struct_sheet_range.beg_auth_seq_id 
_struct_sheet_range.end_auth_comp_id 
_struct_sheet_range.end_auth_asym_id 
_struct_sheet_range.end_auth_seq_id 
A 1 THR A 16 ? SER A 17 ? THR A 16 SER A 17 
A 2 GLY A 21 ? LEU A 26 ? GLY A 21 LEU A 26 
A 3 GLU A 29 ? ASP A 32 ? GLU A 29 ASP A 32 
A 4 LYS A 78 ? GLU A 81 ? LYS A 78 GLU A 81 
# 
loop_
_pdbx_struct_sheet_hbond.sheet_id 
_pdbx_struct_sheet_hbond.range_id_1 
_pdbx_struct_sheet_hbond.range_id_2 
_pdbx_struct_sheet_hbond.range_1_label_atom_id 
_pdbx_struct_sheet_hbond.range_1_label_comp_id 
_pdbx_struct_sheet_hbond.range_1_label_asym_id 
_pdbx_struct_sheet_hbond.range_1_label_seq_id 
_pdbx_struct_sheet_hbond.range_1_PDB_ins_code 
_pdbx_struct_sheet_hbond.range_1_auth_atom_id 
_pdbx_struct_sheet_hbond.range_1_auth_comp_id 
_pdbx_struct_sheet_hbond.range_1_auth_asym_id 
_pdbx_struct_sheet_hbond.range_1_auth_seq_id 
_pdbx_struct_sheet_hbond.range_2_label_atom_id 
_pdbx_struct_sheet_hbond.range_2_label_comp_id 
_pdbx_struct_sheet_hbond.range_2_label_asym_id 
_pdbx_struct_sheet_hbond.range_2_label_seq_id 
_pdbx_struct_sheet_hbond.range_2_PDB_ins_code 
_pdbx_struct_sheet_hbond.range_2_auth_atom_id 
_pdbx_struct_sheet_hbond.range_2_auth_comp_id 
_pdbx_struct_sheet_hbond.range_2_auth_asym_id 
_pdbx_struct_sheet_hbond.range_2_auth_seq_id 
A 1 2 N SER A 17 ? N SER A 17 O GLY A 21 ? O GLY A 21 
A 2 3 N VAL A 24 ? N VAL A 24 O PHE A 31 ? O PHE A 31 
A 3 4 N VAL A 30 ? N VAL A 30 O ILE A 79 ? O ILE A 79 
# 
loop_
_struct_site.id 
_struct_site.pdbx_evidence_code 
_struct_site.pdbx_auth_asym_id 
_struct_site.pdbx_auth_comp_id 
_struct_site.pdbx_auth_seq_id 
_struct_site.pdbx_auth_ins_code 
_struct_site.pdbx_num_residues 
_struct_site.details 
AC1 Software A SO4 83   ? 8  'BINDING SITE FOR RESIDUE SO4 A 83'   
AC2 Software A HEM 502  ? 14 'BINDING SITE FOR RESIDUE HEM A 502'  
AC3 Software A GOL 9601 ? 8  'BINDING SITE FOR RESIDUE GOL A 9601' 
# 
loop_
_struct_site_gen.id 
_struct_site_gen.site_id 
_struct_site_gen.pdbx_num_res 
_struct_site_gen.label_comp_id 
_struct_site_gen.label_asym_id 
_struct_site_gen.label_seq_id 
_struct_site_gen.pdbx_auth_ins_code 
_struct_site_gen.auth_comp_id 
_struct_site_gen.auth_asym_id 
_struct_site_gen.auth_seq_id 
_struct_site_gen.label_atom_id 
_struct_site_gen.label_alt_id 
_struct_site_gen.symmetry 
_struct_site_gen.details 
1  AC1 8  LYS A 46 ? LYS A 46   . ? 1_556 ? 
2  AC1 8  GLN A 67 ? GLN A 67   . ? 1_555 ? 
3  AC1 8  SER A 68 ? SER A 68   . ? 1_555 ? 
4  AC1 8  HOH E .  ? HOH A 510  . ? 1_555 ? 
5  AC1 8  HOH E .  ? HOH A 525  . ? 1_555 ? 
6  AC1 8  HOH E .  ? HOH A 527  . ? 4_546 ? 
7  AC1 8  HOH E .  ? HOH A 577  . ? 1_555 ? 
8  AC1 8  HOH E .  ? HOH A 596  . ? 1_555 ? 
9  AC2 14 HIS A 40 ? HIS A 40   . ? 1_555 ? 
10 AC2 14 PRO A 41 ? PRO A 41   . ? 1_555 ? 
11 AC2 14 LYS A 46 ? LYS A 46   . ? 1_555 ? 
12 AC2 14 LEU A 47 ? LEU A 47   . ? 1_555 ? 
13 AC2 14 TRP A 59 ? TRP A 59   . ? 1_555 ? 
14 AC2 14 TYR A 62 ? TYR A 62   . ? 1_555 ? 
15 AC2 14 HIS A 65 ? HIS A 65   . ? 1_555 ? 
16 AC2 14 GLN A 67 ? GLN A 67   . ? 1_555 ? 
17 AC2 14 HIS A 69 ? HIS A 69   . ? 1_555 ? 
18 AC2 14 HOH E .  ? HOH A 539  . ? 1_555 ? 
19 AC2 14 HOH E .  ? HOH A 546  . ? 1_555 ? 
20 AC2 14 HOH E .  ? HOH A 573  . ? 1_555 ? 
21 AC2 14 HOH E .  ? HOH A 584  . ? 1_555 ? 
22 AC2 14 GOL D .  ? GOL A 9601 . ? 1_555 ? 
23 AC3 8  PRO A 41 ? PRO A 41   . ? 1_555 ? 
24 AC3 8  HIS A 69 ? HIS A 69   . ? 1_555 ? 
25 AC3 8  ARG A 71 ? ARG A 71   . ? 4_556 ? 
26 AC3 8  HEM C .  ? HEM A 502  . ? 1_555 ? 
27 AC3 8  HOH E .  ? HOH A 513  . ? 4_556 ? 
28 AC3 8  HOH E .  ? HOH A 518  . ? 1_555 ? 
29 AC3 8  HOH E .  ? HOH A 530  . ? 4_556 ? 
30 AC3 8  HOH E .  ? HOH A 531  . ? 4_556 ? 
# 
loop_
_pdbx_validate_close_contact.id 
_pdbx_validate_close_contact.PDB_model_num 
_pdbx_validate_close_contact.auth_atom_id_1 
_pdbx_validate_close_contact.auth_asym_id_1 
_pdbx_validate_close_contact.auth_comp_id_1 
_pdbx_validate_close_contact.auth_seq_id_1 
_pdbx_validate_close_contact.PDB_ins_code_1 
_pdbx_validate_close_contact.label_alt_id_1 
_pdbx_validate_close_contact.auth_atom_id_2 
_pdbx_validate_close_contact.auth_asym_id_2 
_pdbx_validate_close_contact.auth_comp_id_2 
_pdbx_validate_close_contact.auth_seq_id_2 
_pdbx_validate_close_contact.PDB_ins_code_2 
_pdbx_validate_close_contact.label_alt_id_2 
_pdbx_validate_close_contact.dist 
1 1 O A HOH 619 ? ? O A HOH 622 ? ? 1.29 
2 1 O A HOH 620 ? ? O A HOH 622 ? ? 1.49 
3 1 O A HOH 514 ? ? O A HOH 620 ? ? 1.90 
4 1 O A HOH 512 ? ? O A HOH 621 ? ? 2.01 
5 1 O A HOH 619 ? ? O A HOH 621 ? ? 2.09 
6 1 O A HOH 574 ? ? O A HOH 605 ? ? 2.10 
7 1 O A HOH 586 ? ? O A HOH 601 ? ? 2.14 
8 1 O A HOH 621 ? ? O A HOH 622 ? ? 2.17 
9 1 O A HOH 603 ? ? O A HOH 616 ? ? 2.17 
# 
loop_
_pdbx_validate_rmsd_bond.id 
_pdbx_validate_rmsd_bond.PDB_model_num 
_pdbx_validate_rmsd_bond.auth_atom_id_1 
_pdbx_validate_rmsd_bond.auth_asym_id_1 
_pdbx_validate_rmsd_bond.auth_comp_id_1 
_pdbx_validate_rmsd_bond.auth_seq_id_1 
_pdbx_validate_rmsd_bond.PDB_ins_code_1 
_pdbx_validate_rmsd_bond.label_alt_id_1 
_pdbx_validate_rmsd_bond.auth_atom_id_2 
_pdbx_validate_rmsd_bond.auth_asym_id_2 
_pdbx_validate_rmsd_bond.auth_comp_id_2 
_pdbx_validate_rmsd_bond.auth_seq_id_2 
_pdbx_validate_rmsd_bond.PDB_ins_code_2 
_pdbx_validate_rmsd_bond.label_alt_id_2 
_pdbx_validate_rmsd_bond.bond_value 
_pdbx_validate_rmsd_bond.bond_target_value 
_pdbx_validate_rmsd_bond.bond_deviation 
_pdbx_validate_rmsd_bond.bond_standard_deviation 
_pdbx_validate_rmsd_bond.linker_flag 
1 1 CA A VAL 37 ? ? CB  A VAL 37 ? A 2.465 1.543 0.922  0.021 N 
2 1 CA A VAL 37 ? ? CB  A VAL 37 ? B 2.622 1.543 1.079  0.021 N 
3 1 CB A VAL 37 ? A CG2 A VAL 37 ? A 2.336 1.524 0.812  0.021 N 
4 1 CB A VAL 37 ? B CG2 A VAL 37 ? B 2.574 1.524 1.050  0.021 N 
5 1 N  A GLY 43 ? ? CA  A GLY 43 ? ? 1.366 1.456 -0.090 0.015 N 
# 
loop_
_pdbx_validate_rmsd_angle.id 
_pdbx_validate_rmsd_angle.PDB_model_num 
_pdbx_validate_rmsd_angle.auth_atom_id_1 
_pdbx_validate_rmsd_angle.auth_asym_id_1 
_pdbx_validate_rmsd_angle.auth_comp_id_1 
_pdbx_validate_rmsd_angle.auth_seq_id_1 
_pdbx_validate_rmsd_angle.PDB_ins_code_1 
_pdbx_validate_rmsd_angle.label_alt_id_1 
_pdbx_validate_rmsd_angle.auth_atom_id_2 
_pdbx_validate_rmsd_angle.auth_asym_id_2 
_pdbx_validate_rmsd_angle.auth_comp_id_2 
_pdbx_validate_rmsd_angle.auth_seq_id_2 
_pdbx_validate_rmsd_angle.PDB_ins_code_2 
_pdbx_validate_rmsd_angle.label_alt_id_2 
_pdbx_validate_rmsd_angle.auth_atom_id_3 
_pdbx_validate_rmsd_angle.auth_asym_id_3 
_pdbx_validate_rmsd_angle.auth_comp_id_3 
_pdbx_validate_rmsd_angle.auth_seq_id_3 
_pdbx_validate_rmsd_angle.PDB_ins_code_3 
_pdbx_validate_rmsd_angle.label_alt_id_3 
_pdbx_validate_rmsd_angle.angle_value 
_pdbx_validate_rmsd_angle.angle_target_value 
_pdbx_validate_rmsd_angle.angle_deviation 
_pdbx_validate_rmsd_angle.angle_standard_deviation 
_pdbx_validate_rmsd_angle.linker_flag 
1 1 CB A VAL 37 ? A CA A VAL 37 ? ? C   A VAL 37 ? ? 144.34 111.40 32.94  1.90 N 
2 1 CB A VAL 37 ? B CA A VAL 37 ? ? C   A VAL 37 ? ? 86.11  111.40 -25.29 1.90 N 
3 1 N  A VAL 37 ? ? CA A VAL 37 ? ? CB  A VAL 37 ? A 90.74  111.50 -20.76 2.20 N 
4 1 N  A VAL 37 ? ? CA A VAL 37 ? ? CB  A VAL 37 ? B 135.54 111.50 24.04  2.20 N 
5 1 CA A VAL 37 ? ? CB A VAL 37 ? A CG2 A VAL 37 ? A 62.84  110.90 -48.06 1.50 N 
6 1 CA A VAL 37 ? ? CB A VAL 37 ? B CG2 A VAL 37 ? B 59.89  110.90 -51.01 1.50 N 
# 
loop_
_pdbx_unobs_or_zero_occ_residues.id 
_pdbx_unobs_or_zero_occ_residues.PDB_model_num 
_pdbx_unobs_or_zero_occ_residues.polymer_flag 
_pdbx_unobs_or_zero_occ_residues.occupancy_flag 
_pdbx_unobs_or_zero_occ_residues.auth_asym_id 
_pdbx_unobs_or_zero_occ_residues.auth_comp_id 
_pdbx_unobs_or_zero_occ_residues.auth_seq_id 
_pdbx_unobs_or_zero_occ_residues.PDB_ins_code 
_pdbx_unobs_or_zero_occ_residues.label_asym_id 
_pdbx_unobs_or_zero_occ_residues.label_comp_id 
_pdbx_unobs_or_zero_occ_residues.label_seq_id 
1 1 Y 1 A GLN 1 ? A GLN 1 
2 1 Y 1 A GLU 2 ? A GLU 2 
# 
loop_
_chem_comp_atom.comp_id 
_chem_comp_atom.atom_id 
_chem_comp_atom.type_symbol 
_chem_comp_atom.pdbx_aromatic_flag 
_chem_comp_atom.pdbx_stereo_config 
_chem_comp_atom.pdbx_ordinal 
ALA N    N  N N 1   
ALA CA   C  N S 2   
ALA C    C  N N 3   
ALA O    O  N N 4   
ALA CB   C  N N 5   
ALA OXT  O  N N 6   
ALA H    H  N N 7   
ALA H2   H  N N 8   
ALA HA   H  N N 9   
ALA HB1  H  N N 10  
ALA HB2  H  N N 11  
ALA HB3  H  N N 12  
ALA HXT  H  N N 13  
ARG N    N  N N 14  
ARG CA   C  N S 15  
ARG C    C  N N 16  
ARG O    O  N N 17  
ARG CB   C  N N 18  
ARG CG   C  N N 19  
ARG CD   C  N N 20  
ARG NE   N  N N 21  
ARG CZ   C  N N 22  
ARG NH1  N  N N 23  
ARG NH2  N  N N 24  
ARG OXT  O  N N 25  
ARG H    H  N N 26  
ARG H2   H  N N 27  
ARG HA   H  N N 28  
ARG HB2  H  N N 29  
ARG HB3  H  N N 30  
ARG HG2  H  N N 31  
ARG HG3  H  N N 32  
ARG HD2  H  N N 33  
ARG HD3  H  N N 34  
ARG HE   H  N N 35  
ARG HH11 H  N N 36  
ARG HH12 H  N N 37  
ARG HH21 H  N N 38  
ARG HH22 H  N N 39  
ARG HXT  H  N N 40  
ASN N    N  N N 41  
ASN CA   C  N S 42  
ASN C    C  N N 43  
ASN O    O  N N 44  
ASN CB   C  N N 45  
ASN CG   C  N N 46  
ASN OD1  O  N N 47  
ASN ND2  N  N N 48  
ASN OXT  O  N N 49  
ASN H    H  N N 50  
ASN H2   H  N N 51  
ASN HA   H  N N 52  
ASN HB2  H  N N 53  
ASN HB3  H  N N 54  
ASN HD21 H  N N 55  
ASN HD22 H  N N 56  
ASN HXT  H  N N 57  
ASP N    N  N N 58  
ASP CA   C  N S 59  
ASP C    C  N N 60  
ASP O    O  N N 61  
ASP CB   C  N N 62  
ASP CG   C  N N 63  
ASP OD1  O  N N 64  
ASP OD2  O  N N 65  
ASP OXT  O  N N 66  
ASP H    H  N N 67  
ASP H2   H  N N 68  
ASP HA   H  N N 69  
ASP HB2  H  N N 70  
ASP HB3  H  N N 71  
ASP HD2  H  N N 72  
ASP HXT  H  N N 73  
GLN N    N  N N 74  
GLN CA   C  N S 75  
GLN C    C  N N 76  
GLN O    O  N N 77  
GLN CB   C  N N 78  
GLN CG   C  N N 79  
GLN CD   C  N N 80  
GLN OE1  O  N N 81  
GLN NE2  N  N N 82  
GLN OXT  O  N N 83  
GLN H    H  N N 84  
GLN H2   H  N N 85  
GLN HA   H  N N 86  
GLN HB2  H  N N 87  
GLN HB3  H  N N 88  
GLN HG2  H  N N 89  
GLN HG3  H  N N 90  
GLN HE21 H  N N 91  
GLN HE22 H  N N 92  
GLN HXT  H  N N 93  
GLU N    N  N N 94  
GLU CA   C  N S 95  
GLU C    C  N N 96  
GLU O    O  N N 97  
GLU CB   C  N N 98  
GLU CG   C  N N 99  
GLU CD   C  N N 100 
GLU OE1  O  N N 101 
GLU OE2  O  N N 102 
GLU OXT  O  N N 103 
GLU H    H  N N 104 
GLU H2   H  N N 105 
GLU HA   H  N N 106 
GLU HB2  H  N N 107 
GLU HB3  H  N N 108 
GLU HG2  H  N N 109 
GLU HG3  H  N N 110 
GLU HE2  H  N N 111 
GLU HXT  H  N N 112 
GLY N    N  N N 113 
GLY CA   C  N N 114 
GLY C    C  N N 115 
GLY O    O  N N 116 
GLY OXT  O  N N 117 
GLY H    H  N N 118 
GLY H2   H  N N 119 
GLY HA2  H  N N 120 
GLY HA3  H  N N 121 
GLY HXT  H  N N 122 
GOL C1   C  N N 123 
GOL O1   O  N N 124 
GOL C2   C  N N 125 
GOL O2   O  N N 126 
GOL C3   C  N N 127 
GOL O3   O  N N 128 
GOL H11  H  N N 129 
GOL H12  H  N N 130 
GOL HO1  H  N N 131 
GOL H2   H  N N 132 
GOL HO2  H  N N 133 
GOL H31  H  N N 134 
GOL H32  H  N N 135 
GOL HO3  H  N N 136 
HEM CHA  C  N N 137 
HEM CHB  C  N N 138 
HEM CHC  C  N N 139 
HEM CHD  C  N N 140 
HEM C1A  C  Y N 141 
HEM C2A  C  Y N 142 
HEM C3A  C  Y N 143 
HEM C4A  C  Y N 144 
HEM CMA  C  N N 145 
HEM CAA  C  N N 146 
HEM CBA  C  N N 147 
HEM CGA  C  N N 148 
HEM O1A  O  N N 149 
HEM O2A  O  N N 150 
HEM C1B  C  N N 151 
HEM C2B  C  N N 152 
HEM C3B  C  N N 153 
HEM C4B  C  N N 154 
HEM CMB  C  N N 155 
HEM CAB  C  N N 156 
HEM CBB  C  N N 157 
HEM C1C  C  Y N 158 
HEM C2C  C  Y N 159 
HEM C3C  C  Y N 160 
HEM C4C  C  Y N 161 
HEM CMC  C  N N 162 
HEM CAC  C  N N 163 
HEM CBC  C  N N 164 
HEM C1D  C  N N 165 
HEM C2D  C  N N 166 
HEM C3D  C  N N 167 
HEM C4D  C  N N 168 
HEM CMD  C  N N 169 
HEM CAD  C  N N 170 
HEM CBD  C  N N 171 
HEM CGD  C  N N 172 
HEM O1D  O  N N 173 
HEM O2D  O  N N 174 
HEM NA   N  Y N 175 
HEM NB   N  N N 176 
HEM NC   N  Y N 177 
HEM ND   N  N N 178 
HEM FE   FE N N 179 
HEM HHB  H  N N 180 
HEM HHC  H  N N 181 
HEM HHD  H  N N 182 
HEM HMA  H  N N 183 
HEM HMAA H  N N 184 
HEM HMAB H  N N 185 
HEM HAA  H  N N 186 
HEM HAAA H  N N 187 
HEM HBA  H  N N 188 
HEM HBAA H  N N 189 
HEM HMB  H  N N 190 
HEM HMBA H  N N 191 
HEM HMBB H  N N 192 
HEM HAB  H  N N 193 
HEM HBB  H  N N 194 
HEM HBBA H  N N 195 
HEM HMC  H  N N 196 
HEM HMCA H  N N 197 
HEM HMCB H  N N 198 
HEM HAC  H  N N 199 
HEM HBC  H  N N 200 
HEM HBCA H  N N 201 
HEM HMD  H  N N 202 
HEM HMDA H  N N 203 
HEM HMDB H  N N 204 
HEM HAD  H  N N 205 
HEM HADA H  N N 206 
HEM HBD  H  N N 207 
HEM HBDA H  N N 208 
HEM H2A  H  N N 209 
HEM H2D  H  N N 210 
HEM HHA  H  N N 211 
HIS N    N  N N 212 
HIS CA   C  N S 213 
HIS C    C  N N 214 
HIS O    O  N N 215 
HIS CB   C  N N 216 
HIS CG   C  Y N 217 
HIS ND1  N  Y N 218 
HIS CD2  C  Y N 219 
HIS CE1  C  Y N 220 
HIS NE2  N  Y N 221 
HIS OXT  O  N N 222 
HIS H    H  N N 223 
HIS H2   H  N N 224 
HIS HA   H  N N 225 
HIS HB2  H  N N 226 
HIS HB3  H  N N 227 
HIS HD1  H  N N 228 
HIS HD2  H  N N 229 
HIS HE1  H  N N 230 
HIS HE2  H  N N 231 
HIS HXT  H  N N 232 
HOH O    O  N N 233 
HOH H1   H  N N 234 
HOH H2   H  N N 235 
ILE N    N  N N 236 
ILE CA   C  N S 237 
ILE C    C  N N 238 
ILE O    O  N N 239 
ILE CB   C  N S 240 
ILE CG1  C  N N 241 
ILE CG2  C  N N 242 
ILE CD1  C  N N 243 
ILE OXT  O  N N 244 
ILE H    H  N N 245 
ILE H2   H  N N 246 
ILE HA   H  N N 247 
ILE HB   H  N N 248 
ILE HG12 H  N N 249 
ILE HG13 H  N N 250 
ILE HG21 H  N N 251 
ILE HG22 H  N N 252 
ILE HG23 H  N N 253 
ILE HD11 H  N N 254 
ILE HD12 H  N N 255 
ILE HD13 H  N N 256 
ILE HXT  H  N N 257 
LEU N    N  N N 258 
LEU CA   C  N S 259 
LEU C    C  N N 260 
LEU O    O  N N 261 
LEU CB   C  N N 262 
LEU CG   C  N N 263 
LEU CD1  C  N N 264 
LEU CD2  C  N N 265 
LEU OXT  O  N N 266 
LEU H    H  N N 267 
LEU H2   H  N N 268 
LEU HA   H  N N 269 
LEU HB2  H  N N 270 
LEU HB3  H  N N 271 
LEU HG   H  N N 272 
LEU HD11 H  N N 273 
LEU HD12 H  N N 274 
LEU HD13 H  N N 275 
LEU HD21 H  N N 276 
LEU HD22 H  N N 277 
LEU HD23 H  N N 278 
LEU HXT  H  N N 279 
LYS N    N  N N 280 
LYS CA   C  N S 281 
LYS C    C  N N 282 
LYS O    O  N N 283 
LYS CB   C  N N 284 
LYS CG   C  N N 285 
LYS CD   C  N N 286 
LYS CE   C  N N 287 
LYS NZ   N  N N 288 
LYS OXT  O  N N 289 
LYS H    H  N N 290 
LYS H2   H  N N 291 
LYS HA   H  N N 292 
LYS HB2  H  N N 293 
LYS HB3  H  N N 294 
LYS HG2  H  N N 295 
LYS HG3  H  N N 296 
LYS HD2  H  N N 297 
LYS HD3  H  N N 298 
LYS HE2  H  N N 299 
LYS HE3  H  N N 300 
LYS HZ1  H  N N 301 
LYS HZ2  H  N N 302 
LYS HZ3  H  N N 303 
LYS HXT  H  N N 304 
MET N    N  N N 305 
MET CA   C  N S 306 
MET C    C  N N 307 
MET O    O  N N 308 
MET CB   C  N N 309 
MET CG   C  N N 310 
MET SD   S  N N 311 
MET CE   C  N N 312 
MET OXT  O  N N 313 
MET H    H  N N 314 
MET H2   H  N N 315 
MET HA   H  N N 316 
MET HB2  H  N N 317 
MET HB3  H  N N 318 
MET HG2  H  N N 319 
MET HG3  H  N N 320 
MET HE1  H  N N 321 
MET HE2  H  N N 322 
MET HE3  H  N N 323 
MET HXT  H  N N 324 
PHE N    N  N N 325 
PHE CA   C  N S 326 
PHE C    C  N N 327 
PHE O    O  N N 328 
PHE CB   C  N N 329 
PHE CG   C  Y N 330 
PHE CD1  C  Y N 331 
PHE CD2  C  Y N 332 
PHE CE1  C  Y N 333 
PHE CE2  C  Y N 334 
PHE CZ   C  Y N 335 
PHE OXT  O  N N 336 
PHE H    H  N N 337 
PHE H2   H  N N 338 
PHE HA   H  N N 339 
PHE HB2  H  N N 340 
PHE HB3  H  N N 341 
PHE HD1  H  N N 342 
PHE HD2  H  N N 343 
PHE HE1  H  N N 344 
PHE HE2  H  N N 345 
PHE HZ   H  N N 346 
PHE HXT  H  N N 347 
PRO N    N  N N 348 
PRO CA   C  N S 349 
PRO C    C  N N 350 
PRO O    O  N N 351 
PRO CB   C  N N 352 
PRO CG   C  N N 353 
PRO CD   C  N N 354 
PRO OXT  O  N N 355 
PRO H    H  N N 356 
PRO HA   H  N N 357 
PRO HB2  H  N N 358 
PRO HB3  H  N N 359 
PRO HG2  H  N N 360 
PRO HG3  H  N N 361 
PRO HD2  H  N N 362 
PRO HD3  H  N N 363 
PRO HXT  H  N N 364 
SER N    N  N N 365 
SER CA   C  N S 366 
SER C    C  N N 367 
SER O    O  N N 368 
SER CB   C  N N 369 
SER OG   O  N N 370 
SER OXT  O  N N 371 
SER H    H  N N 372 
SER H2   H  N N 373 
SER HA   H  N N 374 
SER HB2  H  N N 375 
SER HB3  H  N N 376 
SER HG   H  N N 377 
SER HXT  H  N N 378 
SO4 S    S  N N 379 
SO4 O1   O  N N 380 
SO4 O2   O  N N 381 
SO4 O3   O  N N 382 
SO4 O4   O  N N 383 
THR N    N  N N 384 
THR CA   C  N S 385 
THR C    C  N N 386 
THR O    O  N N 387 
THR CB   C  N R 388 
THR OG1  O  N N 389 
THR CG2  C  N N 390 
THR OXT  O  N N 391 
THR H    H  N N 392 
THR H2   H  N N 393 
THR HA   H  N N 394 
THR HB   H  N N 395 
THR HG1  H  N N 396 
THR HG21 H  N N 397 
THR HG22 H  N N 398 
THR HG23 H  N N 399 
THR HXT  H  N N 400 
TRP N    N  N N 401 
TRP CA   C  N S 402 
TRP C    C  N N 403 
TRP O    O  N N 404 
TRP CB   C  N N 405 
TRP CG   C  Y N 406 
TRP CD1  C  Y N 407 
TRP CD2  C  Y N 408 
TRP NE1  N  Y N 409 
TRP CE2  C  Y N 410 
TRP CE3  C  Y N 411 
TRP CZ2  C  Y N 412 
TRP CZ3  C  Y N 413 
TRP CH2  C  Y N 414 
TRP OXT  O  N N 415 
TRP H    H  N N 416 
TRP H2   H  N N 417 
TRP HA   H  N N 418 
TRP HB2  H  N N 419 
TRP HB3  H  N N 420 
TRP HD1  H  N N 421 
TRP HE1  H  N N 422 
TRP HE3  H  N N 423 
TRP HZ2  H  N N 424 
TRP HZ3  H  N N 425 
TRP HH2  H  N N 426 
TRP HXT  H  N N 427 
TYR N    N  N N 428 
TYR CA   C  N S 429 
TYR C    C  N N 430 
TYR O    O  N N 431 
TYR CB   C  N N 432 
TYR CG   C  Y N 433 
TYR CD1  C  Y N 434 
TYR CD2  C  Y N 435 
TYR CE1  C  Y N 436 
TYR CE2  C  Y N 437 
TYR CZ   C  Y N 438 
TYR OH   O  N N 439 
TYR OXT  O  N N 440 
TYR H    H  N N 441 
TYR H2   H  N N 442 
TYR HA   H  N N 443 
TYR HB2  H  N N 444 
TYR HB3  H  N N 445 
TYR HD1  H  N N 446 
TYR HD2  H  N N 447 
TYR HE1  H  N N 448 
TYR HE2  H  N N 449 
TYR HH   H  N N 450 
TYR HXT  H  N N 451 
VAL N    N  N N 452 
VAL CA   C  N S 453 
VAL C    C  N N 454 
VAL O    O  N N 455 
VAL CB   C  N N 456 
VAL CG1  C  N N 457 
VAL CG2  C  N N 458 
VAL OXT  O  N N 459 
VAL H    H  N N 460 
VAL H2   H  N N 461 
VAL HA   H  N N 462 
VAL HB   H  N N 463 
VAL HG11 H  N N 464 
VAL HG12 H  N N 465 
VAL HG13 H  N N 466 
VAL HG21 H  N N 467 
VAL HG22 H  N N 468 
VAL HG23 H  N N 469 
VAL HXT  H  N N 470 
# 
loop_
_chem_comp_bond.comp_id 
_chem_comp_bond.atom_id_1 
_chem_comp_bond.atom_id_2 
_chem_comp_bond.value_order 
_chem_comp_bond.pdbx_aromatic_flag 
_chem_comp_bond.pdbx_stereo_config 
_chem_comp_bond.pdbx_ordinal 
ALA N   CA   sing N N 1   
ALA N   H    sing N N 2   
ALA N   H2   sing N N 3   
ALA CA  C    sing N N 4   
ALA CA  CB   sing N N 5   
ALA CA  HA   sing N N 6   
ALA C   O    doub N N 7   
ALA C   OXT  sing N N 8   
ALA CB  HB1  sing N N 9   
ALA CB  HB2  sing N N 10  
ALA CB  HB3  sing N N 11  
ALA OXT HXT  sing N N 12  
ARG N   CA   sing N N 13  
ARG N   H    sing N N 14  
ARG N   H2   sing N N 15  
ARG CA  C    sing N N 16  
ARG CA  CB   sing N N 17  
ARG CA  HA   sing N N 18  
ARG C   O    doub N N 19  
ARG C   OXT  sing N N 20  
ARG CB  CG   sing N N 21  
ARG CB  HB2  sing N N 22  
ARG CB  HB3  sing N N 23  
ARG CG  CD   sing N N 24  
ARG CG  HG2  sing N N 25  
ARG CG  HG3  sing N N 26  
ARG CD  NE   sing N N 27  
ARG CD  HD2  sing N N 28  
ARG CD  HD3  sing N N 29  
ARG NE  CZ   sing N N 30  
ARG NE  HE   sing N N 31  
ARG CZ  NH1  sing N N 32  
ARG CZ  NH2  doub N N 33  
ARG NH1 HH11 sing N N 34  
ARG NH1 HH12 sing N N 35  
ARG NH2 HH21 sing N N 36  
ARG NH2 HH22 sing N N 37  
ARG OXT HXT  sing N N 38  
ASN N   CA   sing N N 39  
ASN N   H    sing N N 40  
ASN N   H2   sing N N 41  
ASN CA  C    sing N N 42  
ASN CA  CB   sing N N 43  
ASN CA  HA   sing N N 44  
ASN C   O    doub N N 45  
ASN C   OXT  sing N N 46  
ASN CB  CG   sing N N 47  
ASN CB  HB2  sing N N 48  
ASN CB  HB3  sing N N 49  
ASN CG  OD1  doub N N 50  
ASN CG  ND2  sing N N 51  
ASN ND2 HD21 sing N N 52  
ASN ND2 HD22 sing N N 53  
ASN OXT HXT  sing N N 54  
ASP N   CA   sing N N 55  
ASP N   H    sing N N 56  
ASP N   H2   sing N N 57  
ASP CA  C    sing N N 58  
ASP CA  CB   sing N N 59  
ASP CA  HA   sing N N 60  
ASP C   O    doub N N 61  
ASP C   OXT  sing N N 62  
ASP CB  CG   sing N N 63  
ASP CB  HB2  sing N N 64  
ASP CB  HB3  sing N N 65  
ASP CG  OD1  doub N N 66  
ASP CG  OD2  sing N N 67  
ASP OD2 HD2  sing N N 68  
ASP OXT HXT  sing N N 69  
GLN N   CA   sing N N 70  
GLN N   H    sing N N 71  
GLN N   H2   sing N N 72  
GLN CA  C    sing N N 73  
GLN CA  CB   sing N N 74  
GLN CA  HA   sing N N 75  
GLN C   O    doub N N 76  
GLN C   OXT  sing N N 77  
GLN CB  CG   sing N N 78  
GLN CB  HB2  sing N N 79  
GLN CB  HB3  sing N N 80  
GLN CG  CD   sing N N 81  
GLN CG  HG2  sing N N 82  
GLN CG  HG3  sing N N 83  
GLN CD  OE1  doub N N 84  
GLN CD  NE2  sing N N 85  
GLN NE2 HE21 sing N N 86  
GLN NE2 HE22 sing N N 87  
GLN OXT HXT  sing N N 88  
GLU N   CA   sing N N 89  
GLU N   H    sing N N 90  
GLU N   H2   sing N N 91  
GLU CA  C    sing N N 92  
GLU CA  CB   sing N N 93  
GLU CA  HA   sing N N 94  
GLU C   O    doub N N 95  
GLU C   OXT  sing N N 96  
GLU CB  CG   sing N N 97  
GLU CB  HB2  sing N N 98  
GLU CB  HB3  sing N N 99  
GLU CG  CD   sing N N 100 
GLU CG  HG2  sing N N 101 
GLU CG  HG3  sing N N 102 
GLU CD  OE1  doub N N 103 
GLU CD  OE2  sing N N 104 
GLU OE2 HE2  sing N N 105 
GLU OXT HXT  sing N N 106 
GLY N   CA   sing N N 107 
GLY N   H    sing N N 108 
GLY N   H2   sing N N 109 
GLY CA  C    sing N N 110 
GLY CA  HA2  sing N N 111 
GLY CA  HA3  sing N N 112 
GLY C   O    doub N N 113 
GLY C   OXT  sing N N 114 
GLY OXT HXT  sing N N 115 
GOL C1  O1   sing N N 116 
GOL C1  C2   sing N N 117 
GOL C1  H11  sing N N 118 
GOL C1  H12  sing N N 119 
GOL O1  HO1  sing N N 120 
GOL C2  O2   sing N N 121 
GOL C2  C3   sing N N 122 
GOL C2  H2   sing N N 123 
GOL O2  HO2  sing N N 124 
GOL C3  O3   sing N N 125 
GOL C3  H31  sing N N 126 
GOL C3  H32  sing N N 127 
GOL O3  HO3  sing N N 128 
HEM CHA C1A  sing N N 129 
HEM CHA C4D  doub N N 130 
HEM CHA HHA  sing N N 131 
HEM CHB C4A  sing N N 132 
HEM CHB C1B  doub N N 133 
HEM CHB HHB  sing N N 134 
HEM CHC C4B  sing N N 135 
HEM CHC C1C  doub N N 136 
HEM CHC HHC  sing N N 137 
HEM CHD C4C  doub N N 138 
HEM CHD C1D  sing N N 139 
HEM CHD HHD  sing N N 140 
HEM C1A C2A  doub Y N 141 
HEM C1A NA   sing Y N 142 
HEM C2A C3A  sing Y N 143 
HEM C2A CAA  sing N N 144 
HEM C3A C4A  doub Y N 145 
HEM C3A CMA  sing N N 146 
HEM C4A NA   sing Y N 147 
HEM CMA HMA  sing N N 148 
HEM CMA HMAA sing N N 149 
HEM CMA HMAB sing N N 150 
HEM CAA CBA  sing N N 151 
HEM CAA HAA  sing N N 152 
HEM CAA HAAA sing N N 153 
HEM CBA CGA  sing N N 154 
HEM CBA HBA  sing N N 155 
HEM CBA HBAA sing N N 156 
HEM CGA O1A  doub N N 157 
HEM CGA O2A  sing N N 158 
HEM C1B C2B  sing N N 159 
HEM C1B NB   sing N N 160 
HEM C2B C3B  doub N N 161 
HEM C2B CMB  sing N N 162 
HEM C3B C4B  sing N N 163 
HEM C3B CAB  sing N N 164 
HEM C4B NB   doub N N 165 
HEM CMB HMB  sing N N 166 
HEM CMB HMBA sing N N 167 
HEM CMB HMBB sing N N 168 
HEM CAB CBB  doub N N 169 
HEM CAB HAB  sing N N 170 
HEM CBB HBB  sing N N 171 
HEM CBB HBBA sing N N 172 
HEM C1C C2C  sing Y N 173 
HEM C1C NC   sing Y N 174 
HEM C2C C3C  doub Y N 175 
HEM C2C CMC  sing N N 176 
HEM C3C C4C  sing Y N 177 
HEM C3C CAC  sing N N 178 
HEM C4C NC   sing Y N 179 
HEM CMC HMC  sing N N 180 
HEM CMC HMCA sing N N 181 
HEM CMC HMCB sing N N 182 
HEM CAC CBC  doub N N 183 
HEM CAC HAC  sing N N 184 
HEM CBC HBC  sing N N 185 
HEM CBC HBCA sing N N 186 
HEM C1D C2D  sing N N 187 
HEM C1D ND   doub N N 188 
HEM C2D C3D  doub N N 189 
HEM C2D CMD  sing N N 190 
HEM C3D C4D  sing N N 191 
HEM C3D CAD  sing N N 192 
HEM C4D ND   sing N N 193 
HEM CMD HMD  sing N N 194 
HEM CMD HMDA sing N N 195 
HEM CMD HMDB sing N N 196 
HEM CAD CBD  sing N N 197 
HEM CAD HAD  sing N N 198 
HEM CAD HADA sing N N 199 
HEM CBD CGD  sing N N 200 
HEM CBD HBD  sing N N 201 
HEM CBD HBDA sing N N 202 
HEM CGD O1D  doub N N 203 
HEM CGD O2D  sing N N 204 
HEM O2A H2A  sing N N 205 
HEM O2D H2D  sing N N 206 
HEM FE  NA   sing N N 207 
HEM FE  NB   sing N N 208 
HEM FE  NC   sing N N 209 
HEM FE  ND   sing N N 210 
HIS N   CA   sing N N 211 
HIS N   H    sing N N 212 
HIS N   H2   sing N N 213 
HIS CA  C    sing N N 214 
HIS CA  CB   sing N N 215 
HIS CA  HA   sing N N 216 
HIS C   O    doub N N 217 
HIS C   OXT  sing N N 218 
HIS CB  CG   sing N N 219 
HIS CB  HB2  sing N N 220 
HIS CB  HB3  sing N N 221 
HIS CG  ND1  sing Y N 222 
HIS CG  CD2  doub Y N 223 
HIS ND1 CE1  doub Y N 224 
HIS ND1 HD1  sing N N 225 
HIS CD2 NE2  sing Y N 226 
HIS CD2 HD2  sing N N 227 
HIS CE1 NE2  sing Y N 228 
HIS CE1 HE1  sing N N 229 
HIS NE2 HE2  sing N N 230 
HIS OXT HXT  sing N N 231 
HOH O   H1   sing N N 232 
HOH O   H2   sing N N 233 
ILE N   CA   sing N N 234 
ILE N   H    sing N N 235 
ILE N   H2   sing N N 236 
ILE CA  C    sing N N 237 
ILE CA  CB   sing N N 238 
ILE CA  HA   sing N N 239 
ILE C   O    doub N N 240 
ILE C   OXT  sing N N 241 
ILE CB  CG1  sing N N 242 
ILE CB  CG2  sing N N 243 
ILE CB  HB   sing N N 244 
ILE CG1 CD1  sing N N 245 
ILE CG1 HG12 sing N N 246 
ILE CG1 HG13 sing N N 247 
ILE CG2 HG21 sing N N 248 
ILE CG2 HG22 sing N N 249 
ILE CG2 HG23 sing N N 250 
ILE CD1 HD11 sing N N 251 
ILE CD1 HD12 sing N N 252 
ILE CD1 HD13 sing N N 253 
ILE OXT HXT  sing N N 254 
LEU N   CA   sing N N 255 
LEU N   H    sing N N 256 
LEU N   H2   sing N N 257 
LEU CA  C    sing N N 258 
LEU CA  CB   sing N N 259 
LEU CA  HA   sing N N 260 
LEU C   O    doub N N 261 
LEU C   OXT  sing N N 262 
LEU CB  CG   sing N N 263 
LEU CB  HB2  sing N N 264 
LEU CB  HB3  sing N N 265 
LEU CG  CD1  sing N N 266 
LEU CG  CD2  sing N N 267 
LEU CG  HG   sing N N 268 
LEU CD1 HD11 sing N N 269 
LEU CD1 HD12 sing N N 270 
LEU CD1 HD13 sing N N 271 
LEU CD2 HD21 sing N N 272 
LEU CD2 HD22 sing N N 273 
LEU CD2 HD23 sing N N 274 
LEU OXT HXT  sing N N 275 
LYS N   CA   sing N N 276 
LYS N   H    sing N N 277 
LYS N   H2   sing N N 278 
LYS CA  C    sing N N 279 
LYS CA  CB   sing N N 280 
LYS CA  HA   sing N N 281 
LYS C   O    doub N N 282 
LYS C   OXT  sing N N 283 
LYS CB  CG   sing N N 284 
LYS CB  HB2  sing N N 285 
LYS CB  HB3  sing N N 286 
LYS CG  CD   sing N N 287 
LYS CG  HG2  sing N N 288 
LYS CG  HG3  sing N N 289 
LYS CD  CE   sing N N 290 
LYS CD  HD2  sing N N 291 
LYS CD  HD3  sing N N 292 
LYS CE  NZ   sing N N 293 
LYS CE  HE2  sing N N 294 
LYS CE  HE3  sing N N 295 
LYS NZ  HZ1  sing N N 296 
LYS NZ  HZ2  sing N N 297 
LYS NZ  HZ3  sing N N 298 
LYS OXT HXT  sing N N 299 
MET N   CA   sing N N 300 
MET N   H    sing N N 301 
MET N   H2   sing N N 302 
MET CA  C    sing N N 303 
MET CA  CB   sing N N 304 
MET CA  HA   sing N N 305 
MET C   O    doub N N 306 
MET C   OXT  sing N N 307 
MET CB  CG   sing N N 308 
MET CB  HB2  sing N N 309 
MET CB  HB3  sing N N 310 
MET CG  SD   sing N N 311 
MET CG  HG2  sing N N 312 
MET CG  HG3  sing N N 313 
MET SD  CE   sing N N 314 
MET CE  HE1  sing N N 315 
MET CE  HE2  sing N N 316 
MET CE  HE3  sing N N 317 
MET OXT HXT  sing N N 318 
PHE N   CA   sing N N 319 
PHE N   H    sing N N 320 
PHE N   H2   sing N N 321 
PHE CA  C    sing N N 322 
PHE CA  CB   sing N N 323 
PHE CA  HA   sing N N 324 
PHE C   O    doub N N 325 
PHE C   OXT  sing N N 326 
PHE CB  CG   sing N N 327 
PHE CB  HB2  sing N N 328 
PHE CB  HB3  sing N N 329 
PHE CG  CD1  doub Y N 330 
PHE CG  CD2  sing Y N 331 
PHE CD1 CE1  sing Y N 332 
PHE CD1 HD1  sing N N 333 
PHE CD2 CE2  doub Y N 334 
PHE CD2 HD2  sing N N 335 
PHE CE1 CZ   doub Y N 336 
PHE CE1 HE1  sing N N 337 
PHE CE2 CZ   sing Y N 338 
PHE CE2 HE2  sing N N 339 
PHE CZ  HZ   sing N N 340 
PHE OXT HXT  sing N N 341 
PRO N   CA   sing N N 342 
PRO N   CD   sing N N 343 
PRO N   H    sing N N 344 
PRO CA  C    sing N N 345 
PRO CA  CB   sing N N 346 
PRO CA  HA   sing N N 347 
PRO C   O    doub N N 348 
PRO C   OXT  sing N N 349 
PRO CB  CG   sing N N 350 
PRO CB  HB2  sing N N 351 
PRO CB  HB3  sing N N 352 
PRO CG  CD   sing N N 353 
PRO CG  HG2  sing N N 354 
PRO CG  HG3  sing N N 355 
PRO CD  HD2  sing N N 356 
PRO CD  HD3  sing N N 357 
PRO OXT HXT  sing N N 358 
SER N   CA   sing N N 359 
SER N   H    sing N N 360 
SER N   H2   sing N N 361 
SER CA  C    sing N N 362 
SER CA  CB   sing N N 363 
SER CA  HA   sing N N 364 
SER C   O    doub N N 365 
SER C   OXT  sing N N 366 
SER CB  OG   sing N N 367 
SER CB  HB2  sing N N 368 
SER CB  HB3  sing N N 369 
SER OG  HG   sing N N 370 
SER OXT HXT  sing N N 371 
SO4 S   O1   doub N N 372 
SO4 S   O2   doub N N 373 
SO4 S   O3   sing N N 374 
SO4 S   O4   sing N N 375 
THR N   CA   sing N N 376 
THR N   H    sing N N 377 
THR N   H2   sing N N 378 
THR CA  C    sing N N 379 
THR CA  CB   sing N N 380 
THR CA  HA   sing N N 381 
THR C   O    doub N N 382 
THR C   OXT  sing N N 383 
THR CB  OG1  sing N N 384 
THR CB  CG2  sing N N 385 
THR CB  HB   sing N N 386 
THR OG1 HG1  sing N N 387 
THR CG2 HG21 sing N N 388 
THR CG2 HG22 sing N N 389 
THR CG2 HG23 sing N N 390 
THR OXT HXT  sing N N 391 
TRP N   CA   sing N N 392 
TRP N   H    sing N N 393 
TRP N   H2   sing N N 394 
TRP CA  C    sing N N 395 
TRP CA  CB   sing N N 396 
TRP CA  HA   sing N N 397 
TRP C   O    doub N N 398 
TRP C   OXT  sing N N 399 
TRP CB  CG   sing N N 400 
TRP CB  HB2  sing N N 401 
TRP CB  HB3  sing N N 402 
TRP CG  CD1  doub Y N 403 
TRP CG  CD2  sing Y N 404 
TRP CD1 NE1  sing Y N 405 
TRP CD1 HD1  sing N N 406 
TRP CD2 CE2  doub Y N 407 
TRP CD2 CE3  sing Y N 408 
TRP NE1 CE2  sing Y N 409 
TRP NE1 HE1  sing N N 410 
TRP CE2 CZ2  sing Y N 411 
TRP CE3 CZ3  doub Y N 412 
TRP CE3 HE3  sing N N 413 
TRP CZ2 CH2  doub Y N 414 
TRP CZ2 HZ2  sing N N 415 
TRP CZ3 CH2  sing Y N 416 
TRP CZ3 HZ3  sing N N 417 
TRP CH2 HH2  sing N N 418 
TRP OXT HXT  sing N N 419 
TYR N   CA   sing N N 420 
TYR N   H    sing N N 421 
TYR N   H2   sing N N 422 
TYR CA  C    sing N N 423 
TYR CA  CB   sing N N 424 
TYR CA  HA   sing N N 425 
TYR C   O    doub N N 426 
TYR C   OXT  sing N N 427 
TYR CB  CG   sing N N 428 
TYR CB  HB2  sing N N 429 
TYR CB  HB3  sing N N 430 
TYR CG  CD1  doub Y N 431 
TYR CG  CD2  sing Y N 432 
TYR CD1 CE1  sing Y N 433 
TYR CD1 HD1  sing N N 434 
TYR CD2 CE2  doub Y N 435 
TYR CD2 HD2  sing N N 436 
TYR CE1 CZ   doub Y N 437 
TYR CE1 HE1  sing N N 438 
TYR CE2 CZ   sing Y N 439 
TYR CE2 HE2  sing N N 440 
TYR CZ  OH   sing N N 441 
TYR OH  HH   sing N N 442 
TYR OXT HXT  sing N N 443 
VAL N   CA   sing N N 444 
VAL N   H    sing N N 445 
VAL N   H2   sing N N 446 
VAL CA  C    sing N N 447 
VAL CA  CB   sing N N 448 
VAL CA  HA   sing N N 449 
VAL C   O    doub N N 450 
VAL C   OXT  sing N N 451 
VAL CB  CG1  sing N N 452 
VAL CB  CG2  sing N N 453 
VAL CB  HB   sing N N 454 
VAL CG1 HG11 sing N N 455 
VAL CG1 HG12 sing N N 456 
VAL CG1 HG13 sing N N 457 
VAL CG2 HG21 sing N N 458 
VAL CG2 HG22 sing N N 459 
VAL CG2 HG23 sing N N 460 
VAL OXT HXT  sing N N 461 
# 
_atom_sites.entry_id                    1MJ4 
_atom_sites.fract_transf_matrix[1][1]   0.00475215 
_atom_sites.fract_transf_matrix[1][2]   0.00402028 
_atom_sites.fract_transf_matrix[1][3]   0.00799581 
_atom_sites.fract_transf_matrix[2][1]   -0.00673497 
_atom_sites.fract_transf_matrix[2][2]   -0.02265969 
_atom_sites.fract_transf_matrix[2][3]   0.01539607 
_atom_sites.fract_transf_matrix[3][1]   0.03355703 
_atom_sites.fract_transf_matrix[3][2]   -0.01592004 
_atom_sites.fract_transf_matrix[3][3]   -0.00875143 
_atom_sites.fract_transf_vector[1]      0.167827 
_atom_sites.fract_transf_vector[2]      0.006260 
_atom_sites.fract_transf_vector[3]      0.264269 
# 
loop_
_atom_type.symbol 
C  
FE 
N  
O  
S  
# 
loop_
_atom_site.group_PDB 
_atom_site.id 
_atom_site.type_symbol 
_atom_site.label_atom_id 
_atom_site.label_alt_id 
_atom_site.label_comp_id 
_atom_site.label_asym_id 
_atom_site.label_entity_id 
_atom_site.label_seq_id 
_atom_site.pdbx_PDB_ins_code 
_atom_site.Cartn_x 
_atom_site.Cartn_y 
_atom_site.Cartn_z 
_atom_site.occupancy 
_atom_site.B_iso_or_equiv 
_atom_site.pdbx_formal_charge 
_atom_site.auth_seq_id 
_atom_site.auth_comp_id 
_atom_site.auth_asym_id 
_atom_site.auth_atom_id 
_atom_site.pdbx_PDB_model_num 
ATOM   1   N  N   . SER A 1 3  ? 6.015   -11.583 -17.175 1.00 33.55 ? 3    SER A N   1 
ATOM   2   C  CA  . SER A 1 3  ? 4.645   -11.041 -17.355 1.00 31.35 ? 3    SER A CA  1 
ATOM   3   C  C   . SER A 1 3  ? 4.281   -10.213 -16.156 1.00 29.35 ? 3    SER A C   1 
ATOM   4   O  O   . SER A 1 3  ? 4.966   -10.295 -15.094 1.00 31.39 ? 3    SER A O   1 
ATOM   5   C  CB  . SER A 1 3  ? 3.621   -12.152 -17.434 1.00 32.09 ? 3    SER A CB  1 
ATOM   6   O  OG  . SER A 1 3  ? 3.725   -13.021 -16.362 1.00 32.78 ? 3    SER A OG  1 
ATOM   7   N  N   . THR A 1 4  ? 3.228   -9.422  -16.288 1.00 26.34 ? 4    THR A N   1 
ATOM   8   C  CA  . THR A 1 4  ? 2.872   -8.460  -15.245 1.00 24.32 ? 4    THR A CA  1 
ATOM   9   C  C   . THR A 1 4  ? 1.395   -8.339  -15.222 1.00 20.66 ? 4    THR A C   1 
ATOM   10  O  O   . THR A 1 4  ? 0.805   -8.073  -16.259 1.00 21.33 ? 4    THR A O   1 
ATOM   11  C  CB  . THR A 1 4  ? 3.503   -7.093  -15.549 1.00 26.25 ? 4    THR A CB  1 
ATOM   12  O  OG1 . THR A 1 4  ? 4.905   -7.236  -15.775 1.00 32.65 ? 4    THR A OG1 1 
ATOM   13  C  CG2 . THR A 1 4  ? 3.457   -6.165  -14.301 1.00 29.12 ? 4    THR A CG2 1 
ATOM   14  N  N   . HIS A 1 5  ? 0.751   -8.381  -14.050 1.00 18.86 ? 5    HIS A N   1 
ATOM   15  C  CA  . HIS A 1 5  ? -0.618  -8.025  -13.895 1.00 17.06 ? 5    HIS A CA  1 
ATOM   16  C  C   . HIS A 1 5  ? -0.724  -6.497  -13.809 1.00 15.06 ? 5    HIS A C   1 
ATOM   17  O  O   . HIS A 1 5  ? -0.166  -5.906  -12.913 1.00 16.01 ? 5    HIS A O   1 
ATOM   18  C  CB  . HIS A 1 5  ? -1.262  -8.751  -12.731 1.00 20.71 ? 5    HIS A CB  1 
ATOM   19  C  CG  . HIS A 1 5  ? -2.689  -9.025  -12.924 1.00 28.49 ? 5    HIS A CG  1 
ATOM   20  N  ND1 . HIS A 1 5  ? -3.164  -10.227 -13.447 1.00 32.51 ? 5    HIS A ND1 1 
ATOM   21  C  CD2 . HIS A 1 5  ? -3.780  -8.269  -12.677 1.00 36.52 ? 5    HIS A CD2 1 
ATOM   22  C  CE1 . HIS A 1 5  ? -4.490  -10.188 -13.475 1.00 39.34 ? 5    HIS A CE1 1 
ATOM   23  N  NE2 . HIS A 1 5  ? -4.890  -9.027  -12.987 1.00 40.75 ? 5    HIS A NE2 1 
ATOM   24  N  N   . ILE A 1 6  ? -1.448  -5.876  -14.736 1.00 14.96 ? 6    ILE A N   1 
ATOM   25  C  CA  . ILE A 1 6  ? -1.548  -4.443  -14.838 1.00 15.88 ? 6    ILE A CA  1 
ATOM   26  C  C   . ILE A 1 6  ? -2.922  -3.991  -14.401 1.00 16.94 ? 6    ILE A C   1 
ATOM   27  O  O   . ILE A 1 6  ? -3.940  -4.517  -14.856 1.00 20.06 ? 6    ILE A O   1 
ATOM   28  C  CB  . ILE A 1 6  ? -1.193  -3.937  -16.273 1.00 16.66 ? 6    ILE A CB  1 
ATOM   29  C  CG1 . ILE A 1 6  ? 0.224   -4.257  -16.707 1.00 19.17 ? 6    ILE A CG1 1 
ATOM   30  C  CG2 . ILE A 1 6  ? -1.551  -2.473  -16.442 1.00 19.91 ? 6    ILE A CG2 1 
ATOM   31  C  CD1 . ILE A 1 6  ? 1.261   -3.571  -15.939 1.00 22.00 ? 6    ILE A CD1 1 
ATOM   32  N  N   . TYR A 1 7  ? -2.936  -2.958  -13.533 1.00 17.81 ? 7    TYR A N   1 
ATOM   33  C  CA  . TYR A 1 7  ? -4.145  -2.319  -13.035 1.00 17.76 ? 7    TYR A CA  1 
ATOM   34  C  C   . TYR A 1 7  ? -4.095  -0.855  -13.389 1.00 18.38 ? 7    TYR A C   1 
ATOM   35  O  O   . TYR A 1 7  ? -3.056  -0.216  -13.537 1.00 22.30 ? 7    TYR A O   1 
ATOM   36  C  CB  . TYR A 1 7  ? -4.155  -2.396  -11.472 1.00 16.84 ? 7    TYR A CB  1 
ATOM   37  C  CG  . TYR A 1 7  ? -4.164  -3.755  -10.936 1.00 15.94 ? 7    TYR A CG  1 
ATOM   38  C  CD1 . TYR A 1 7  ? -2.974  -4.422  -10.632 1.00 17.81 ? 7    TYR A CD1 1 
ATOM   39  C  CD2 . TYR A 1 7  ? -5.365  -4.479  -10.752 1.00 20.42 ? 7    TYR A CD2 1 
ATOM   40  C  CE1 . TYR A 1 7  ? -2.982  -5.722  -10.208 1.00 17.77 ? 7    TYR A CE1 1 
ATOM   41  C  CE2 . TYR A 1 7  ? -5.343  -5.790  -10.257 1.00 20.75 ? 7    TYR A CE2 1 
ATOM   42  C  CZ  . TYR A 1 7  ? -4.141  -6.416  -9.983  1.00 21.64 ? 7    TYR A CZ  1 
ATOM   43  O  OH  . TYR A 1 7  ? -4.114  -7.742  -9.470  1.00 25.27 ? 7    TYR A OH  1 
ATOM   44  N  N   . THR A 1 8  ? -5.290  -0.276  -13.593 1.00 20.80 ? 8    THR A N   1 
ATOM   45  C  CA  . THR A 1 8  ? -5.368  1.162   -13.744 1.00 23.14 ? 8    THR A CA  1 
ATOM   46  C  C   . THR A 1 8  ? -5.529  1.842   -12.400 1.00 23.21 ? 8    THR A C   1 
ATOM   47  O  O   . THR A 1 8  ? -5.962  1.212   -11.412 1.00 21.10 ? 8    THR A O   1 
ATOM   48  C  CB  . THR A 1 8  ? -6.620  1.597   -14.532 1.00 24.87 ? 8    THR A CB  1 
ATOM   49  O  OG1 . THR A 1 8  ? -7.801  1.140   -13.891 1.00 27.01 ? 8    THR A OG1 1 
ATOM   50  C  CG2 . THR A 1 8  ? -6.773  0.902   -15.924 1.00 29.22 ? 8    THR A CG2 1 
ATOM   51  N  N   . LYS A 1 9  ? -5.112  3.114   -12.363 1.00 24.00 ? 9    LYS A N   1 
ATOM   52  C  CA  . LYS A 1 9  ? -5.201  3.919   -11.133 1.00 24.09 ? 9    LYS A CA  1 
ATOM   53  C  C   . LYS A 1 9  ? -6.630  3.977   -10.663 1.00 24.88 ? 9    LYS A C   1 
ATOM   54  O  O   . LYS A 1 9  ? -6.919  3.973   -9.469  1.00 22.64 ? 9    LYS A O   1 
ATOM   55  C  CB  . LYS A 1 9  ? -4.683  5.357   -11.388 1.00 26.54 ? 9    LYS A CB  1 
ATOM   56  C  CG  . LYS A 1 9  ? -3.221  5.673   -11.066 1.00 33.02 ? 9    LYS A CG  1 
ATOM   57  C  CD  . LYS A 1 9  ? -2.752  7.016   -11.618 1.00 37.67 ? 9    LYS A CD  1 
ATOM   58  C  CE  . LYS A 1 9  ? -1.196  7.005   -11.778 1.00 40.63 ? 9    LYS A CE  1 
ATOM   59  N  NZ  . LYS A 1 9  ? -0.587  8.341   -11.684 1.00 43.28 ? 9    LYS A NZ  1 
ATOM   60  N  N   . GLU A 1 10 ? -7.567  4.017   -11.585 1.00 25.71 ? 10   GLU A N   1 
ATOM   61  C  CA  . GLU A 1 10 ? -8.967  4.037   -11.293 1.00 26.62 ? 10   GLU A CA  1 
ATOM   62  C  C   . GLU A 1 10 ? -9.420  2.758   -10.613 1.00 26.29 ? 10   GLU A C   1 
ATOM   63  O  O   . GLU A 1 10 ? -10.178 2.692   -9.610  1.00 26.69 ? 10   GLU A O   1 
ATOM   64  C  CB  . GLU A 1 10 ? -9.694  4.244   -12.648 1.00 28.87 ? 10   GLU A CB  1 
ATOM   65  C  CG  . GLU A 1 10 ? -9.535  5.624   -13.286 1.00 36.67 ? 10   GLU A CG  1 
ATOM   66  C  CD  . GLU A 1 10 ? -8.158  5.994   -13.876 1.00 42.76 ? 10   GLU A CD  1 
ATOM   67  O  OE1 . GLU A 1 10 ? -7.342  5.099   -14.334 1.00 39.25 ? 10   GLU A OE1 1 
ATOM   68  O  OE2 . GLU A 1 10 ? -7.893  7.256   -13.905 1.00 48.51 ? 10   GLU A OE2 1 
ATOM   69  N  N   . GLU A 1 11 ? -8.821  1.669   -11.101 1.00 24.42 ? 11   GLU A N   1 
ATOM   70  C  C   . GLU A 1 11 ? -8.673  0.302   -8.892  1.00 18.72 ? 11   GLU A C   1 
ATOM   71  O  O   . GLU A 1 11 ? -9.285  -0.178  -7.950  1.00 20.60 ? 11   GLU A O   1 
ATOM   72  O  OE1 A GLU A 1 11 ? -7.597  -1.881  -14.055 0.50 28.85 ? 11   GLU A OE1 1 
ATOM   73  O  OE1 B GLU A 1 11 ? -7.620  -2.835  -12.953 0.50 23.67 ? 11   GLU A OE1 1 
ATOM   74  O  OE2 A GLU A 1 11 ? -8.556  -3.494  -12.202 0.50 30.29 ? 11   GLU A OE2 1 
ATOM   75  O  OE2 B GLU A 1 11 ? -9.380  -4.418  -10.550 0.50 34.00 ? 11   GLU A OE2 1 
ATOM   76  N  N   . VAL A 1 12 ? -7.411  0.740   -8.797  1.00 16.99 ? 12   VAL A N   1 
ATOM   77  C  CA  . VAL A 1 12 ? -6.771  0.750   -7.482  1.00 14.97 ? 12   VAL A CA  1 
ATOM   78  C  C   . VAL A 1 12 ? -7.632  1.624   -6.553  1.00 14.39 ? 12   VAL A C   1 
ATOM   79  O  O   . VAL A 1 12 ? -7.783  1.296   -5.349  1.00 14.00 ? 12   VAL A O   1 
ATOM   80  C  CB  . VAL A 1 12 ? -5.380  1.273   -7.625  1.00 15.12 ? 12   VAL A CB  1 
ATOM   81  C  CG1 . VAL A 1 12 ? -4.761  1.428   -6.245  1.00 15.90 ? 12   VAL A CG1 1 
ATOM   82  C  CG2 . VAL A 1 12 ? -4.585  0.279   -8.417  1.00 15.22 ? 12   VAL A CG2 1 
ATOM   83  N  N   . SER A 1 13 ? -8.122  2.774   -7.035  1.00 14.46 ? 13   SER A N   1 
ATOM   84  C  CA  . SER A 1 13 ? -8.821  3.737   -6.216  1.00 14.78 ? 13   SER A CA  1 
ATOM   85  C  C   . SER A 1 13 ? -10.091 3.194   -5.568  1.00 15.60 ? 13   SER A C   1 
ATOM   86  O  O   . SER A 1 13 ? -10.515 3.709   -4.554  1.00 18.15 ? 13   SER A O   1 
ATOM   87  C  CB  . SER A 1 13 ? -9.106  5.025   -7.028  1.00 16.75 ? 13   SER A CB  1 
ATOM   88  O  OG  . SER A 1 13 ? -10.213 4.853   -7.832  1.00 22.50 ? 13   SER A OG  1 
ATOM   89  N  N   . SER A 1 14 ? -10.641 2.128   -6.112  1.00 15.07 ? 14   SER A N   1 
ATOM   90  C  CA  . SER A 1 14 ? -11.855 1.497   -5.581  1.00 17.19 ? 14   SER A CA  1 
ATOM   91  C  C   . SER A 1 14 ? -11.554 0.564   -4.392  1.00 16.70 ? 14   SER A C   1 
ATOM   92  O  O   . SER A 1 14 ? -12.453 0.167   -3.678  1.00 19.16 ? 14   SER A O   1 
ATOM   93  C  CB  . SER A 1 14 ? -12.605 0.773   -6.703  1.00 19.77 ? 14   SER A CB  1 
ATOM   94  O  OG  . SER A 1 14 ? -12.063 -0.435  -7.037  1.00 26.01 ? 14   SER A OG  1 
ATOM   95  N  N   . HIS A 1 15 ? -10.268 0.277   -4.115  1.00 14.30 ? 15   HIS A N   1 
ATOM   96  C  CA  . HIS A 1 15 ? -9.916  -0.709  -3.129  1.00 13.67 ? 15   HIS A CA  1 
ATOM   97  C  C   . HIS A 1 15 ? -9.482  -0.070  -1.837  1.00 12.76 ? 15   HIS A C   1 
ATOM   98  O  O   . HIS A 1 15 ? -8.265  0.101   -1.523  1.00 12.96 ? 15   HIS A O   1 
ATOM   99  C  CB  . HIS A 1 15 ? -8.815  -1.616  -3.712  1.00 15.68 ? 15   HIS A CB  1 
ATOM   100 C  CG  . HIS A 1 15 ? -9.399  -2.604  -4.689  1.00 17.52 ? 15   HIS A CG  1 
ATOM   101 N  ND1 . HIS A 1 15 ? -9.518  -2.380  -6.044  1.00 22.02 ? 15   HIS A ND1 1 
ATOM   102 C  CD2 . HIS A 1 15 ? -9.939  -3.814  -4.464  1.00 21.50 ? 15   HIS A CD2 1 
ATOM   103 C  CE1 . HIS A 1 15 ? -10.100 -3.439  -6.627  1.00 20.14 ? 15   HIS A CE1 1 
ATOM   104 N  NE2 . HIS A 1 15 ? -10.348 -4.320  -5.677  1.00 23.93 ? 15   HIS A NE2 1 
ATOM   105 N  N   . THR A 1 16 ? -10.499 0.284   -1.052  1.00 13.77 ? 16   THR A N   1 
ATOM   106 C  CA  . THR A 1 16 ? -10.312 1.077   0.122   1.00 14.13 ? 16   THR A CA  1 
ATOM   107 C  C   . THR A 1 16 ? -10.900 0.426   1.365   1.00 15.08 ? 16   THR A C   1 
ATOM   108 O  O   . THR A 1 16 ? -10.861 1.046   2.420   1.00 18.51 ? 16   THR A O   1 
ATOM   109 C  CB  . THR A 1 16 ? -10.872 2.512   -0.045  1.00 15.05 ? 16   THR A CB  1 
ATOM   110 O  OG1 . THR A 1 16 ? -12.293 2.403   -0.299  1.00 16.81 ? 16   THR A OG1 1 
ATOM   111 C  CG2 . THR A 1 16 ? -10.248 3.261   -1.164  1.00 18.05 ? 16   THR A CG2 1 
ATOM   112 N  N   . SER A 1 17 ? -11.379 -0.790  1.272   1.00 16.35 ? 17   SER A N   1 
ATOM   113 C  CA  . SER A 1 17 ? -12.011 -1.506  2.413   1.00 17.83 ? 17   SER A CA  1 
ATOM   114 C  C   . SER A 1 17 ? -11.656 -3.005  2.366   1.00 18.13 ? 17   SER A C   1 
ATOM   115 O  O   . SER A 1 17 ? -11.317 -3.570  1.315   1.00 20.87 ? 17   SER A O   1 
ATOM   116 C  CB  . SER A 1 17 ? -13.567 -1.332  2.375   1.00 19.72 ? 17   SER A CB  1 
ATOM   117 O  OG  . SER A 1 17 ? -14.059 -2.091  1.299   1.00 23.51 ? 17   SER A OG  1 
ATOM   118 N  N   . PRO A 1 18 ? -11.858 -3.697  3.459   1.00 22.71 ? 18   PRO A N   1 
ATOM   119 C  CA  . PRO A 1 18 ? -11.741 -5.209  3.474   1.00 25.42 ? 18   PRO A CA  1 
ATOM   120 C  C   . PRO A 1 18 ? -12.592 -5.975  2.492   1.00 28.55 ? 18   PRO A C   1 
ATOM   121 O  O   . PRO A 1 18 ? -12.100 -6.963  1.857   1.00 28.65 ? 18   PRO A O   1 
ATOM   122 C  CB  . PRO A 1 18 ? -12.174 -5.571  4.830   1.00 26.85 ? 18   PRO A CB  1 
ATOM   123 C  CG  . PRO A 1 18 ? -11.795 -4.372  5.632   1.00 24.45 ? 18   PRO A CG  1 
ATOM   124 C  CD  . PRO A 1 18 ? -12.083 -3.104  4.794   1.00 23.26 ? 18   PRO A CD  1 
ATOM   125 N  N   . GLU A 1 19 ? -13.824 -5.511  2.301   1.00 30.81 ? 19   GLU A N   1 
ATOM   126 C  CA  . GLU A 1 19 ? -14.742 -6.157  1.364   1.00 33.11 ? 19   GLU A CA  1 
ATOM   127 C  C   . GLU A 1 19 ? -14.126 -6.171  -0.022  1.00 31.24 ? 19   GLU A C   1 
ATOM   128 O  O   . GLU A 1 19 ? -14.093 -7.205  -0.719  1.00 32.60 ? 19   GLU A O   1 
ATOM   129 C  CB  . GLU A 1 19 ? -16.121 -5.464  1.384   1.00 36.22 ? 19   GLU A CB  1 
ATOM   130 C  CG  . GLU A 1 19 ? -16.369 -4.342  0.380   1.00 43.78 ? 19   GLU A CG  1 
ATOM   131 C  CD  . GLU A 1 19 ? -17.719 -3.592  0.562   1.00 53.22 ? 19   GLU A CD  1 
ATOM   132 O  OE1 . GLU A 1 19 ? -18.436 -3.809  1.592   1.00 56.87 ? 19   GLU A OE1 1 
ATOM   133 O  OE2 . GLU A 1 19 ? -18.063 -2.757  -0.339  1.00 57.71 ? 19   GLU A OE2 1 
ATOM   134 N  N   . THR A 1 20 ? -13.558 -5.023  -0.419  1.00 28.23 ? 20   THR A N   1 
ATOM   135 C  CA  . THR A 1 20 ? -12.953 -4.930  -1.699  1.00 26.43 ? 20   THR A CA  1 
ATOM   136 C  C   . THR A 1 20 ? -11.508 -5.401  -1.679  1.00 23.03 ? 20   THR A C   1 
ATOM   137 O  O   . THR A 1 20 ? -10.985 -5.770  -2.751  1.00 23.92 ? 20   THR A O   1 
ATOM   138 C  CB  . THR A 1 20 ? -13.005 -3.450  -2.157  1.00 26.92 ? 20   THR A CB  1 
ATOM   139 O  OG1 . THR A 1 20 ? -12.482 -3.287  -3.453  1.00 36.89 ? 20   THR A OG1 1 
ATOM   140 C  CG2 . THR A 1 20 ? -12.150 -2.631  -1.362  1.00 18.65 ? 20   THR A CG2 1 
ATOM   141 N  N   . GLY A 1 21 ? -10.843 -5.373  -0.508  1.00 21.55 ? 21   GLY A N   1 
ATOM   142 C  CA  . GLY A 1 21 ? -9.354  -5.349  -0.410  1.00 17.63 ? 21   GLY A CA  1 
ATOM   143 C  C   . GLY A 1 21 ? -8.905  -3.894  -0.350  1.00 14.49 ? 21   GLY A C   1 
ATOM   144 O  O   . GLY A 1 21 ? -9.463  -3.011  -1.024  1.00 16.39 ? 21   GLY A O   1 
ATOM   145 N  N   . ILE A 1 22 ? -7.881  -3.681  0.484   1.00 10.65 ? 22   ILE A N   1 
ATOM   146 C  CA  . ILE A 1 22 ? -7.253  -2.393  0.696   1.00 9.45  ? 22   ILE A CA  1 
ATOM   147 C  C   . ILE A 1 22 ? -5.943  -2.400  -0.088  1.00 9.50  ? 22   ILE A C   1 
ATOM   148 O  O   . ILE A 1 22 ? -5.033  -3.165  0.261   1.00 9.61  ? 22   ILE A O   1 
ATOM   149 C  CB  . ILE A 1 22 ? -6.977  -2.169  2.206   1.00 10.93 ? 22   ILE A CB  1 
ATOM   150 C  CG1 . ILE A 1 22 ? -8.255  -2.281  3.007   1.00 12.70 ? 22   ILE A CG1 1 
ATOM   151 C  CG2 . ILE A 1 22 ? -6.252  -0.843  2.413   1.00 11.11 ? 22   ILE A CG2 1 
ATOM   152 C  CD1 . ILE A 1 22 ? -8.095  -2.494  4.492   1.00 13.64 ? 22   ILE A CD1 1 
ATOM   153 N  N   . TRP A 1 23 ? -5.856  -1.568  -1.095  1.00 9.38  ? 23   TRP A N   1 
ATOM   154 C  CA  . TRP A 1 23 ? -4.687  -1.475  -1.967  1.00 9.33  ? 23   TRP A CA  1 
ATOM   155 C  C   . TRP A 1 23 ? -4.026  -0.124  -1.873  1.00 8.56  ? 23   TRP A C   1 
ATOM   156 O  O   . TRP A 1 23 ? -4.664  0.875   -1.613  1.00 10.47 ? 23   TRP A O   1 
ATOM   157 C  CB  . TRP A 1 23 ? -5.034  -1.734  -3.410  1.00 9.52  ? 23   TRP A CB  1 
ATOM   158 C  CG  . TRP A 1 23 ? -5.692  -3.078  -3.762  1.00 11.08 ? 23   TRP A CG  1 
ATOM   159 C  CD1 . TRP A 1 23 ? -6.064  -4.108  -2.931  1.00 10.37 ? 23   TRP A CD1 1 
ATOM   160 C  CD2 . TRP A 1 23 ? -6.060  -3.475  -5.081  1.00 12.11 ? 23   TRP A CD2 1 
ATOM   161 N  NE1 . TRP A 1 23 ? -6.658  -5.104  -3.685  1.00 12.52 ? 23   TRP A NE1 1 
ATOM   162 C  CE2 . TRP A 1 23 ? -6.632  -4.744  -4.979  1.00 12.41 ? 23   TRP A CE2 1 
ATOM   163 C  CE3 . TRP A 1 23 ? -5.888  -2.918  -6.330  1.00 13.09 ? 23   TRP A CE3 1 
ATOM   164 C  CZ2 . TRP A 1 23 ? -7.114  -5.444  -6.101  1.00 14.27 ? 23   TRP A CZ2 1 
ATOM   165 C  CZ3 . TRP A 1 23 ? -6.374  -3.583  -7.438  1.00 16.90 ? 23   TRP A CZ3 1 
ATOM   166 C  CH2 . TRP A 1 23 ? -6.998  -4.810  -7.295  1.00 16.44 ? 23   TRP A CH2 1 
ATOM   167 N  N   . VAL A 1 24 ? -2.722  -0.124  -2.103  1.00 8.61  ? 24   VAL A N   1 
ATOM   168 C  CA  . VAL A 1 24 ? -1.903  1.082   -2.241  1.00 8.27  ? 24   VAL A CA  1 
ATOM   169 C  C   . VAL A 1 24 ? -0.946  0.898   -3.369  1.00 7.52  ? 24   VAL A C   1 
ATOM   170 O  O   . VAL A 1 24 ? -0.708  -0.199  -3.853  1.00 8.80  ? 24   VAL A O   1 
ATOM   171 C  CB  . VAL A 1 24 ? -1.152  1.444   -0.951  1.00 8.09  ? 24   VAL A CB  1 
ATOM   172 C  CG1 . VAL A 1 24 ? -2.109  1.741   0.210   1.00 9.51  ? 24   VAL A CG1 1 
ATOM   173 C  CG2 . VAL A 1 24 ? -0.162  0.365   -0.553  1.00 9.48  ? 24   VAL A CG2 1 
ATOM   174 N  N   . THR A 1 25 ? -0.316  2.003   -3.795  1.00 8.06  ? 25   THR A N   1 
ATOM   175 C  CA  . THR A 1 25 ? 0.760   1.988   -4.740  1.00 8.24  ? 25   THR A CA  1 
ATOM   176 C  C   . THR A 1 25 ? 2.042   2.640   -4.209  1.00 7.95  ? 25   THR A C   1 
ATOM   177 O  O   . THR A 1 25 ? 2.006   3.486   -3.333  1.00 8.14  ? 25   THR A O   1 
ATOM   178 C  CB  . THR A 1 25 ? 0.349   2.584   -6.106  1.00 9.31  ? 25   THR A CB  1 
ATOM   179 O  OG1 . THR A 1 25 ? 0.205   4.012   -5.992  1.00 9.63  ? 25   THR A OG1 1 
ATOM   180 C  CG2 . THR A 1 25 ? -0.912  1.994   -6.648  1.00 11.69 ? 25   THR A CG2 1 
ATOM   181 N  N   . LEU A 1 26 ? 3.150   2.198   -4.785  1.00 7.42  ? 26   LEU A N   1 
ATOM   182 C  CA  . LEU A 1 26 ? 4.441   2.796   -4.504  1.00 7.71  ? 26   LEU A CA  1 
ATOM   183 C  C   . LEU A 1 26 ? 5.227   2.678   -5.784  1.00 8.50  ? 26   LEU A C   1 
ATOM   184 O  O   . LEU A 1 26 ? 5.358   1.579   -6.353  1.00 8.92  ? 26   LEU A O   1 
ATOM   185 C  CB  . LEU A 1 26 ? 5.191   2.134   -3.345  1.00 8.13  ? 26   LEU A CB  1 
ATOM   186 C  CG  . LEU A 1 26 ? 6.530   2.793   -3.000  1.00 8.81  ? 26   LEU A CG  1 
ATOM   187 C  CD1 . LEU A 1 26 ? 6.374   4.168   -2.381  1.00 9.92  ? 26   LEU A CD1 1 
ATOM   188 C  CD2 . LEU A 1 26 ? 7.319   1.957   -2.049  1.00 10.81 ? 26   LEU A CD2 1 
ATOM   189 N  N   . GLY A 1 27 ? 5.695   3.787   -6.320  1.00 9.26  ? 27   GLY A N   1 
ATOM   190 C  CA  . GLY A 1 27 ? 6.201   3.760   -7.702  1.00 10.57 ? 27   GLY A CA  1 
ATOM   191 C  C   . GLY A 1 27 ? 5.080   3.335   -8.607  1.00 11.50 ? 27   GLY A C   1 
ATOM   192 O  O   . GLY A 1 27 ? 3.938   3.742   -8.464  1.00 13.27 ? 27   GLY A O   1 
ATOM   193 N  N   . SER A 1 28 ? 5.392   2.425   -9.540  1.00 12.29 ? 28   SER A N   1 
ATOM   194 C  CA  . SER A 1 28 ? 4.370   1.814   -10.417 1.00 13.38 ? 28   SER A CA  1 
ATOM   195 C  C   . SER A 1 28 ? 3.860   0.510   -9.869  1.00 12.58 ? 28   SER A C   1 
ATOM   196 O  O   . SER A 1 28 ? 3.132   -0.189  -10.582 1.00 18.46 ? 28   SER A O   1 
ATOM   197 C  CB  . SER A 1 28 ? 4.959   1.570   -11.835 1.00 16.11 ? 28   SER A CB  1 
ATOM   198 O  OG  . SER A 1 28 ? 5.147   2.850   -12.357 1.00 24.74 ? 28   SER A OG  1 
ATOM   199 N  N   . GLU A 1 29 ? 4.191   0.107   -8.674  1.00 9.62  ? 29   GLU A N   1 
ATOM   200 C  CA  . GLU A 1 29 ? 3.783   -1.180  -8.136  1.00 9.80  ? 29   GLU A CA  1 
ATOM   201 C  C   . GLU A 1 29 ? 2.491   -1.035  -7.313  1.00 8.71  ? 29   GLU A C   1 
ATOM   202 O  O   . GLU A 1 29 ? 2.264   -0.011  -6.641  1.00 9.22  ? 29   GLU A O   1 
ATOM   203 C  CB  . GLU A 1 29 ? 4.907   -1.800  -7.324  1.00 9.47  ? 29   GLU A CB  1 
ATOM   204 C  CG  . GLU A 1 29 ? 6.138   -2.125  -8.134  1.00 10.92 ? 29   GLU A CG  1 
ATOM   205 C  CD  . GLU A 1 29 ? 7.201   -2.853  -7.380  1.00 13.02 ? 29   GLU A CD  1 
ATOM   206 O  OE1 . GLU A 1 29 ? 7.531   -2.433  -6.271  1.00 14.00 ? 29   GLU A OE1 1 
ATOM   207 O  OE2 . GLU A 1 29 ? 7.702   -3.865  -7.893  1.00 16.99 ? 29   GLU A OE2 1 
ATOM   208 N  N   . VAL A 1 30 ? 1.666   -2.080  -7.345  1.00 8.56  ? 30   VAL A N   1 
ATOM   209 C  CA  . VAL A 1 30 ? 0.365   -2.168  -6.687  1.00 8.14  ? 30   VAL A CA  1 
ATOM   210 C  C   . VAL A 1 30 ? 0.434   -3.251  -5.626  1.00 7.79  ? 30   VAL A C   1 
ATOM   211 O  O   . VAL A 1 30 ? 0.920   -4.365  -5.927  1.00 9.07  ? 30   VAL A O   1 
ATOM   212 C  CB  . VAL A 1 30 ? -0.751  -2.448  -7.690  1.00 9.10  ? 30   VAL A CB  1 
ATOM   213 C  CG1 . VAL A 1 30 ? -2.112  -2.497  -7.038  1.00 10.44 ? 30   VAL A CG1 1 
ATOM   214 C  CG2 . VAL A 1 30 ? -0.733  -1.411  -8.806  1.00 11.07 ? 30   VAL A CG2 1 
ATOM   215 N  N   . PHE A 1 31 ? -0.085  -2.965  -4.415  1.00 8.41  ? 31   PHE A N   1 
ATOM   216 C  CA  . PHE A 1 31 ? 0.018   -3.863  -3.279  1.00 7.65  ? 31   PHE A CA  1 
ATOM   217 C  C   . PHE A 1 31 ? -1.362  -4.012  -2.648  1.00 8.56  ? 31   PHE A C   1 
ATOM   218 O  O   . PHE A 1 31 ? -2.064  -3.026  -2.430  1.00 9.57  ? 31   PHE A O   1 
ATOM   219 C  CB  . PHE A 1 31 ? 0.979   -3.273  -2.227  1.00 7.32  ? 31   PHE A CB  1 
ATOM   220 C  CG  . PHE A 1 31 ? 2.319   -2.963  -2.775  1.00 7.09  ? 31   PHE A CG  1 
ATOM   221 C  CD1 . PHE A 1 31 ? 2.589   -1.730  -3.331  1.00 8.04  ? 31   PHE A CD1 1 
ATOM   222 C  CD2 . PHE A 1 31 ? 3.336   -3.880  -2.766  1.00 8.01  ? 31   PHE A CD2 1 
ATOM   223 C  CE1 . PHE A 1 31 ? 3.818   -1.415  -3.879  1.00 8.53  ? 31   PHE A CE1 1 
ATOM   224 C  CE2 . PHE A 1 31 ? 4.562   -3.612  -3.317  1.00 8.44  ? 31   PHE A CE2 1 
ATOM   225 C  CZ  . PHE A 1 31 ? 4.791   -2.364  -3.899  1.00 8.65  ? 31   PHE A CZ  1 
ATOM   226 N  N   . ASP A 1 32 ? -1.740  -5.249  -2.350  1.00 8.33  ? 32   ASP A N   1 
ATOM   227 C  CA  . ASP A 1 32 ? -2.971  -5.551  -1.600  1.00 8.84  ? 32   ASP A CA  1 
ATOM   228 C  C   . ASP A 1 32 ? -2.541  -5.816  -0.146  1.00 7.54  ? 32   ASP A C   1 
ATOM   229 O  O   . ASP A 1 32 ? -2.045  -6.888  0.173   1.00 8.46  ? 32   ASP A O   1 
ATOM   230 C  CB  . ASP A 1 32 ? -3.718  -6.750  -2.151  1.00 9.64  ? 32   ASP A CB  1 
ATOM   231 C  CG  . ASP A 1 32 ? -4.894  -7.154  -1.307  1.00 11.46 ? 32   ASP A CG  1 
ATOM   232 O  OD1 . ASP A 1 32 ? -5.133  -6.547  -0.283  1.00 10.49 ? 32   ASP A OD1 1 
ATOM   233 O  OD2 . ASP A 1 32 ? -5.582  -8.161  -1.655  1.00 18.38 ? 32   ASP A OD2 1 
ATOM   234 N  N   . VAL A 1 33 ? -2.688  -4.800  0.711   1.00 7.47  ? 33   VAL A N   1 
ATOM   235 C  CA  . VAL A 1 33 ? -2.151  -4.802  2.047   1.00 7.80  ? 33   VAL A CA  1 
ATOM   236 C  C   . VAL A 1 33 ? -3.236  -5.117  3.095   1.00 8.55  ? 33   VAL A C   1 
ATOM   237 O  O   . VAL A 1 33 ? -2.968  -4.990  4.300   1.00 9.54  ? 33   VAL A O   1 
ATOM   238 C  CB  . VAL A 1 33 ? -1.429  -3.490  2.411   1.00 8.10  ? 33   VAL A CB  1 
ATOM   239 C  CG1 . VAL A 1 33 ? -0.205  -3.315  1.523   1.00 8.57  ? 33   VAL A CG1 1 
ATOM   240 C  CG2 . VAL A 1 33 ? -2.338  -2.294  2.332   1.00 8.06  ? 33   VAL A CG2 1 
ATOM   241 N  N   . THR A 1 34 ? -4.381  -5.616  2.676   1.00 8.82  ? 34   THR A N   1 
ATOM   242 C  CA  . THR A 1 34 ? -5.496  -5.935  3.563   1.00 8.75  ? 34   THR A CA  1 
ATOM   243 C  C   . THR A 1 34 ? -5.047  -6.666  4.808   1.00 10.17 ? 34   THR A C   1 
ATOM   244 O  O   . THR A 1 34 ? -5.454  -6.264  5.921   1.00 10.72 ? 34   THR A O   1 
ATOM   245 C  CB  . THR A 1 34 ? -6.523  -6.773  2.790   1.00 10.32 ? 34   THR A CB  1 
ATOM   246 O  OG1 . THR A 1 34 ? -6.911  -6.128  1.586   1.00 10.66 ? 34   THR A OG1 1 
ATOM   247 C  CG2 . THR A 1 34 ? -7.795  -6.967  3.605   1.00 13.12 ? 34   THR A CG2 1 
ATOM   248 N  N   . GLU A 1 35 ? -4.297  -7.737  4.668   1.00 9.76  ? 35   GLU A N   1 
ATOM   249 C  CA  . GLU A 1 35 ? -3.931  -8.565  5.807   1.00 10.55 ? 35   GLU A CA  1 
ATOM   250 C  C   . GLU A 1 35 ? -2.897  -7.961  6.704   1.00 10.41 ? 35   GLU A C   1 
ATOM   251 O  O   . GLU A 1 35 ? -2.742  -8.432  7.842   1.00 14.84 ? 35   GLU A O   1 
ATOM   252 C  CB  . GLU A 1 35 ? -3.584  -9.979  5.409   1.00 12.76 ? 35   GLU A CB  1 
ATOM   253 C  CG  . GLU A 1 35 ? -4.754  -10.702 4.717   1.00 15.04 ? 35   GLU A CG  1 
ATOM   254 C  CD  . GLU A 1 35 ? -6.013  -10.773 5.584   1.00 30.10 ? 35   GLU A CD  1 
ATOM   255 O  OE1 . GLU A 1 35 ? -5.907  -10.925 6.843   1.00 31.70 ? 35   GLU A OE1 1 
ATOM   256 O  OE2 . GLU A 1 35 ? -7.141  -10.607 5.029   1.00 39.27 ? 35   GLU A OE2 1 
ATOM   257 N  N   . PHE A 1 36 ? -2.202  -6.916  6.294   1.00 8.93  ? 36   PHE A N   1 
ATOM   258 C  CA  . PHE A 1 36 ? -1.241  -6.224  7.127   1.00 8.40  ? 36   PHE A CA  1 
ATOM   259 C  C   . PHE A 1 36 ? -1.860  -5.137  7.977   1.00 7.60  ? 36   PHE A C   1 
ATOM   260 O  O   . PHE A 1 36 ? -1.265  -4.788  9.007   1.00 8.42  ? 36   PHE A O   1 
ATOM   261 C  CB  . PHE A 1 36 ? -0.128  -5.606  6.262   1.00 8.52  ? 36   PHE A CB  1 
ATOM   262 C  CG  . PHE A 1 36 ? 0.905   -4.869  7.033   1.00 8.38  ? 36   PHE A CG  1 
ATOM   263 C  CD1 . PHE A 1 36 ? 1.808   -5.544  7.869   1.00 9.85  ? 36   PHE A CD1 1 
ATOM   264 C  CD2 . PHE A 1 36 ? 0.956   -3.488  6.987   1.00 8.92  ? 36   PHE A CD2 1 
ATOM   265 C  CE1 . PHE A 1 36 ? 2.690   -4.841  8.646   1.00 10.83 ? 36   PHE A CE1 1 
ATOM   266 C  CE2 . PHE A 1 36 ? 1.862   -2.807  7.785   1.00 10.20 ? 36   PHE A CE2 1 
ATOM   267 C  CZ  . PHE A 1 36 ? 2.733   -3.454  8.555   1.00 10.63 ? 36   PHE A CZ  1 
ATOM   268 N  N   . VAL A 1 37 ? -2.919  -4.468  7.558   1.00 8.44  ? 37   VAL A N   1 
ATOM   269 C  CA  . VAL A 1 37 ? -3.254  -3.171  8.128   1.00 8.37  ? 37   VAL A CA  1 
ATOM   270 C  C   . VAL A 1 37 ? -3.386  -3.146  9.624   1.00 7.25  ? 37   VAL A C   1 
ATOM   271 O  O   . VAL A 1 37 ? -2.900  -2.223  10.254  1.00 7.89  ? 37   VAL A O   1 
ATOM   272 C  CB  A VAL A 1 37 ? -4.311  -2.477  6.012   0.50 11.74 ? 37   VAL A CB  1 
ATOM   273 C  CB  B VAL A 1 37 ? -5.351  -1.597  8.095   0.50 15.69 ? 37   VAL A CB  1 
ATOM   274 C  CG2 A VAL A 1 37 ? -5.731  -3.112  7.756   0.50 12.01 ? 37   VAL A CG2 1 
ATOM   275 C  CG2 B VAL A 1 37 ? -4.312  -2.412  5.884   0.50 19.98 ? 37   VAL A CG2 1 
ATOM   276 N  N   . ASP A 1 38 ? -4.015  -4.157  10.233  1.00 8.08  ? 38   ASP A N   1 
ATOM   277 C  CA  . ASP A 1 38 ? -4.250  -4.124  11.693  1.00 9.53  ? 38   ASP A CA  1 
ATOM   278 C  C   . ASP A 1 38 ? -2.922  -4.184  12.462  1.00 8.83  ? 38   ASP A C   1 
ATOM   279 O  O   . ASP A 1 38 ? -2.868  -3.820  13.640  1.00 9.87  ? 38   ASP A O   1 
ATOM   280 C  CB  . ASP A 1 38 ? -5.142  -5.255  12.124  1.00 10.14 ? 38   ASP A CB  1 
ATOM   281 C  CG  . ASP A 1 38 ? -6.619  -5.095  11.735  1.00 11.01 ? 38   ASP A CG  1 
ATOM   282 O  OD1 . ASP A 1 38 ? -6.989  -4.035  11.239  1.00 12.67 ? 38   ASP A OD1 1 
ATOM   283 O  OD2 . ASP A 1 38 ? -7.322  -6.090  11.999  1.00 14.14 ? 38   ASP A OD2 1 
ATOM   284 N  N   . LEU A 1 39 ? -1.823  -4.680  11.829  1.00 8.48  ? 39   LEU A N   1 
ATOM   285 C  CA  . LEU A 1 39 ? -0.510  -4.795  12.408  1.00 8.87  ? 39   LEU A CA  1 
ATOM   286 C  C   . LEU A 1 39 ? 0.325   -3.559  12.189  1.00 8.90  ? 39   LEU A C   1 
ATOM   287 O  O   . LEU A 1 39 ? 1.477   -3.506  12.634  1.00 11.19 ? 39   LEU A O   1 
ATOM   288 C  CB  . LEU A 1 39 ? 0.246   -6.009  11.820  1.00 9.64  ? 39   LEU A CB  1 
ATOM   289 C  CG  . LEU A 1 39 ? -0.280  -7.375  12.170  1.00 13.87 ? 39   LEU A CG  1 
ATOM   290 C  CD1 . LEU A 1 39 ? -0.325  -7.630  13.586  1.00 16.24 ? 39   LEU A CD1 1 
ATOM   291 C  CD2 . LEU A 1 39 ? -1.583  -7.833  11.587  1.00 18.57 ? 39   LEU A CD2 1 
ATOM   292 N  N   . HIS A 1 40 ? -0.176  -2.550  11.535  1.00 8.21  ? 40   HIS A N   1 
ATOM   293 C  CA  . HIS A 1 40 ? 0.609   -1.360  11.289  1.00 8.59  ? 40   HIS A CA  1 
ATOM   294 C  C   . HIS A 1 40 ? 0.993   -0.702  12.600  1.00 9.30  ? 40   HIS A C   1 
ATOM   295 O  O   . HIS A 1 40 ? 0.110   -0.433  13.426  1.00 11.28 ? 40   HIS A O   1 
ATOM   296 C  CB  . HIS A 1 40 ? -0.172  -0.354  10.448  1.00 7.71  ? 40   HIS A CB  1 
ATOM   297 C  CG  . HIS A 1 40 ? 0.610   0.865   10.094  1.00 7.37  ? 40   HIS A CG  1 
ATOM   298 N  ND1 . HIS A 1 40 ? 0.293   2.114   10.549  1.00 7.73  ? 40   HIS A ND1 1 
ATOM   299 C  CD2 . HIS A 1 40 ? 1.768   1.010   9.395   1.00 7.91  ? 40   HIS A CD2 1 
ATOM   300 C  CE1 . HIS A 1 40 ? 1.198   2.978   10.091  1.00 8.48  ? 40   HIS A CE1 1 
ATOM   301 N  NE2 . HIS A 1 40 ? 2.119   2.343   9.365   1.00 7.08  ? 40   HIS A NE2 1 
ATOM   302 N  N   . PRO A 1 41 ? 2.251   -0.396  12.837  1.00 9.99  ? 41   PRO A N   1 
ATOM   303 C  CA  . PRO A 1 41 ? 2.641   0.302   14.066  1.00 12.81 ? 41   PRO A CA  1 
ATOM   304 C  C   . PRO A 1 41 ? 1.833   1.611   14.341  1.00 17.39 ? 41   PRO A C   1 
ATOM   305 O  O   . PRO A 1 41 ? 1.723   2.344   13.416  1.00 18.18 ? 41   PRO A O   1 
ATOM   306 C  CB  . PRO A 1 41 ? 4.167   0.502   13.942  1.00 13.21 ? 41   PRO A CB  1 
ATOM   307 C  CG  . PRO A 1 41 ? 4.558   -0.695  13.175  1.00 11.01 ? 41   PRO A CG  1 
ATOM   308 C  CD  . PRO A 1 41 ? 3.444   -0.826  12.090  1.00 10.49 ? 41   PRO A CD  1 
ATOM   309 N  N   . GLY A 1 42 ? 1.223   1.729   15.557  1.00 19.48 ? 42   GLY A N   1 
ATOM   310 C  CA  . GLY A 1 42 ? 0.288   2.809   15.948  1.00 19.88 ? 42   GLY A CA  1 
ATOM   311 C  C   . GLY A 1 42 ? -1.162  2.558   15.506  1.00 18.98 ? 42   GLY A C   1 
ATOM   312 O  O   . GLY A 1 42 ? -2.090  3.339   15.775  1.00 21.51 ? 42   GLY A O   1 
ATOM   313 N  N   . GLY A 1 43 ? -1.396  1.530   14.791  1.00 17.81 ? 43   GLY A N   1 
ATOM   314 C  CA  . GLY A 1 43 ? -2.660  1.230   14.368  1.00 15.92 ? 43   GLY A CA  1 
ATOM   315 C  C   . GLY A 1 43 ? -2.911  1.546   12.907  1.00 11.41 ? 43   GLY A C   1 
ATOM   316 O  O   . GLY A 1 43 ? -2.163  2.235   12.172  1.00 11.57 ? 43   GLY A O   1 
ATOM   317 N  N   . PRO A 1 44 ? -3.962  0.944   12.469  1.00 9.71  ? 44   PRO A N   1 
ATOM   318 C  CA  . PRO A 1 44 ? -4.330  0.962   11.075  1.00 8.47  ? 44   PRO A CA  1 
ATOM   319 C  C   . PRO A 1 44 ? -4.852  2.255   10.595  1.00 7.55  ? 44   PRO A C   1 
ATOM   320 O  O   . PRO A 1 44 ? -4.803  2.489   9.392   1.00 8.51  ? 44   PRO A O   1 
ATOM   321 C  CB  . PRO A 1 44 ? -5.378  -0.147  10.978  1.00 11.62 ? 44   PRO A CB  1 
ATOM   322 C  CG  . PRO A 1 44 ? -5.918  -0.288  12.291  1.00 13.39 ? 44   PRO A CG  1 
ATOM   323 C  CD  . PRO A 1 44 ? -4.771  -0.071  13.244  1.00 12.38 ? 44   PRO A CD  1 
ATOM   324 N  N   . SER A 1 45 ? -5.437  3.119   11.422  1.00 7.58  ? 45   SER A N   1 
ATOM   325 C  CA  . SER A 1 45 ? -6.113  4.295   10.879  1.00 7.51  ? 45   SER A CA  1 
ATOM   326 C  C   . SER A 1 45 ? -5.127  5.220   10.144  1.00 7.72  ? 45   SER A C   1 
ATOM   327 O  O   . SER A 1 45 ? -5.528  5.832   9.139   1.00 8.23  ? 45   SER A O   1 
ATOM   328 C  CB  . SER A 1 45 ? -6.922  5.036   11.937  1.00 8.71  ? 45   SER A CB  1 
ATOM   329 N  N   . LYS A 1 46 ? -3.893  5.400   10.614  1.00 7.68  ? 46   LYS A N   1 
ATOM   330 C  CA  . LYS A 1 46 ? -2.953  6.230   9.877   1.00 8.85  ? 46   LYS A CA  1 
ATOM   331 C  C   . LYS A 1 46 ? -2.673  5.656   8.510   1.00 8.69  ? 46   LYS A C   1 
ATOM   332 O  O   . LYS A 1 46 ? -2.654  6.386   7.499   1.00 9.20  ? 46   LYS A O   1 
ATOM   333 C  CB  . LYS A 1 46 ? -1.679  6.361   10.665  1.00 13.15 ? 46   LYS A CB  1 
ATOM   334 C  CG  . LYS A 1 46 ? -1.754  7.484   11.601  1.00 18.62 ? 46   LYS A CG  1 
ATOM   335 C  CD  . LYS A 1 46 ? -0.925  8.580   10.917  1.00 27.42 ? 46   LYS A CD  1 
ATOM   336 C  CE  . LYS A 1 46 ? -0.208  9.365   11.985  1.00 27.70 ? 46   LYS A CE  1 
ATOM   337 N  NZ  . LYS A 1 46 ? -0.733  10.798  11.853  1.00 23.04 ? 46   LYS A NZ  1 
ATOM   338 N  N   . LEU A 1 47 ? -2.413  4.352   8.406   1.00 7.91  ? 47   LEU A N   1 
ATOM   339 C  CA  . LEU A 1 47 ? -2.164  3.705   7.154   1.00 7.92  ? 47   LEU A CA  1 
ATOM   340 C  C   . LEU A 1 47 ? -3.302  3.957   6.199   1.00 7.84  ? 47   LEU A C   1 
ATOM   341 O  O   . LEU A 1 47 ? -3.089  4.202   4.984   1.00 8.34  ? 47   LEU A O   1 
ATOM   342 C  CB  . LEU A 1 47 ? -1.897  2.195   7.393   1.00 8.28  ? 47   LEU A CB  1 
ATOM   343 C  CG  . LEU A 1 47 ? -1.639  1.322   6.169   1.00 8.02  ? 47   LEU A CG  1 
ATOM   344 C  CD1 . LEU A 1 47 ? -0.911  0.061   6.581   1.00 8.43  ? 47   LEU A CD1 1 
ATOM   345 C  CD2 . LEU A 1 47 ? -2.918  0.963   5.419   1.00 9.93  ? 47   LEU A CD2 1 
ATOM   346 N  N   . MET A 1 48 ? -4.534  3.887   6.699   1.00 7.39  ? 48   MET A N   1 
ATOM   347 C  CA  . MET A 1 48 ? -5.718  3.969   5.878   1.00 7.72  ? 48   MET A CA  1 
ATOM   348 C  C   . MET A 1 48 ? -5.873  5.319   5.207   1.00 7.56  ? 48   MET A C   1 
ATOM   349 O  O   . MET A 1 48 ? -6.617  5.400   4.220   1.00 8.64  ? 48   MET A O   1 
ATOM   350 C  CB  . MET A 1 48 ? -6.970  3.639   6.665   1.00 8.01  ? 48   MET A CB  1 
ATOM   351 C  CG  . MET A 1 48 ? -7.062  2.177   7.033   1.00 9.01  ? 48   MET A CG  1 
ATOM   352 S  SD  . MET A 1 48 ? -7.042  1.019   5.653   1.00 10.25 ? 48   MET A SD  1 
ATOM   353 C  CE  . MET A 1 48 ? -8.628  1.405   4.879   1.00 10.62 ? 48   MET A CE  1 
ATOM   354 N  N   . LEU A 1 49 ? -5.192  6.367   5.670   1.00 7.90  ? 49   LEU A N   1 
ATOM   355 C  CA  . LEU A 1 49 ? -5.187  7.640   4.942   1.00 8.78  ? 49   LEU A CA  1 
ATOM   356 C  C   . LEU A 1 49 ? -4.765  7.472   3.502   1.00 8.92  ? 49   LEU A C   1 
ATOM   357 O  O   . LEU A 1 49 ? -5.203  8.254   2.647   1.00 9.66  ? 49   LEU A O   1 
ATOM   358 C  CB  . LEU A 1 49 ? -4.319  8.630   5.667   1.00 8.51  ? 49   LEU A CB  1 
ATOM   359 C  CG  . LEU A 1 49 ? -4.778  9.152   6.997   1.00 10.24 ? 49   LEU A CG  1 
ATOM   360 C  CD1 . LEU A 1 49 ? -3.686  9.934   7.697   1.00 10.82 ? 49   LEU A CD1 1 
ATOM   361 C  CD2 . LEU A 1 49 ? -6.103  9.933   6.874   1.00 11.88 ? 49   LEU A CD2 1 
ATOM   362 N  N   . ALA A 1 50 ? -3.917  6.505   3.216   1.00 8.35  ? 50   ALA A N   1 
ATOM   363 C  CA  . ALA A 1 50 ? -3.387  6.286   1.879   1.00 8.69  ? 50   ALA A CA  1 
ATOM   364 C  C   . ALA A 1 50 ? -4.166  5.289   1.071   1.00 8.71  ? 50   ALA A C   1 
ATOM   365 O  O   . ALA A 1 50 ? -3.836  5.063   -0.088  1.00 9.40  ? 50   ALA A O   1 
ATOM   366 C  CB  . ALA A 1 50 ? -1.899  5.857   1.999   1.00 9.70  ? 50   ALA A CB  1 
ATOM   367 N  N   . ALA A 1 51 ? -5.181  4.641   1.645   1.00 8.87  ? 51   ALA A N   1 
ATOM   368 C  CA  . ALA A 1 51 ? -5.886  3.569   0.932   1.00 9.53  ? 51   ALA A CA  1 
ATOM   369 C  C   . ALA A 1 51 ? -6.371  4.009   -0.422  1.00 9.09  ? 51   ALA A C   1 
ATOM   370 O  O   . ALA A 1 51 ? -6.942  5.077   -0.592  1.00 10.71 ? 51   ALA A O   1 
ATOM   371 C  CB  . ALA A 1 51 ? -7.060  3.074   1.781   1.00 10.72 ? 51   ALA A CB  1 
ATOM   372 N  N   . GLY A 1 52 ? -6.193  3.137   -1.408  1.00 9.29  ? 52   GLY A N   1 
ATOM   373 C  CA  . GLY A 1 52 ? -6.641  3.390   -2.755  1.00 11.14 ? 52   GLY A CA  1 
ATOM   374 C  C   . GLY A 1 52 ? -5.724  4.239   -3.594  1.00 11.02 ? 52   GLY A C   1 
ATOM   375 O  O   . GLY A 1 52 ? -6.074  4.491   -4.752  1.00 15.34 ? 52   GLY A O   1 
ATOM   376 N  N   . GLY A 1 53 ? -4.562  4.618   -3.118  1.00 9.48  ? 53   GLY A N   1 
ATOM   377 C  CA  . GLY A 1 53 ? -3.701  5.535   -3.804  1.00 10.30 ? 53   GLY A CA  1 
ATOM   378 C  C   . GLY A 1 53 ? -2.242  5.379   -3.470  1.00 8.53  ? 53   GLY A C   1 
ATOM   379 O  O   . GLY A 1 53 ? -1.830  4.380   -2.852  1.00 8.54  ? 53   GLY A O   1 
ATOM   380 N  N   . PRO A 1 54 ? -1.438  6.352   -3.874  1.00 8.85  ? 54   PRO A N   1 
ATOM   381 C  CA  . PRO A 1 54 ? -0.002  6.259   -3.698  1.00 7.90  ? 54   PRO A CA  1 
ATOM   382 C  C   . PRO A 1 54 ? 0.405   6.513   -2.251  1.00 7.58  ? 54   PRO A C   1 
ATOM   383 O  O   . PRO A 1 54 ? -0.127  7.363   -1.509  1.00 8.29  ? 54   PRO A O   1 
ATOM   384 C  CB  . PRO A 1 54 ? 0.503   7.393   -4.586  1.00 9.80  ? 54   PRO A CB  1 
ATOM   385 C  CG  . PRO A 1 54 ? -0.624  8.419   -4.560  1.00 12.29 ? 54   PRO A CG  1 
ATOM   386 C  CD  . PRO A 1 54 ? -1.859  7.590   -4.605  1.00 10.01 ? 54   PRO A CD  1 
ATOM   387 N  N   . LEU A 1 55 ? 1.451   5.821   -1.830  1.00 7.07  ? 55   LEU A N   1 
ATOM   388 C  CA  . LEU A 1 55 ? 2.079   6.042   -0.530  1.00 6.41  ? 55   LEU A CA  1 
ATOM   389 C  C   . LEU A 1 55 ? 2.953   7.279   -0.523  1.00 6.87  ? 55   LEU A C   1 
ATOM   390 O  O   . LEU A 1 55 ? 3.129   7.889   0.565   1.00 7.25  ? 55   LEU A O   1 
ATOM   391 C  CB  . LEU A 1 55 ? 2.932   4.827   -0.110  1.00 7.47  ? 55   LEU A CB  1 
ATOM   392 C  CG  . LEU A 1 55 ? 2.116   3.558   0.174   1.00 6.66  ? 55   LEU A CG  1 
ATOM   393 C  CD1 . LEU A 1 55 ? 3.041   2.398   0.432   1.00 7.94  ? 55   LEU A CD1 1 
ATOM   394 C  CD2 . LEU A 1 55 ? 1.234   3.770   1.378   1.00 9.74  ? 55   LEU A CD2 1 
ATOM   395 N  N   . GLU A 1 56 ? 3.555   7.639   -1.626  1.00 7.06  ? 56   GLU A N   1 
ATOM   396 C  CA  . GLU A 1 56 ? 4.552   8.697   -1.655  1.00 7.80  ? 56   GLU A CA  1 
ATOM   397 C  C   . GLU A 1 56 ? 4.165   9.977   -0.929  1.00 7.21  ? 56   GLU A C   1 
ATOM   398 O  O   . GLU A 1 56 ? 4.999   10.497  -0.170  1.00 7.60  ? 56   GLU A O   1 
ATOM   399 C  CB  . GLU A 1 56 ? 4.999   9.072   -3.075  1.00 8.71  ? 56   GLU A CB  1 
ATOM   400 C  CG  . GLU A 1 56 ? 5.777   7.996   -3.807  1.00 9.64  ? 56   GLU A CG  1 
ATOM   401 C  CD  . GLU A 1 56 ? 4.997   6.940   -4.562  1.00 9.21  ? 56   GLU A CD  1 
ATOM   402 O  OE1 . GLU A 1 56 ? 3.856   6.639   -4.252  1.00 8.85  ? 56   GLU A OE1 1 
ATOM   403 O  OE2 . GLU A 1 56 ? 5.664   6.374   -5.498  1.00 10.08 ? 56   GLU A OE2 1 
ATOM   404 N  N   . PRO A 1 57 ? 2.974   10.546  -1.104  1.00 7.78  ? 57   PRO A N   1 
ATOM   405 C  CA  . PRO A 1 57 ? 2.702   11.846  -0.486  1.00 8.76  ? 57   PRO A CA  1 
ATOM   406 C  C   . PRO A 1 57 ? 2.660   11.745  1.040   1.00 8.57  ? 57   PRO A C   1 
ATOM   407 O  O   . PRO A 1 57 ? 2.774   12.790  1.701   1.00 10.87 ? 57   PRO A O   1 
ATOM   408 C  CB  . PRO A 1 57 ? 1.322   12.189  -0.970  1.00 11.27 ? 57   PRO A CB  1 
ATOM   409 C  CG  . PRO A 1 57 ? 1.011   11.325  -2.178  1.00 13.99 ? 57   PRO A CG  1 
ATOM   410 C  CD  . PRO A 1 57 ? 1.894   10.151  -1.987  1.00 8.40  ? 57   PRO A CD  1 
ATOM   411 N  N   . PHE A 1 58 ? 2.428   10.569  1.602   1.00 7.83  ? 58   PHE A N   1 
ATOM   412 C  CA  . PHE A 1 58 ? 2.335   10.314  3.038   1.00 8.08  ? 58   PHE A CA  1 
ATOM   413 C  C   . PHE A 1 58 ? 3.663   9.879   3.592   1.00 7.79  ? 58   PHE A C   1 
ATOM   414 O  O   . PHE A 1 58 ? 4.180   10.431  4.615   1.00 8.66  ? 58   PHE A O   1 
ATOM   415 C  CB  . PHE A 1 58 ? 1.292   9.245   3.342   1.00 7.67  ? 58   PHE A CB  1 
ATOM   416 C  CG  . PHE A 1 58 ? -0.096  9.648   2.951   1.00 8.74  ? 58   PHE A CG  1 
ATOM   417 C  CD1 . PHE A 1 58 ? -0.629  9.341   1.706   1.00 10.16 ? 58   PHE A CD1 1 
ATOM   418 C  CD2 . PHE A 1 58 ? -0.878  10.422  3.863   1.00 9.05  ? 58   PHE A CD2 1 
ATOM   419 C  CE1 . PHE A 1 58 ? -1.904  9.788   1.357   1.00 12.07 ? 58   PHE A CE1 1 
ATOM   420 C  CE2 . PHE A 1 58 ? -2.112  10.818  3.460   1.00 11.58 ? 58   PHE A CE2 1 
ATOM   421 C  CZ  . PHE A 1 58 ? -2.641  10.540  2.220   1.00 11.88 ? 58   PHE A CZ  1 
ATOM   422 N  N   . TRP A 1 59 ? 4.333   8.910   2.950   1.00 7.92  ? 59   TRP A N   1 
ATOM   423 C  CA  . TRP A 1 59 ? 5.615   8.411   3.379   1.00 7.64  ? 59   TRP A CA  1 
ATOM   424 C  C   . TRP A 1 59 ? 6.693   9.499   3.374   1.00 7.00  ? 59   TRP A C   1 
ATOM   425 O  O   . TRP A 1 59 ? 7.631   9.427   4.141   1.00 8.08  ? 59   TRP A O   1 
ATOM   426 C  CB  . TRP A 1 59 ? 6.061   7.222   2.592   1.00 7.60  ? 59   TRP A CB  1 
ATOM   427 C  CG  . TRP A 1 59 ? 5.494   5.901   3.027   1.00 7.47  ? 59   TRP A CG  1 
ATOM   428 C  CD1 . TRP A 1 59 ? 4.446   5.670   3.877   1.00 7.63  ? 59   TRP A CD1 1 
ATOM   429 C  CD2 . TRP A 1 59 ? 5.973   4.610   2.660   1.00 6.55  ? 59   TRP A CD2 1 
ATOM   430 N  NE1 . TRP A 1 59 ? 4.281   4.351   4.108   1.00 8.01  ? 59   TRP A NE1 1 
ATOM   431 C  CE2 . TRP A 1 59 ? 5.226   3.660   3.389   1.00 7.42  ? 59   TRP A CE2 1 
ATOM   432 C  CE3 . TRP A 1 59 ? 6.977   4.141   1.823   1.00 7.51  ? 59   TRP A CE3 1 
ATOM   433 C  CZ2 . TRP A 1 59 ? 5.459   2.312   3.301   1.00 7.93  ? 59   TRP A CZ2 1 
ATOM   434 C  CZ3 . TRP A 1 59 ? 7.236   2.809   1.735   1.00 8.21  ? 59   TRP A CZ3 1 
ATOM   435 C  CH2 . TRP A 1 59 ? 6.490   1.897   2.494   1.00 8.59  ? 59   TRP A CH2 1 
ATOM   436 N  N   . ALA A 1 60 ? 6.546   10.510  2.563   1.00 8.02  ? 60   ALA A N   1 
ATOM   437 C  CA  . ALA A 1 60 ? 7.459   11.624  2.526   1.00 8.23  ? 60   ALA A CA  1 
ATOM   438 C  C   . ALA A 1 60 ? 7.655   12.252  3.894   1.00 8.11  ? 60   ALA A C   1 
ATOM   439 O  O   . ALA A 1 60 ? 8.754   12.732  4.219   1.00 9.34  ? 60   ALA A O   1 
ATOM   440 C  CB  . ALA A 1 60 ? 6.990   12.716  1.564   1.00 8.83  ? 60   ALA A CB  1 
ATOM   441 N  N   . LEU A 1 61 ? 6.600   12.253  4.722   1.00 6.86  ? 61   LEU A N   1 
ATOM   442 C  CA  . LEU A 1 61 ? 6.628   12.851  6.063   1.00 7.38  ? 61   LEU A CA  1 
ATOM   443 C  C   . LEU A 1 61 ? 7.061   11.906  7.147   1.00 7.27  ? 61   LEU A C   1 
ATOM   444 O  O   . LEU A 1 61 ? 7.189   12.320  8.283   1.00 8.82  ? 61   LEU A O   1 
ATOM   445 C  CD1 A LEU A 1 61 ? 5.445   15.786  6.689   0.50 12.35 ? 61   LEU A CD1 1 
ATOM   446 C  CD1 B LEU A 1 61 ? 4.548   14.540  4.228   0.50 17.98 ? 61   LEU A CD1 1 
ATOM   447 C  CD2 A LEU A 1 61 ? 4.648   14.695  4.388   0.50 7.74  ? 61   LEU A CD2 1 
ATOM   448 C  CD2 B LEU A 1 61 ? 3.889   15.513  6.491   0.50 10.29 ? 61   LEU A CD2 1 
ATOM   449 N  N   . TYR A 1 62 ? 7.276   10.633  6.788   1.00 7.12  ? 62   TYR A N   1 
ATOM   450 C  CA  . TYR A 1 62 ? 7.569   9.571   7.750   1.00 7.23  ? 62   TYR A CA  1 
ATOM   451 C  C   . TYR A 1 62 ? 8.735   8.735   7.280   1.00 7.34  ? 62   TYR A C   1 
ATOM   452 O  O   . TYR A 1 62 ? 8.585   7.643   6.734   1.00 6.93  ? 62   TYR A O   1 
ATOM   453 C  CB  . TYR A 1 62 ? 6.306   8.728   7.991   1.00 8.13  ? 62   TYR A CB  1 
ATOM   454 C  CG  . TYR A 1 62 ? 5.233   9.489   8.698   1.00 8.25  ? 62   TYR A CG  1 
ATOM   455 C  CD1 . TYR A 1 62 ? 5.289   9.617   10.099  1.00 11.56 ? 62   TYR A CD1 1 
ATOM   456 C  CD2 . TYR A 1 62 ? 4.174   10.085  8.079   1.00 8.40  ? 62   TYR A CD2 1 
ATOM   457 C  CE1 . TYR A 1 62 ? 4.344   10.353  10.775  1.00 12.44 ? 62   TYR A CE1 1 
ATOM   458 C  CE2 . TYR A 1 62 ? 3.201   10.788  8.746   1.00 9.53  ? 62   TYR A CE2 1 
ATOM   459 C  CZ  . TYR A 1 62 ? 3.272   10.907  10.086  1.00 11.03 ? 62   TYR A CZ  1 
ATOM   460 O  OH  . TYR A 1 62 ? 2.314   11.579  10.850  1.00 13.53 ? 62   TYR A OH  1 
ATOM   461 N  N   . ALA A 1 63 ? 9.946   9.272   7.516   1.00 8.33  ? 63   ALA A N   1 
ATOM   462 C  CA  . ALA A 1 63 ? 11.162  8.622   7.095   1.00 8.60  ? 63   ALA A CA  1 
ATOM   463 C  C   . ALA A 1 63 ? 11.463  7.332   7.827   1.00 8.03  ? 63   ALA A C   1 
ATOM   464 O  O   . ALA A 1 63 ? 12.319  6.571   7.335   1.00 8.53  ? 63   ALA A O   1 
ATOM   465 C  CB  . ALA A 1 63 ? 12.338  9.567   7.190   1.00 9.53  ? 63   ALA A CB  1 
ATOM   466 N  N   . VAL A 1 64 ? 10.729  6.942   8.828   1.00 8.03  ? 64   VAL A N   1 
ATOM   467 C  CA  . VAL A 1 64 ? 10.827  5.596   9.403   1.00 8.74  ? 64   VAL A CA  1 
ATOM   468 C  C   . VAL A 1 64 ? 10.514  4.522   8.329   1.00 7.61  ? 64   VAL A C   1 
ATOM   469 O  O   . VAL A 1 64 ? 10.979  3.399   8.480   1.00 8.85  ? 64   VAL A O   1 
ATOM   470 C  CB  . VAL A 1 64 ? 9.831   5.468   10.571  1.00 11.13 ? 64   VAL A CB  1 
ATOM   471 C  CG1 . VAL A 1 64 ? 8.375   5.445   10.162  1.00 11.52 ? 64   VAL A CG1 1 
ATOM   472 C  CG2 . VAL A 1 64 ? 10.198  4.258   11.432  1.00 13.82 ? 64   VAL A CG2 1 
ATOM   473 N  N   . HIS A 1 65 ? 9.798   4.841   7.268   1.00 7.14  ? 65   HIS A N   1 
ATOM   474 C  CA  . HIS A 1 65 ? 9.568   3.882   6.212   1.00 6.51  ? 65   HIS A CA  1 
ATOM   475 C  C   . HIS A 1 65 ? 10.763  3.660   5.282   1.00 7.03  ? 65   HIS A C   1 
ATOM   476 O  O   . HIS A 1 65 ? 10.746  2.769   4.452   1.00 7.32  ? 65   HIS A O   1 
ATOM   477 C  CB  . HIS A 1 65 ? 8.302   4.226   5.402   1.00 6.63  ? 65   HIS A CB  1 
ATOM   478 C  CG  . HIS A 1 65 ? 7.087   4.332   6.224   1.00 5.98  ? 65   HIS A CG  1 
ATOM   479 N  ND1 . HIS A 1 65 ? 6.657   5.534   6.758   1.00 6.80  ? 65   HIS A ND1 1 
ATOM   480 C  CD2 . HIS A 1 65 ? 6.220   3.396   6.703   1.00 6.73  ? 65   HIS A CD2 1 
ATOM   481 C  CE1 . HIS A 1 65 ? 5.546   5.276   7.465   1.00 6.50  ? 65   HIS A CE1 1 
ATOM   482 N  NE2 . HIS A 1 65 ? 5.217   3.999   7.429   1.00 6.81  ? 65   HIS A NE2 1 
ATOM   483 N  N   . ASN A 1 66 ? 11.797  4.513   5.425   1.00 7.39  ? 66   ASN A N   1 
ATOM   484 C  CA  . ASN A 1 66 ? 12.952  4.448   4.575   1.00 7.81  ? 66   ASN A CA  1 
ATOM   485 C  C   . ASN A 1 66 ? 14.016  3.509   5.134   1.00 7.90  ? 66   ASN A C   1 
ATOM   486 O  O   . ASN A 1 66 ? 15.107  3.920   5.508   1.00 9.77  ? 66   ASN A O   1 
ATOM   487 C  CB  . ASN A 1 66 ? 13.511  5.864   4.325   1.00 8.52  ? 66   ASN A CB  1 
ATOM   488 C  CG  . ASN A 1 66 ? 12.468  6.782   3.736   1.00 8.33  ? 66   ASN A CG  1 
ATOM   489 O  OD1 . ASN A 1 66 ? 11.487  6.303   3.128   1.00 10.80 ? 66   ASN A OD1 1 
ATOM   490 N  ND2 . ASN A 1 66 ? 12.671  8.071   3.791   1.00 8.80  ? 66   ASN A ND2 1 
ATOM   491 N  N   . GLN A 1 67 ? 13.630  2.247   5.239   1.00 7.54  ? 67   GLN A N   1 
ATOM   492 C  CA  . GLN A 1 67 ? 14.440  1.162   5.765   1.00 7.40  ? 67   GLN A CA  1 
ATOM   493 C  C   . GLN A 1 67 ? 14.253  -0.030  4.859   1.00 7.01  ? 67   GLN A C   1 
ATOM   494 O  O   . GLN A 1 67 ? 13.146  -0.279  4.366   1.00 7.34  ? 67   GLN A O   1 
ATOM   495 C  CB  . GLN A 1 67 ? 14.073  0.772   7.163   1.00 8.80  ? 67   GLN A CB  1 
ATOM   496 C  CG  . GLN A 1 67 ? 14.238  1.858   8.216   1.00 9.56  ? 67   GLN A CG  1 
ATOM   497 C  CD  . GLN A 1 67 ? 13.833  1.373   9.548   1.00 9.08  ? 67   GLN A CD  1 
ATOM   498 O  OE1 . GLN A 1 67 ? 14.563  0.529   10.138  1.00 11.99 ? 67   GLN A OE1 1 
ATOM   499 N  NE2 . GLN A 1 67 ? 12.695  1.766   10.067  1.00 10.37 ? 67   GLN A NE2 1 
ATOM   500 N  N   . SER A 1 68 ? 15.310  -0.820  4.617   1.00 7.02  ? 68   SER A N   1 
ATOM   501 C  CA  . SER A 1 68 ? 15.183  -1.971  3.737   1.00 7.20  ? 68   SER A CA  1 
ATOM   502 C  C   . SER A 1 68 ? 14.130  -2.951  4.219   1.00 6.22  ? 68   SER A C   1 
ATOM   503 O  O   . SER A 1 68 ? 13.431  -3.547  3.385   1.00 7.17  ? 68   SER A O   1 
ATOM   504 C  CB  . SER A 1 68 ? 16.525  -2.672  3.543   1.00 8.18  ? 68   SER A CB  1 
ATOM   505 O  OG  . SER A 1 68 ? 16.992  -3.304  4.692   1.00 10.44 ? 68   SER A OG  1 
ATOM   506 N  N   . HIS A 1 69 ? 13.961  -3.135  5.523   1.00 6.42  ? 69   HIS A N   1 
ATOM   507 C  CA  . HIS A 1 69 ? 12.991  -4.125  5.993   1.00 6.52  ? 69   HIS A CA  1 
ATOM   508 C  C   . HIS A 1 69 ? 11.583  -3.689  5.661   1.00 6.56  ? 69   HIS A C   1 
ATOM   509 O  O   . HIS A 1 69 ? 10.734  -4.514  5.286   1.00 6.99  ? 69   HIS A O   1 
ATOM   510 C  CB  . HIS A 1 69 ? 13.120  -4.429  7.486   1.00 7.11  ? 69   HIS A CB  1 
ATOM   511 C  CG  . HIS A 1 69 ? 12.377  -3.503  8.399   1.00 8.55  ? 69   HIS A CG  1 
ATOM   512 N  ND1 . HIS A 1 69 ? 11.073  -3.771  8.754   1.00 8.94  ? 69   HIS A ND1 1 
ATOM   513 C  CD2 . HIS A 1 69 ? 12.734  -2.417  9.101   1.00 9.42  ? 69   HIS A CD2 1 
ATOM   514 C  CE1 . HIS A 1 69 ? 10.680  -2.824  9.601   1.00 9.07  ? 69   HIS A CE1 1 
ATOM   515 N  NE2 . HIS A 1 69 ? 11.691  -2.005  9.836   1.00 9.87  ? 69   HIS A NE2 1 
ATOM   516 N  N   . VAL A 1 70 ? 11.286  -2.383  5.713   1.00 5.86  ? 70   VAL A N   1 
ATOM   517 C  CA  . VAL A 1 70 ? 9.947   -1.900  5.409   1.00 6.17  ? 70   VAL A CA  1 
ATOM   518 C  C   . VAL A 1 70 ? 9.606   -2.131  3.963   1.00 6.15  ? 70   VAL A C   1 
ATOM   519 O  O   . VAL A 1 70 ? 8.519   -2.534  3.581   1.00 6.87  ? 70   VAL A O   1 
ATOM   520 C  CB  . VAL A 1 70 ? 9.797   -0.408  5.771   1.00 6.47  ? 70   VAL A CB  1 
ATOM   521 C  CG1 . VAL A 1 70 ? 8.452   0.126   5.345   1.00 7.28  ? 70   VAL A CG1 1 
ATOM   522 C  CG2 . VAL A 1 70 ? 10.040  -0.176  7.271   1.00 7.32  ? 70   VAL A CG2 1 
ATOM   523 N  N   . ARG A 1 71 ? 10.600  -1.862  3.099   1.00 6.88  ? 71   ARG A N   1 
ATOM   524 C  CA  . ARG A 1 71 ? 10.356  -2.024  1.658   1.00 7.22  ? 71   ARG A CA  1 
ATOM   525 C  C   . ARG A 1 71 ? 10.133  -3.477  1.252   1.00 6.90  ? 71   ARG A C   1 
ATOM   526 O  O   . ARG A 1 71 ? 9.298   -3.754  0.399   1.00 7.69  ? 71   ARG A O   1 
ATOM   527 C  CB  . ARG A 1 71 ? 11.503  -1.415  0.870   1.00 8.34  ? 71   ARG A CB  1 
ATOM   528 C  CG  . ARG A 1 71 ? 11.726  0.050   1.180   1.00 9.85  ? 71   ARG A CG  1 
ATOM   529 C  CD  . ARG A 1 71 ? 10.455  0.910   1.316   1.00 9.86  ? 71   ARG A CD  1 
ATOM   530 N  NE  . ARG A 1 71 ? 10.716  2.303   1.592   1.00 9.94  ? 71   ARG A NE  1 
ATOM   531 C  CZ  . ARG A 1 71 ? 10.921  3.228   0.682   1.00 10.61 ? 71   ARG A CZ  1 
ATOM   532 N  NH1 . ARG A 1 71 ? 10.872  2.917   -0.601  1.00 11.56 ? 71   ARG A NH1 1 
ATOM   533 N  NH2 . ARG A 1 71 ? 11.143  4.474   1.048   1.00 11.95 ? 71   ARG A NH2 1 
ATOM   534 N  N   . GLU A 1 72 ? 10.882  -4.404  1.875   1.00 7.02  ? 72   GLU A N   1 
ATOM   535 C  CA  . GLU A 1 72 ? 10.696  -5.800  1.549   1.00 7.25  ? 72   GLU A CA  1 
ATOM   536 C  C   . GLU A 1 72 ? 9.408   -6.343  2.192   1.00 6.60  ? 72   GLU A C   1 
ATOM   537 O  O   . GLU A 1 72 ? 8.728   -7.182  1.589   1.00 7.67  ? 72   GLU A O   1 
ATOM   538 C  CB  . GLU A 1 72 ? 11.907  -6.631  1.891   1.00 8.42  ? 72   GLU A CB  1 
ATOM   539 C  CG  . GLU A 1 72 ? 11.852  -8.103  1.353   1.00 10.41 ? 72   GLU A CG  1 
ATOM   540 C  CD  . GLU A 1 72 ? 11.528  -8.252  -0.174  1.00 11.56 ? 72   GLU A CD  1 
ATOM   541 O  OE1 . GLU A 1 72 ? 11.879  -7.348  -0.972  1.00 11.80 ? 72   GLU A OE1 1 
ATOM   542 O  OE2 . GLU A 1 72 ? 11.038  -9.343  -0.549  1.00 15.38 ? 72   GLU A OE2 1 
ATOM   543 N  N   . LEU A 1 73 ? 9.021   -5.825  3.369   1.00 6.20  ? 73   LEU A N   1 
ATOM   544 C  CA  . LEU A 1 73 ? 7.751   -6.183  3.950   1.00 6.81  ? 73   LEU A CA  1 
ATOM   545 C  C   . LEU A 1 73 ? 6.604   -5.853  3.009   1.00 6.41  ? 73   LEU A C   1 
ATOM   546 O  O   . LEU A 1 73 ? 5.762   -6.663  2.681   1.00 7.21  ? 73   LEU A O   1 
ATOM   547 C  CB  . LEU A 1 73 ? 7.578   -5.505  5.314   1.00 7.81  ? 73   LEU A CB  1 
ATOM   548 C  CG  . LEU A 1 73 ? 6.252   -5.753  6.037   1.00 9.27  ? 73   LEU A CG  1 
ATOM   549 C  CD1 . LEU A 1 73 ? 6.487   -5.537  7.580   1.00 11.59 ? 73   LEU A CD1 1 
ATOM   550 C  CD2 . LEU A 1 73 ? 5.147   -4.861  5.604   1.00 9.63  ? 73   LEU A CD2 1 
ATOM   551 N  N   . LEU A 1 74 ? 6.627   -4.606  2.486   1.00 6.58  ? 74   LEU A N   1 
ATOM   552 C  CA  . LEU A 1 74 ? 5.609   -4.197  1.546   1.00 6.37  ? 74   LEU A CA  1 
ATOM   553 C  C   . LEU A 1 74 ? 5.590   -5.089  0.311   1.00 6.68  ? 74   LEU A C   1 
ATOM   554 O  O   . LEU A 1 74 ? 4.530   -5.426  -0.193  1.00 7.51  ? 74   LEU A O   1 
ATOM   555 C  CB  . LEU A 1 74 ? 5.834   -2.727  1.167   1.00 7.56  ? 74   LEU A CB  1 
ATOM   556 C  CG  . LEU A 1 74 ? 4.848   -2.139  0.176   1.00 7.42  ? 74   LEU A CG  1 
ATOM   557 C  CD1 . LEU A 1 74 ? 3.405   -2.147  0.638   1.00 9.32  ? 74   LEU A CD1 1 
ATOM   558 C  CD2 . LEU A 1 74 ? 5.267   -0.723  -0.247  1.00 9.95  ? 74   LEU A CD2 1 
ATOM   559 N  N   . ALA A 1 75 ? 6.780   -5.444  -0.197  1.00 6.86  ? 75   ALA A N   1 
ATOM   560 C  CA  . ALA A 1 75 ? 6.878   -6.299  -1.365  1.00 7.56  ? 75   ALA A CA  1 
ATOM   561 C  C   . ALA A 1 75 ? 6.166   -7.608  -1.218  1.00 7.18  ? 75   ALA A C   1 
ATOM   562 O  O   . ALA A 1 75 ? 5.745   -8.170  -2.231  1.00 8.48  ? 75   ALA A O   1 
ATOM   563 C  CB  . ALA A 1 75 ? 8.370   -6.557  -1.666  1.00 8.25  ? 75   ALA A CB  1 
ATOM   564 N  N   . GLN A 1 76 ? 5.945   -8.131  -0.007  1.00 7.39  ? 76   GLN A N   1 
ATOM   565 C  CA  . GLN A 1 76 ? 5.249   -9.373  0.153   1.00 7.63  ? 76   GLN A CA  1 
ATOM   566 C  C   . GLN A 1 76 ? 3.810   -9.255  -0.261  1.00 7.88  ? 76   GLN A C   1 
ATOM   567 O  O   . GLN A 1 76 ? 3.162   -10.291 -0.515  1.00 11.04 ? 76   GLN A O   1 
ATOM   568 C  CB  . GLN A 1 76 ? 5.315   -9.845  1.631   1.00 8.27  ? 76   GLN A CB  1 
ATOM   569 C  CG  . GLN A 1 76 ? 6.693   -9.985  2.192   1.00 9.09  ? 76   GLN A CG  1 
ATOM   570 C  CD  . GLN A 1 76 ? 7.637   -10.704 1.322   1.00 9.19  ? 76   GLN A CD  1 
ATOM   571 O  OE1 . GLN A 1 76 ? 7.425   -11.908 1.050   1.00 11.73 ? 76   GLN A OE1 1 
ATOM   572 N  NE2 . GLN A 1 76 ? 8.665   -10.022 0.832   1.00 9.64  ? 76   GLN A NE2 1 
ATOM   573 N  N   . TYR A 1 77 ? 3.275   -8.071  -0.371  1.00 7.65  ? 77   TYR A N   1 
ATOM   574 C  CA  . TYR A 1 77 ? 1.883   -7.807  -0.685  1.00 7.67  ? 77   TYR A CA  1 
ATOM   575 C  C   . TYR A 1 77 ? 1.672   -7.367  -2.121  1.00 8.29  ? 77   TYR A C   1 
ATOM   576 O  O   . TYR A 1 77 ? 0.585   -7.005  -2.508  1.00 8.54  ? 77   TYR A O   1 
ATOM   577 C  CB  . TYR A 1 77 ? 1.331   -6.784  0.318   1.00 7.28  ? 77   TYR A CB  1 
ATOM   578 C  CG  . TYR A 1 77 ? 1.343   -7.313  1.736   1.00 7.91  ? 77   TYR A CG  1 
ATOM   579 C  CD1 . TYR A 1 77 ? 0.350   -8.083  2.242   1.00 9.04  ? 77   TYR A CD1 1 
ATOM   580 C  CD2 . TYR A 1 77 ? 2.409   -7.021  2.576   1.00 7.92  ? 77   TYR A CD2 1 
ATOM   581 C  CE1 . TYR A 1 77 ? 0.410   -8.606  3.512   1.00 9.61  ? 77   TYR A CE1 1 
ATOM   582 C  CE2 . TYR A 1 77 ? 2.482   -7.521  3.856   1.00 8.88  ? 77   TYR A CE2 1 
ATOM   583 C  CZ  . TYR A 1 77 ? 1.482   -8.310  4.320   1.00 7.97  ? 77   TYR A CZ  1 
ATOM   584 O  OH  . TYR A 1 77 ? 1.554   -8.805  5.625   1.00 9.51  ? 77   TYR A OH  1 
ATOM   585 N  N   . LYS A 1 78 ? 2.734   -7.400  -2.955  1.00 8.41  ? 78   LYS A N   1 
ATOM   586 C  CA  . LYS A 1 78 ? 2.608   -6.936  -4.354  1.00 8.24  ? 78   LYS A CA  1 
ATOM   587 C  C   . LYS A 1 78 ? 1.653   -7.824  -5.108  1.00 9.66  ? 78   LYS A C   1 
ATOM   588 O  O   . LYS A 1 78 ? 1.713   -9.066  -5.022  1.00 10.76 ? 78   LYS A O   1 
ATOM   589 C  CB  . LYS A 1 78 ? 3.973   -6.962  -5.016  1.00 9.62  ? 78   LYS A CB  1 
ATOM   590 C  CG  . LYS A 1 78 ? 3.917   -6.417  -6.441  1.00 11.31 ? 78   LYS A CG  1 
ATOM   591 C  CD  . LYS A 1 78 ? 5.305   -6.306  -7.091  1.00 12.60 ? 78   LYS A CD  1 
ATOM   592 C  CE  . LYS A 1 78 ? 5.141   -5.916  -8.544  1.00 15.57 ? 78   LYS A CE  1 
ATOM   593 N  NZ  . LYS A 1 78 ? 6.495   -5.874  -9.254  1.00 16.15 ? 78   LYS A NZ  1 
ATOM   594 N  N   . ILE A 1 79 ? 0.769   -7.217  -5.883  1.00 9.08  ? 79   ILE A N   1 
ATOM   595 C  CA  . ILE A 1 79 ? -0.168  -7.907  -6.777  1.00 10.12 ? 79   ILE A CA  1 
ATOM   596 C  C   . ILE A 1 79 ? 0.010   -7.555  -8.231  1.00 10.46 ? 79   ILE A C   1 
ATOM   597 O  O   . ILE A 1 79 ? -0.522  -8.255  -9.098  1.00 12.94 ? 79   ILE A O   1 
ATOM   598 C  CB  . ILE A 1 79 ? -1.623  -7.730  -6.352  1.00 11.54 ? 79   ILE A CB  1 
ATOM   599 C  CG1 . ILE A 1 79 ? -2.064  -6.285  -6.330  1.00 11.67 ? 79   ILE A CG1 1 
ATOM   600 C  CG2 . ILE A 1 79 ? -1.866  -8.450  -4.992  1.00 12.85 ? 79   ILE A CG2 1 
ATOM   601 C  CD1 . ILE A 1 79 ? -3.578  -6.143  -6.163  1.00 12.21 ? 79   ILE A CD1 1 
ATOM   602 N  N   . GLY A 1 80 ? 0.745   -6.499  -8.573  1.00 10.35 ? 80   GLY A N   1 
ATOM   603 C  CA  . GLY A 1 80 ? 0.919   -6.114  -9.953  1.00 11.52 ? 80   GLY A CA  1 
ATOM   604 C  C   . GLY A 1 80 ? 1.469   -4.721  -10.064 1.00 11.03 ? 80   GLY A C   1 
ATOM   605 O  O   . GLY A 1 80 ? 2.144   -4.248  -9.155  1.00 10.48 ? 80   GLY A O   1 
ATOM   606 N  N   . GLU A 1 81 ? 1.190   -4.084  -11.205 1.00 12.09 ? 81   GLU A N   1 
ATOM   607 C  CA  . GLU A 1 81 ? 1.728   -2.817  -11.539 1.00 12.88 ? 81   GLU A CA  1 
ATOM   608 C  C   . GLU A 1 81 ? 0.694   -1.938  -12.181 1.00 12.91 ? 81   GLU A C   1 
ATOM   609 O  O   . GLU A 1 81 ? -0.287  -2.435  -12.727 1.00 14.10 ? 81   GLU A O   1 
ATOM   610 C  CB  . GLU A 1 81 ? 2.994   -2.971  -12.416 1.00 14.97 ? 81   GLU A CB  1 
ATOM   611 C  CG  . GLU A 1 81 ? 4.055   -3.765  -11.725 1.00 16.03 ? 81   GLU A CG  1 
ATOM   612 C  CD  . GLU A 1 81 ? 5.379   -3.940  -12.420 1.00 20.41 ? 81   GLU A CD  1 
ATOM   613 O  OE1 . GLU A 1 81 ? 5.575   -3.381  -13.549 1.00 25.35 ? 81   GLU A OE1 1 
ATOM   614 O  OE2 . GLU A 1 81 ? 6.246   -4.678  -11.856 1.00 24.09 ? 81   GLU A OE2 1 
ATOM   615 N  N   . LEU A 1 82 ? 0.945   -0.641  -12.219 1.00 14.85 ? 82   LEU A N   1 
ATOM   616 C  CA  . LEU A 1 82 ? 0.201   0.344   -12.998 1.00 17.68 ? 82   LEU A CA  1 
ATOM   617 C  C   . LEU A 1 82 ? 0.841   0.377   -14.397 1.00 21.87 ? 82   LEU A C   1 
ATOM   618 O  O   . LEU A 1 82 ? 2.041   0.181   -14.575 1.00 23.22 ? 82   LEU A O   1 
ATOM   619 C  CB  . LEU A 1 82 ? 0.390   1.730   -12.409 1.00 18.42 ? 82   LEU A CB  1 
ATOM   620 C  CG  . LEU A 1 82 ? -0.183  1.941   -11.014 1.00 17.87 ? 82   LEU A CG  1 
ATOM   621 C  CD1 . LEU A 1 82 ? 0.195   3.287   -10.501 1.00 20.44 ? 82   LEU A CD1 1 
ATOM   622 C  CD2 . LEU A 1 82 ? -1.572  1.771   -11.015 1.00 21.70 ? 82   LEU A CD2 1 
ATOM   623 O  OXT . LEU A 1 82 ? 0.136   0.722   -15.311 1.00 29.03 ? 82   LEU A OXT 1 
HETATM 624 S  S   . SO4 B 2 .  ? 18.609  -0.456  6.420   1.00 15.84 ? 83   SO4 A S   1 
HETATM 625 O  O1  . SO4 B 2 .  ? 18.906  -1.731  5.674   1.00 19.61 ? 83   SO4 A O1  1 
HETATM 626 O  O2  . SO4 B 2 .  ? 17.582  0.269   5.885   1.00 20.94 ? 83   SO4 A O2  1 
HETATM 627 O  O3  . SO4 B 2 .  ? 18.148  -1.078  7.693   1.00 23.44 ? 83   SO4 A O3  1 
HETATM 628 O  O4  . SO4 B 2 .  ? 19.831  0.271   6.706   1.00 20.82 ? 83   SO4 A O4  1 
HETATM 629 C  CHA . HEM C 3 .  ? 5.631   2.857   11.122  1.00 8.49  ? 502  HEM A CHA 1 
HETATM 630 C  CHB . HEM C 3 .  ? 4.671   0.012   7.380   1.00 7.50  ? 502  HEM A CHB 1 
HETATM 631 C  CHC . HEM C 3 .  ? 1.625   3.343   5.710   1.00 6.01  ? 502  HEM A CHC 1 
HETATM 632 C  CHD . HEM C 3 .  ? 2.751   6.254   9.373   1.00 7.63  ? 502  HEM A CHD 1 
HETATM 633 C  C1A . HEM C 3 .  ? 5.695   1.830   10.236  1.00 7.37  ? 502  HEM A C1A 1 
HETATM 634 C  C2A . HEM C 3 .  ? 6.514   0.606   10.369  1.00 7.85  ? 502  HEM A C2A 1 
HETATM 635 C  C3A . HEM C 3 .  ? 6.190   -0.198  9.350   1.00 7.78  ? 502  HEM A C3A 1 
HETATM 636 C  C4A . HEM C 3 .  ? 5.213   0.526   8.532   1.00 7.25  ? 502  HEM A C4A 1 
HETATM 637 C  CMA . HEM C 3 .  ? 6.713   -1.580  9.049   1.00 9.01  ? 502  HEM A CMA 1 
HETATM 638 C  CAA . HEM C 3 .  ? 7.519   0.371   11.490  1.00 9.21  ? 502  HEM A CAA 1 
HETATM 639 C  CBA . HEM C 3 .  ? 8.954   0.641   11.046  1.00 9.97  ? 502  HEM A CBA 1 
HETATM 640 C  CGA . HEM C 3 .  ? 10.003  0.457   12.075  1.00 10.71 ? 502  HEM A CGA 1 
HETATM 641 O  O1A . HEM C 3 .  ? 9.747   1.010   13.172  1.00 18.75 ? 502  HEM A O1A 1 
HETATM 642 O  O2A . HEM C 3 .  ? 11.068  -0.044  11.846  1.00 10.26 ? 502  HEM A O2A 1 
HETATM 643 C  C1B . HEM C 3 .  ? 3.799   0.696   6.591   1.00 6.55  ? 502  HEM A C1B 1 
HETATM 644 C  C2B . HEM C 3 .  ? 3.140   0.137   5.429   1.00 6.66  ? 502  HEM A C2B 1 
HETATM 645 C  C3B . HEM C 3 .  ? 2.231   1.025   5.001   1.00 6.82  ? 502  HEM A C3B 1 
HETATM 646 C  C4B . HEM C 3 .  ? 2.330   2.157   5.860   1.00 6.43  ? 502  HEM A C4B 1 
HETATM 647 C  CMB . HEM C 3 .  ? 3.528   -1.185  4.831   1.00 9.50  ? 502  HEM A CMB 1 
HETATM 648 C  CAB . HEM C 3 .  ? 1.299   0.949   3.869   1.00 8.37  ? 502  HEM A CAB 1 
HETATM 649 C  CBB . HEM C 3 .  ? 0.824   -0.102  3.255   1.00 9.89  ? 502  HEM A CBB 1 
HETATM 650 C  C1C . HEM C 3 .  ? 1.691   4.456   6.504   1.00 6.86  ? 502  HEM A C1C 1 
HETATM 651 C  C2C . HEM C 3 .  ? 1.042   5.741   6.268   1.00 6.80  ? 502  HEM A C2C 1 
HETATM 652 C  C3C . HEM C 3 .  ? 1.375   6.552   7.304   1.00 6.86  ? 502  HEM A C3C 1 
HETATM 653 C  C4C . HEM C 3 .  ? 2.243   5.792   8.179   1.00 6.98  ? 502  HEM A C4C 1 
HETATM 654 C  CMC . HEM C 3 .  ? 0.207   5.995   5.098   1.00 8.00  ? 502  HEM A CMC 1 
HETATM 655 C  CAC . HEM C 3 .  ? 1.028   7.979   7.517   1.00 9.14  ? 502  HEM A CAC 1 
HETATM 656 C  CBC . HEM C 3 .  ? -0.032  8.624   7.132   1.00 10.14 ? 502  HEM A CBC 1 
HETATM 657 C  C1D . HEM C 3 .  ? 3.523   5.535   10.243  1.00 8.23  ? 502  HEM A C1D 1 
HETATM 658 C  C2D . HEM C 3 .  ? 3.957   6.005   11.511  1.00 9.44  ? 502  HEM A C2D 1 
HETATM 659 C  C3D . HEM C 3 .  ? 4.812   5.020   12.033  1.00 9.67  ? 502  HEM A C3D 1 
HETATM 660 C  C4D . HEM C 3 .  ? 4.873   3.988   11.024  1.00 7.85  ? 502  HEM A C4D 1 
HETATM 661 C  CMD . HEM C 3 .  ? 3.502   7.287   12.192  1.00 12.54 ? 502  HEM A CMD 1 
HETATM 662 C  CAD . HEM C 3 .  ? 5.548   5.073   13.322  1.00 13.15 ? 502  HEM A CAD 1 
HETATM 663 C  CBD . HEM C 3 .  ? 4.793   4.429   14.442  1.00 18.16 ? 502  HEM A CBD 1 
HETATM 664 C  CGD . HEM C 3 .  ? 5.513   4.415   15.764  1.00 27.79 ? 502  HEM A CGD 1 
HETATM 665 O  O1D . HEM C 3 .  ? 6.704   4.004   15.895  1.00 33.51 ? 502  HEM A O1D 1 
HETATM 666 O  O2D . HEM C 3 .  ? 4.811   4.877   16.615  1.00 36.85 ? 502  HEM A O2D 1 
HETATM 667 N  NA  . HEM C 3 .  ? 4.920   1.743   9.125   1.00 7.21  ? 502  HEM A NA  1 
HETATM 668 N  NB  . HEM C 3 .  ? 3.265   1.991   6.843   1.00 6.79  ? 502  HEM A NB  1 
HETATM 669 N  NC  . HEM C 3 .  ? 2.446   4.556   7.666   1.00 6.29  ? 502  HEM A NC  1 
HETATM 670 N  ND  . HEM C 3 .  ? 4.033   4.285   9.948   1.00 7.48  ? 502  HEM A ND  1 
HETATM 671 FE FE  . HEM C 3 .  ? 3.688   3.136   8.401   1.00 6.91  ? 502  HEM A FE  1 
HETATM 672 C  C1  . GOL D 4 .  ? 5.441   -4.074  12.060  1.00 12.12 ? 9601 GOL A C1  1 
HETATM 673 O  O1  . GOL D 4 .  ? 5.405   -4.549  13.419  1.00 12.57 ? 9601 GOL A O1  1 
HETATM 674 C  C2  . GOL D 4 .  ? 6.556   -4.760  11.313  1.00 11.27 ? 9601 GOL A C2  1 
HETATM 675 O  O2  . GOL D 4 .  ? 6.267   -6.127  11.263  1.00 14.69 ? 9601 GOL A O2  1 
HETATM 676 C  C3  . GOL D 4 .  ? 7.939   -4.479  11.923  1.00 11.04 ? 9601 GOL A C3  1 
HETATM 677 O  O3  . GOL D 4 .  ? 8.176   -3.147  11.858  1.00 12.55 ? 9601 GOL A O3  1 
HETATM 678 O  O   . HOH E 5 .  ? 2.608   5.281   -6.418  1.00 10.35 ? 503  HOH A O   1 
HETATM 679 O  O   . HOH E 5 .  ? -7.775  7.310   8.330   1.00 10.03 ? 504  HOH A O   1 
HETATM 680 O  O   . HOH E 5 .  ? -3.277  -8.649  2.129   1.00 10.62 ? 505  HOH A O   1 
HETATM 681 O  O   . HOH E 5 .  ? 10.068  -6.430  8.670   1.00 10.18 ? 506  HOH A O   1 
HETATM 682 O  O   . HOH E 5 .  ? 9.108   8.787   10.564  1.00 13.12 ? 507  HOH A O   1 
HETATM 683 O  O   . HOH E 5 .  ? 5.924   -13.442 2.724   1.00 12.12 ? 508  HOH A O   1 
HETATM 684 O  O   . HOH E 5 .  ? -2.849  7.539   -1.221  1.00 12.77 ? 509  HOH A O   1 
HETATM 685 O  O   . HOH E 5 .  ? 15.758  -2.352  7.696   1.00 12.40 ? 510  HOH A O   1 
HETATM 686 O  O   . HOH E 5 .  ? -0.394  -10.273 6.541   1.00 14.90 ? 511  HOH A O   1 
HETATM 687 O  O   . HOH E 5 .  ? 10.474  0.356   -2.067  1.00 15.23 ? 512  HOH A O   1 
HETATM 688 O  O   . HOH E 5 .  ? 8.315   6.107   -5.884  1.00 13.83 ? 513  HOH A O   1 
HETATM 689 O  O   . HOH E 5 .  ? 8.036   -4.241  -4.222  1.00 17.31 ? 514  HOH A O   1 
HETATM 690 O  O   . HOH E 5 .  ? -3.485  4.742   13.438  1.00 15.82 ? 515  HOH A O   1 
HETATM 691 O  O   . HOH E 5 .  ? -5.333  -6.382  8.769   1.00 17.27 ? 516  HOH A O   1 
HETATM 692 O  O   . HOH E 5 .  ? -1.023  -2.421  15.036  1.00 19.66 ? 517  HOH A O   1 
HETATM 693 O  O   . HOH E 5 .  ? 2.975   -3.970  14.751  1.00 18.52 ? 518  HOH A O   1 
HETATM 694 O  O   . HOH E 5 .  ? -1.373  -9.414  -1.089  1.00 16.56 ? 519  HOH A O   1 
HETATM 695 O  O   . HOH E 5 .  ? 12.903  -4.794  -1.204  1.00 18.45 ? 520  HOH A O   1 
HETATM 696 O  O   . HOH E 5 .  ? -8.962  -4.345  9.277   1.00 18.47 ? 521  HOH A O   1 
HETATM 697 O  O   . HOH E 5 .  ? 10.524  10.201  4.083   1.00 15.83 ? 523  HOH A O   1 
HETATM 698 O  O   . HOH E 5 .  ? -1.967  5.220   -7.419  1.00 20.10 ? 524  HOH A O   1 
HETATM 699 O  O   . HOH E 5 .  ? 17.286  0.442   9.797   1.00 23.01 ? 525  HOH A O   1 
HETATM 700 O  O   . HOH E 5 .  ? 7.655   0.175   -5.823  1.00 19.66 ? 526  HOH A O   1 
HETATM 701 O  O   . HOH E 5 .  ? -3.292  -10.769 9.292   1.00 21.77 ? 527  HOH A O   1 
HETATM 702 O  O   . HOH E 5 .  ? 0.596   -10.440 -2.760  1.00 24.91 ? 528  HOH A O   1 
HETATM 703 O  O   . HOH E 5 .  ? 11.477  -7.541  -3.614  1.00 20.26 ? 529  HOH A O   1 
HETATM 704 O  O   . HOH E 5 .  ? 8.657   7.658   0.392   1.00 15.38 ? 530  HOH A O   1 
HETATM 705 O  O   . HOH E 5 .  ? 9.916   3.975   -5.136  1.00 16.44 ? 531  HOH A O   1 
HETATM 706 O  O   . HOH E 5 .  ? 9.778   1.239   -4.567  1.00 16.86 ? 532  HOH A O   1 
HETATM 707 O  O   . HOH E 5 .  ? 15.789  -3.713  10.193  1.00 20.11 ? 533  HOH A O   1 
HETATM 708 O  O   . HOH E 5 .  ? 9.251   -6.569  -5.131  1.00 18.90 ? 534  HOH A O   1 
HETATM 709 O  O   . HOH E 5 .  ? 5.571   13.543  10.273  1.00 17.77 ? 535  HOH A O   1 
HETATM 710 O  O   . HOH E 5 .  ? -6.233  10.869  2.688   1.00 20.62 ? 536  HOH A O   1 
HETATM 711 O  O   . HOH E 5 .  ? -4.937  4.869   -7.324  1.00 20.76 ? 537  HOH A O   1 
HETATM 712 O  O   . HOH E 5 .  ? 7.753   8.008   12.598  1.00 24.28 ? 538  HOH A O   1 
HETATM 713 O  O   . HOH E 5 .  ? 12.764  -1.294  13.781  1.00 21.10 ? 539  HOH A O   1 
HETATM 714 O  O   . HOH E 5 .  ? 7.984   1.384   -9.609  1.00 25.90 ? 540  HOH A O   1 
HETATM 715 O  O   . HOH E 5 .  ? 13.083  -0.016  -2.056  1.00 21.55 ? 541  HOH A O   1 
HETATM 716 O  O   . HOH E 5 .  ? 3.426   -2.079  16.715  1.00 25.16 ? 542  HOH A O   1 
HETATM 717 O  O   . HOH E 5 .  ? 9.770   -10.050 -2.730  1.00 26.58 ? 543  HOH A O   1 
HETATM 718 O  O   . HOH E 5 .  ? 9.665   8.270   2.773   1.00 24.54 ? 544  HOH A O   1 
HETATM 719 O  O   . HOH E 5 .  ? 7.269   -8.784  -4.387  1.00 28.39 ? 545  HOH A O   1 
HETATM 720 O  O   . HOH E 5 .  ? 7.899   2.710   14.301  1.00 26.29 ? 546  HOH A O   1 
HETATM 721 O  O   . HOH E 5 .  ? 14.670  -1.611  12.022  1.00 26.15 ? 547  HOH A O   1 
HETATM 722 O  O   . HOH E 5 .  ? -5.127  6.699   14.447  1.00 24.86 ? 548  HOH A O   1 
HETATM 723 O  O   . HOH E 5 .  ? -9.701  6.131   -3.530  1.00 29.66 ? 549  HOH A O   1 
HETATM 724 O  O   . HOH E 5 .  ? -1.664  5.130   17.617  1.00 35.04 ? 550  HOH A O   1 
HETATM 725 O  O   . HOH E 5 .  ? -14.998 1.045   -3.407  1.00 29.87 ? 551  HOH A O   1 
HETATM 726 O  O   . HOH E 5 .  ? -5.263  -9.413  -3.937  1.00 29.15 ? 552  HOH A O   1 
HETATM 727 O  O   . HOH E 5 .  ? -0.906  7.218   -8.747  1.00 31.30 ? 553  HOH A O   1 
HETATM 728 O  O   . HOH E 5 .  ? 1.670   7.138   -8.304  1.00 24.50 ? 554  HOH A O   1 
HETATM 729 O  O   . HOH E 5 .  ? -1.914  -11.097 2.106   1.00 27.72 ? 555  HOH A O   1 
HETATM 730 O  O   . HOH E 5 .  ? -4.027  -12.828 8.077   1.00 30.96 ? 556  HOH A O   1 
HETATM 731 O  O   . HOH E 5 .  ? 10.085  -5.044  -7.269  1.00 29.37 ? 558  HOH A O   1 
HETATM 732 O  O   . HOH E 5 .  ? -4.530  9.333   -1.986  1.00 30.69 ? 559  HOH A O   1 
HETATM 733 O  O   . HOH E 5 .  ? -5.362  -9.876  0.794   1.00 24.18 ? 560  HOH A O   1 
HETATM 734 O  O   . HOH E 5 .  ? 0.171   4.630   12.903  1.00 23.81 ? 561  HOH A O   1 
HETATM 735 O  O   . HOH E 5 .  ? 6.155   9.814   13.928  1.00 26.44 ? 562  HOH A O   1 
HETATM 736 O  O   . HOH E 5 .  ? 6.395   12.616  12.808  1.00 26.49 ? 563  HOH A O   1 
HETATM 737 O  O   . HOH E 5 .  ? 0.323   6.862   14.680  1.00 28.71 ? 564  HOH A O   1 
HETATM 738 O  O   . HOH E 5 .  ? 6.179   -1.182  16.596  1.00 26.04 ? 565  HOH A O   1 
HETATM 739 O  O   . HOH E 5 .  ? 8.265   11.513  10.946  1.00 28.07 ? 566  HOH A O   1 
HETATM 740 O  O   . HOH E 5 .  ? -5.259  7.513   -7.041  1.00 35.42 ? 567  HOH A O   1 
HETATM 741 O  O   . HOH E 5 .  ? -8.185  -5.500  6.742   1.00 29.79 ? 568  HOH A O   1 
HETATM 742 O  O   . HOH E 5 .  ? -8.424  10.197  3.343   1.00 41.33 ? 569  HOH A O   1 
HETATM 743 O  O   . HOH E 5 .  ? -3.696  -10.531 -2.036  1.00 34.36 ? 570  HOH A O   1 
HETATM 744 O  O   . HOH E 5 .  ? 8.967   3.930   -10.401 1.00 31.48 ? 571  HOH A O   1 
HETATM 745 O  O   . HOH E 5 .  ? 14.397  5.380   8.888   1.00 34.57 ? 572  HOH A O   1 
HETATM 746 O  O   . HOH E 5 .  ? 10.097  -0.172  15.423  1.00 28.50 ? 573  HOH A O   1 
HETATM 747 O  O   . HOH E 5 .  ? 1.317   2.873   -16.379 1.00 38.29 ? 574  HOH A O   1 
HETATM 748 O  O   . HOH E 5 .  ? 13.131  -0.054  16.184  1.00 32.07 ? 575  HOH A O   1 
HETATM 749 O  O   . HOH E 5 .  ? 3.279   13.401  12.535  1.00 39.75 ? 576  HOH A O   1 
HETATM 750 O  O   . HOH E 5 .  ? 20.851  2.503   5.683   1.00 34.32 ? 577  HOH A O   1 
HETATM 751 O  O   . HOH E 5 .  ? 4.378   -1.052  -15.005 1.00 33.52 ? 578  HOH A O   1 
HETATM 752 O  O   . HOH E 5 .  ? 11.728  -0.549  -5.769  1.00 36.82 ? 579  HOH A O   1 
HETATM 753 O  O   . HOH E 5 .  ? -8.750  6.942   3.381   1.00 36.03 ? 580  HOH A O   1 
HETATM 754 O  O   . HOH E 5 .  ? 11.145  -3.301  -4.893  1.00 31.60 ? 581  HOH A O   1 
HETATM 755 O  O   . HOH E 5 .  ? 8.536   -2.959  -10.948 1.00 41.22 ? 582  HOH A O   1 
HETATM 756 O  O   . HOH E 5 .  ? 1.256   -0.386  17.771  1.00 30.54 ? 583  HOH A O   1 
HETATM 757 O  O   . HOH E 5 .  ? 11.991  2.660   14.082  1.00 38.71 ? 584  HOH A O   1 
HETATM 758 O  O   . HOH E 5 .  ? -13.819 3.795   -1.939  1.00 31.04 ? 585  HOH A O   1 
HETATM 759 O  O   . HOH E 5 .  ? 6.634   -13.650 -1.288  1.00 36.41 ? 586  HOH A O   1 
HETATM 760 O  O   . HOH E 5 .  ? -3.898  7.425   18.211  1.00 40.55 ? 587  HOH A O   1 
HETATM 761 O  O   . HOH E 5 .  ? 3.170   -8.004  -11.932 1.00 33.59 ? 588  HOH A O   1 
HETATM 762 O  O   . HOH E 5 .  ? -7.414  7.347   0.935   1.00 34.47 ? 589  HOH A O   1 
HETATM 763 O  O   . HOH E 5 .  ? 1.308   -11.890 1.553   1.00 44.00 ? 590  HOH A O   1 
HETATM 764 O  O   . HOH E 5 .  ? -13.580 -0.120  -1.098  1.00 36.47 ? 591  HOH A O   1 
HETATM 765 O  O   . HOH E 5 .  ? 6.567   -8.794  -13.178 1.00 45.32 ? 592  HOH A O   1 
HETATM 766 O  O   . HOH E 5 .  ? -9.709  -7.766  6.499   1.00 32.92 ? 593  HOH A O   1 
HETATM 767 O  O   . HOH E 5 .  ? 9.472   -13.636 0.052   1.00 35.10 ? 594  HOH A O   1 
HETATM 768 O  O   . HOH E 5 .  ? 3.364   -9.225  -8.667  1.00 37.08 ? 595  HOH A O   1 
HETATM 769 O  O   . HOH E 5 .  ? 21.210  1.460   8.682   1.00 53.36 ? 596  HOH A O   1 
HETATM 770 O  O   . HOH E 5 .  ? -12.221 -8.296  7.332   1.00 42.58 ? 597  HOH A O   1 
HETATM 771 O  O   . HOH E 5 .  ? 8.968   6.302   14.366  1.00 32.43 ? 598  HOH A O   1 
HETATM 772 O  O   . HOH E 5 .  ? -3.755  9.655   -6.592  1.00 34.38 ? 599  HOH A O   1 
HETATM 773 O  O   . HOH E 5 .  ? 2.323   7.014   16.195  1.00 46.97 ? 600  HOH A O   1 
HETATM 774 O  O   . HOH E 5 .  ? 7.475   -11.881 -2.148  1.00 44.53 ? 601  HOH A O   1 
HETATM 775 O  O   . HOH E 5 .  ? 4.185   -12.823 -1.287  1.00 32.78 ? 602  HOH A O   1 
HETATM 776 O  O   . HOH E 5 .  ? -4.449  4.263   -14.972 1.00 44.40 ? 603  HOH A O   1 
HETATM 777 O  O   . HOH E 5 .  ? 6.343   -8.966  -8.876  1.00 40.35 ? 604  HOH A O   1 
HETATM 778 O  O   . HOH E 5 .  ? 0.221   1.426   -17.425 1.00 44.30 ? 605  HOH A O   1 
HETATM 779 O  O   . HOH E 5 .  ? 3.139   -11.449 -12.641 1.00 41.40 ? 606  HOH A O   1 
HETATM 780 O  O   . HOH E 5 .  ? -1.944  9.587   -8.005  1.00 48.23 ? 607  HOH A O   1 
HETATM 781 O  O   . HOH E 5 .  ? 0.808   11.540  14.267  1.00 48.81 ? 608  HOH A O   1 
HETATM 782 O  O   . HOH E 5 .  ? 1.135   14.667  12.473  1.00 63.69 ? 609  HOH A O   1 
HETATM 783 O  O   . HOH E 5 .  ? -8.329  -7.396  -3.363  1.00 34.08 ? 610  HOH A O   1 
HETATM 784 O  O   . HOH E 5 .  ? -0.008  5.189   -14.059 1.00 53.25 ? 611  HOH A O   1 
HETATM 785 O  O   . HOH E 5 .  ? -8.097  9.100   -1.081  1.00 49.63 ? 612  HOH A O   1 
HETATM 786 O  O   . HOH E 5 .  ? 6.228   -10.232 -6.407  1.00 39.20 ? 613  HOH A O   1 
HETATM 787 O  O   . HOH E 5 .  ? -10.265 7.194   -1.210  1.00 40.22 ? 614  HOH A O   1 
HETATM 788 O  O   . HOH E 5 .  ? -7.420  6.958   -2.654  1.00 38.96 ? 615  HOH A O   1 
HETATM 789 O  O   . HOH E 5 .  ? -2.387  4.249   -14.289 1.00 40.87 ? 616  HOH A O   1 
HETATM 790 O  O   . HOH E 5 .  ? -1.398  -11.959 -12.870 1.00 54.57 ? 618  HOH A O   1 
HETATM 791 O  O   . HOH E 5 .  ? 8.775   -1.848  -1.507  1.00 18.13 ? 619  HOH A O   1 
HETATM 792 O  O   . HOH E 5 .  ? 9.267   -3.215  -3.210  1.00 37.47 ? 620  HOH A O   1 
HETATM 793 O  O   . HOH E 5 .  ? 9.562   -0.990  -3.242  1.00 37.43 ? 621  HOH A O   1 
HETATM 794 O  O   . HOH E 5 .  ? 8.200   -2.489  -2.466  1.00 28.62 ? 622  HOH A O   1 
# 
loop_
_atom_site_anisotrop.id 
_atom_site_anisotrop.type_symbol 
_atom_site_anisotrop.pdbx_label_atom_id 
_atom_site_anisotrop.pdbx_label_alt_id 
_atom_site_anisotrop.pdbx_label_comp_id 
_atom_site_anisotrop.pdbx_label_asym_id 
_atom_site_anisotrop.pdbx_label_seq_id 
_atom_site_anisotrop.pdbx_PDB_ins_code 
_atom_site_anisotrop.U[1][1] 
_atom_site_anisotrop.U[2][2] 
_atom_site_anisotrop.U[3][3] 
_atom_site_anisotrop.U[1][2] 
_atom_site_anisotrop.U[1][3] 
_atom_site_anisotrop.U[2][3] 
_atom_site_anisotrop.pdbx_auth_seq_id 
_atom_site_anisotrop.pdbx_auth_comp_id 
_atom_site_anisotrop.pdbx_auth_asym_id 
_atom_site_anisotrop.pdbx_auth_atom_id 
1   N  N   . SER A 3  ? 0.4226 0.4383 0.4135 0.0282  -0.0061 -0.0239 3    SER A N   
2   C  CA  . SER A 3  ? 0.4082 0.4049 0.3778 0.0182  -0.0124 -0.0326 3    SER A CA  
3   C  C   . SER A 3  ? 0.3891 0.3793 0.3466 0.0263  -0.0289 -0.0428 3    SER A C   
4   O  O   . SER A 3  ? 0.4255 0.4046 0.3624 0.0486  -0.0428 -0.0554 3    SER A O   
5   C  CB  . SER A 3  ? 0.4232 0.4036 0.3923 0.0043  -0.0173 -0.0400 3    SER A CB  
6   O  OG  . SER A 3  ? 0.4680 0.4051 0.3724 -0.0024 -0.0347 -0.0410 3    SER A OG  
7   N  N   . THR A 4  ? 0.3667 0.3384 0.2957 0.0160  -0.0312 -0.0581 4    THR A N   
8   C  CA  . THR A 4  ? 0.3403 0.3101 0.2734 0.0048  -0.0220 -0.0474 4    THR A CA  
9   C  C   . THR A 4  ? 0.3093 0.2512 0.2244 -0.0059 -0.0290 -0.0433 4    THR A C   
10  O  O   . THR A 4  ? 0.3320 0.2952 0.1832 -0.0271 -0.0704 -0.0588 4    THR A O   
11  C  CB  . THR A 4  ? 0.3340 0.3396 0.3237 0.0024  -0.0208 -0.0336 4    THR A CB  
12  O  OG1 . THR A 4  ? 0.3852 0.4424 0.4127 0.0159  0.0018  -0.0342 4    THR A OG1 
13  C  CG2 . THR A 4  ? 0.3803 0.3576 0.3683 0.0068  -0.0070 -0.0470 4    THR A CG2 
14  N  N   . HIS A 5  ? 0.3182 0.2388 0.1594 -0.0091 -0.0618 -0.0303 5    HIS A N   
15  C  CA  . HIS A 5  ? 0.3006 0.2142 0.1333 -0.0418 -0.0330 -0.0412 5    HIS A CA  
16  C  C   . HIS A 5  ? 0.2548 0.1903 0.1270 -0.0132 -0.0216 -0.0286 5    HIS A C   
17  O  O   . HIS A 5  ? 0.2822 0.1902 0.1356 -0.0306 -0.0745 -0.0432 5    HIS A O   
18  C  CB  . HIS A 5  ? 0.3576 0.2599 0.1691 -0.0276 -0.0205 -0.0134 5    HIS A CB  
19  C  CG  . HIS A 5  ? 0.3855 0.3712 0.3256 -0.0361 0.0011  -0.0254 5    HIS A CG  
20  N  ND1 . HIS A 5  ? 0.4657 0.4520 0.3175 -0.0428 -0.0249 -0.0660 5    HIS A ND1 
21  C  CD2 . HIS A 5  ? 0.4691 0.4645 0.4537 0.0094  -0.0062 -0.0421 5    HIS A CD2 
22  C  CE1 . HIS A 5  ? 0.4799 0.5084 0.5062 -0.0138 0.0020  -0.0165 5    HIS A CE1 
23  N  NE2 . HIS A 5  ? 0.5033 0.5156 0.5295 -0.0247 -0.0090 -0.0294 5    HIS A NE2 
24  N  N   . ILE A 6  ? 0.2397 0.1983 0.1301 -0.0297 -0.0492 -0.0513 6    ILE A N   
25  C  CA  . ILE A 6  ? 0.2297 0.2253 0.1483 -0.0168 -0.0563 -0.0365 6    ILE A CA  
26  C  C   . ILE A 6  ? 0.2471 0.2315 0.1649 -0.0109 -0.0402 -0.0568 6    ILE A C   
27  O  O   . ILE A 6  ? 0.2813 0.2800 0.2008 -0.0050 -0.0463 -0.0747 6    ILE A O   
28  C  CB  . ILE A 6  ? 0.2678 0.1993 0.1656 -0.0222 -0.0265 -0.0273 6    ILE A CB  
29  C  CG1 . ILE A 6  ? 0.2862 0.2383 0.2038 -0.0158 -0.0364 -0.0439 6    ILE A CG1 
30  C  CG2 . ILE A 6  ? 0.3130 0.2479 0.1953 -0.0090 -0.0166 -0.0296 6    ILE A CG2 
31  C  CD1 . ILE A 6  ? 0.3038 0.3088 0.2232 -0.0115 -0.0235 -0.0323 6    ILE A CD1 
32  N  N   . TYR A 7  ? 0.2746 0.2637 0.1384 0.0139  -0.0472 -0.0576 7    TYR A N   
33  C  CA  . TYR A 7  ? 0.2550 0.2666 0.1531 0.0138  -0.0557 -0.0483 7    TYR A CA  
34  C  C   . TYR A 7  ? 0.2514 0.2840 0.1626 0.0283  -0.0573 -0.0314 7    TYR A C   
35  O  O   . TYR A 7  ? 0.3311 0.2871 0.2288 0.0351  -0.0475 -0.0052 7    TYR A O   
36  C  CB  . TYR A 7  ? 0.2397 0.2616 0.1384 0.0203  -0.0519 -0.0674 7    TYR A CB  
37  C  CG  . TYR A 7  ? 0.2268 0.2555 0.1231 0.0055  -0.0254 -0.0824 7    TYR A CG  
38  C  CD1 . TYR A 7  ? 0.2398 0.2580 0.1789 0.0115  -0.0486 -0.0206 7    TYR A CD1 
39  C  CD2 . TYR A 7  ? 0.2559 0.2825 0.2371 0.0184  0.0096  -0.0431 7    TYR A CD2 
40  C  CE1 . TYR A 7  ? 0.2398 0.2774 0.1578 0.0230  -0.0653 -0.0371 7    TYR A CE1 
41  C  CE2 . TYR A 7  ? 0.2862 0.2914 0.2107 -0.0237 -0.0123 -0.0528 7    TYR A CE2 
42  C  CZ  . TYR A 7  ? 0.3438 0.2817 0.1967 -0.0131 -0.0127 -0.0605 7    TYR A CZ  
43  O  OH  . TYR A 7  ? 0.4291 0.3063 0.2247 -0.0253 -0.0382 -0.0639 7    TYR A OH  
44  N  N   . THR A 8  ? 0.2873 0.3150 0.1878 0.0337  -0.0593 -0.0391 8    THR A N   
45  C  CA  . THR A 8  ? 0.3187 0.3216 0.2387 0.0341  -0.0313 -0.0101 8    THR A CA  
46  C  C   . THR A 8  ? 0.3252 0.3013 0.2553 0.0333  0.0033  -0.0182 8    THR A C   
47  O  O   . THR A 8  ? 0.2733 0.3008 0.2273 0.0884  -0.0231 0.0017  8    THR A O   
48  C  CB  . THR A 8  ? 0.3423 0.3496 0.2529 0.0311  -0.0594 -0.0018 8    THR A CB  
49  O  OG1 . THR A 8  ? 0.3585 0.4179 0.2498 0.0466  -0.0843 0.0020  8    THR A OG1 
50  C  CG2 . THR A 8  ? 0.4032 0.4038 0.3029 0.0152  -0.0345 -0.0373 8    THR A CG2 
51  N  N   . LYS A 9  ? 0.3600 0.3092 0.2424 0.0285  0.0104  0.0133  9    LYS A N   
52  C  CA  . LYS A 9  ? 0.3480 0.3001 0.2673 0.0304  0.0045  0.0079  9    LYS A CA  
53  C  C   . LYS A 9  ? 0.3473 0.3161 0.2818 0.0296  -0.0115 0.0079  9    LYS A C   
54  O  O   . LYS A 9  ? 0.3555 0.2849 0.2195 0.0799  0.0386  0.0121  9    LYS A O   
55  C  CB  . LYS A 9  ? 0.3603 0.3357 0.3123 -0.0014 0.0074  0.0023  9    LYS A CB  
56  C  CG  . LYS A 9  ? 0.4234 0.4237 0.4073 0.0061  -0.0018 0.0107  9    LYS A CG  
57  C  CD  . LYS A 9  ? 0.4863 0.4577 0.4871 -0.0164 0.0032  -0.0002 9    LYS A CD  
58  C  CE  . LYS A 9  ? 0.5102 0.5171 0.5162 -0.0050 -0.0075 0.0016  9    LYS A CE  
59  N  NZ  . LYS A 9  ? 0.5430 0.5423 0.5591 -0.0226 -0.0022 -0.0016 9    LYS A NZ  
60  N  N   . GLU A 10 ? 0.3484 0.3625 0.2660 0.0361  -0.0159 0.0030  10   GLU A N   
61  C  CA  . GLU A 10 ? 0.3368 0.3700 0.3044 0.0166  -0.0259 -0.0101 10   GLU A CA  
62  C  C   . GLU A 10 ? 0.3310 0.3647 0.3032 0.0326  -0.0466 -0.0207 10   GLU A C   
63  O  O   . GLU A 10 ? 0.2953 0.4010 0.3178 0.0710  -0.0656 -0.0103 10   GLU A O   
64  C  CB  . GLU A 10 ? 0.3718 0.3883 0.3369 0.0300  -0.0296 -0.0007 10   GLU A CB  
65  C  CG  . GLU A 10 ? 0.4805 0.4579 0.4547 0.0010  -0.0001 0.0124  10   GLU A CG  
66  C  CD  . GLU A 10 ? 0.5255 0.5536 0.5454 0.0066  0.0166  0.0027  10   GLU A CD  
67  O  OE1 . GLU A 10 ? 0.5732 0.4821 0.4361 0.0450  -0.0188 0.0437  10   GLU A OE1 
68  O  OE2 . GLU A 10 ? 0.6447 0.5714 0.6269 0.0107  0.0092  0.0136  10   GLU A OE2 
69  N  N   . GLU A 11 ? 0.2876 0.3768 0.2631 0.0219  -0.0717 -0.0610 11   GLU A N   
70  C  C   . GLU A 11 ? 0.2124 0.2507 0.2479 -0.0070 -0.0240 -0.0303 11   GLU A C   
71  O  O   . GLU A 11 ? 0.1973 0.2993 0.2861 -0.0251 -0.0341 -0.0455 11   GLU A O   
72  O  OE1 A GLU A 11 ? 0.3949 0.3538 0.3473 -0.0075 0.0066  -0.0380 11   GLU A OE1 
73  O  OE1 B GLU A 11 ? 0.2838 0.3428 0.2727 0.0016  -0.0518 -0.0523 11   GLU A OE1 
74  O  OE2 A GLU A 11 ? 0.4082 0.3716 0.3711 0.0033  -0.0183 -0.0337 11   GLU A OE2 
75  O  OE2 B GLU A 11 ? 0.4080 0.4737 0.4101 -0.0075 -0.0398 -0.0296 11   GLU A OE2 
76  N  N   . VAL A 12 ? 0.1849 0.2351 0.2253 0.0138  -0.0393 -0.0121 12   VAL A N   
77  C  CA  . VAL A 12 ? 0.1626 0.2132 0.1927 0.0096  -0.0247 0.0000  12   VAL A CA  
78  C  C   . VAL A 12 ? 0.1566 0.2045 0.1857 0.0169  -0.0421 -0.0018 12   VAL A C   
79  O  O   . VAL A 12 ? 0.1218 0.2120 0.1979 -0.0010 -0.0257 0.0183  12   VAL A O   
80  C  CB  . VAL A 12 ? 0.1662 0.2283 0.1798 0.0052  -0.0239 0.0111  12   VAL A CB  
81  C  CG1 . VAL A 12 ? 0.1406 0.2723 0.1912 -0.0024 -0.0370 0.0083  12   VAL A CG1 
82  C  CG2 . VAL A 12 ? 0.1890 0.2371 0.1520 0.0243  -0.0132 0.0265  12   VAL A CG2 
83  N  N   . SER A 13 ? 0.1538 0.2107 0.1846 0.0006  -0.0494 -0.0074 13   SER A N   
84  C  CA  . SER A 13 ? 0.1832 0.2071 0.1713 0.0052  -0.0413 -0.0147 13   SER A CA  
85  C  C   . SER A 13 ? 0.2029 0.2208 0.1690 0.0231  -0.0369 0.0153  13   SER A C   
86  O  O   . SER A 13 ? 0.2163 0.2616 0.2117 0.0502  -0.0355 -0.0163 13   SER A O   
87  C  CB  . SER A 13 ? 0.2208 0.2210 0.1945 0.0237  -0.0265 -0.0116 13   SER A CB  
88  O  OG  . SER A 13 ? 0.2663 0.3307 0.2578 0.0328  -0.0594 0.0045  13   SER A OG  
89  N  N   . SER A 14 ? 0.1620 0.2376 0.1727 0.0078  -0.0388 0.0116  14   SER A N   
90  C  CA  . SER A 14 ? 0.1827 0.2417 0.2286 -0.0076 -0.0314 -0.0036 14   SER A CA  
91  C  C   . SER A 14 ? 0.1613 0.2349 0.2383 0.0006  -0.0081 0.0169  14   SER A C   
92  O  O   . SER A 14 ? 0.1552 0.2960 0.2766 0.0345  -0.0096 0.0437  14   SER A O   
93  C  CB  . SER A 14 ? 0.1932 0.2861 0.2718 -0.0138 -0.0514 -0.0032 14   SER A CB  
94  O  OG  . SER A 14 ? 0.2553 0.3854 0.3473 -0.0088 -0.0776 -0.0450 14   SER A OG  
95  N  N   . HIS A 15 ? 0.1365 0.2007 0.2058 0.0017  -0.0279 -0.0121 15   HIS A N   
96  C  CA  . HIS A 15 ? 0.1424 0.1678 0.2092 0.0005  -0.0047 -0.0042 15   HIS A CA  
97  C  C   . HIS A 15 ? 0.1312 0.1628 0.1907 0.0161  -0.0276 0.0060  15   HIS A C   
98  O  O   . HIS A 15 ? 0.1079 0.1673 0.2169 0.0102  -0.0324 0.0159  15   HIS A O   
99  C  CB  . HIS A 15 ? 0.1398 0.2165 0.2392 0.0293  -0.0121 -0.0129 15   HIS A CB  
100 C  CG  . HIS A 15 ? 0.1353 0.2352 0.2950 0.0348  -0.0148 -0.0149 15   HIS A CG  
101 N  ND1 . HIS A 15 ? 0.2492 0.2824 0.3050 -0.0155 -0.0319 -0.0624 15   HIS A ND1 
102 C  CD2 . HIS A 15 ? 0.2273 0.2582 0.3313 0.0258  -0.0005 0.0013  15   HIS A CD2 
103 C  CE1 . HIS A 15 ? 0.2302 0.2626 0.2721 -0.0054 -0.0484 -0.0586 15   HIS A CE1 
104 N  NE2 . HIS A 15 ? 0.2458 0.3077 0.3557 0.0312  -0.0069 -0.0491 15   HIS A NE2 
105 N  N   . THR A 16 ? 0.1322 0.2045 0.1863 -0.0017 -0.0019 -0.0040 16   THR A N   
106 C  CA  . THR A 16 ? 0.1212 0.2305 0.1852 0.0060  -0.0019 -0.0008 16   THR A CA  
107 C  C   . THR A 16 ? 0.1434 0.2311 0.1984 0.0040  -0.0194 0.0070  16   THR A C   
108 O  O   . THR A 16 ? 0.2044 0.3021 0.1965 -0.0091 -0.0242 -0.0041 16   THR A O   
109 C  CB  . THR A 16 ? 0.1626 0.2325 0.1766 -0.0201 -0.0058 -0.0077 16   THR A CB  
110 O  OG1 . THR A 16 ? 0.1705 0.2344 0.2338 0.0098  -0.0043 -0.0251 16   THR A OG1 
111 C  CG2 . THR A 16 ? 0.2020 0.2657 0.2179 -0.0281 0.0078  0.0047  16   THR A CG2 
112 N  N   . SER A 17 ? 0.1759 0.2402 0.2053 0.0055  -0.0007 0.0289  17   SER A N   
113 C  CA  . SER A 17 ? 0.1834 0.2666 0.2271 -0.0023 0.0220  0.0201  17   SER A CA  
114 C  C   . SER A 17 ? 0.1929 0.2626 0.2333 -0.0105 0.0176  0.0242  17   SER A C   
115 O  O   . SER A 17 ? 0.2184 0.2849 0.2895 0.0030  0.0117  0.0405  17   SER A O   
116 C  CB  . SER A 17 ? 0.2052 0.3016 0.2423 0.0099  0.0087  0.0235  17   SER A CB  
117 O  OG  . SER A 17 ? 0.2271 0.3234 0.3426 0.0028  0.0138  0.0242  17   SER A OG  
118 N  N   . PRO A 18 ? 0.2722 0.2998 0.2909 0.0001  -0.0032 0.0099  18   PRO A N   
119 C  CA  . PRO A 18 ? 0.3287 0.3125 0.3246 -0.0007 -0.0001 0.0118  18   PRO A CA  
120 C  C   . PRO A 18 ? 0.3703 0.3349 0.3793 -0.0178 0.0106  0.0108  18   PRO A C   
121 O  O   . PRO A 18 ? 0.3708 0.3204 0.3973 -0.0130 0.0325  0.0168  18   PRO A O   
122 C  CB  . PRO A 18 ? 0.3390 0.3432 0.3381 -0.0117 -0.0025 0.0109  18   PRO A CB  
123 C  CG  . PRO A 18 ? 0.3296 0.2834 0.3160 -0.0024 -0.0082 0.0177  18   PRO A CG  
124 C  CD  . PRO A 18 ? 0.2721 0.3333 0.2783 -0.0009 0.0047  0.0251  18   PRO A CD  
125 N  N   . GLU A 19 ? 0.3773 0.3749 0.4185 -0.0092 0.0047  0.0100  19   GLU A N   
126 C  CA  . GLU A 19 ? 0.4185 0.4103 0.4291 -0.0140 0.0003  0.0015  19   GLU A CA  
127 C  C   . GLU A 19 ? 0.3885 0.3814 0.4169 -0.0197 -0.0068 0.0029  19   GLU A C   
128 O  O   . GLU A 19 ? 0.4047 0.3924 0.4413 -0.0299 0.0033  0.0162  19   GLU A O   
129 C  CB  . GLU A 19 ? 0.4396 0.4572 0.4792 -0.0078 -0.0022 -0.0043 19   GLU A CB  
130 C  CG  . GLU A 19 ? 0.5655 0.5478 0.5499 -0.0062 -0.0037 0.0156  19   GLU A CG  
131 C  CD  . GLU A 19 ? 0.6505 0.6805 0.6911 0.0235  0.0071  -0.0053 19   GLU A CD  
132 O  OE1 . GLU A 19 ? 0.7140 0.7270 0.7196 -0.0049 0.0294  0.0077  19   GLU A OE1 
133 O  OE2 . GLU A 19 ? 0.7366 0.7228 0.7332 0.0124  -0.0058 0.0238  19   GLU A OE2 
134 N  N   . THR A 20 ? 0.3259 0.3627 0.3840 -0.0187 -0.0061 0.0146  20   THR A N   
135 C  CA  . THR A 20 ? 0.3086 0.3385 0.3571 -0.0073 -0.0224 -0.0020 20   THR A CA  
136 C  C   . THR A 20 ? 0.2584 0.3063 0.3103 -0.0167 -0.0315 -0.0095 20   THR A C   
137 O  O   . THR A 20 ? 0.2627 0.3136 0.3325 -0.0507 -0.0801 -0.0396 20   THR A O   
138 C  CB  . THR A 20 ? 0.3343 0.3365 0.3518 -0.0096 -0.0185 -0.0079 20   THR A CB  
139 O  OG1 . THR A 20 ? 0.4706 0.4804 0.4506 -0.0041 0.0062  -0.0054 20   THR A OG1 
140 C  CG2 . THR A 20 ? 0.2191 0.2524 0.2369 0.0216  -0.0322 0.0345  20   THR A CG2 
141 N  N   . GLY A 21 ? 0.2292 0.2663 0.3232 -0.0254 -0.0442 0.0123  21   GLY A N   
142 C  CA  . GLY A 21 ? 0.1762 0.2198 0.2737 -0.0279 -0.0403 0.0042  21   GLY A CA  
143 C  C   . GLY A 21 ? 0.1591 0.1687 0.2227 0.0061  -0.0469 0.0128  21   GLY A C   
144 O  O   . GLY A 21 ? 0.1517 0.2011 0.2698 -0.0169 -0.0626 0.0241  21   GLY A O   
145 N  N   . ILE A 22 ? 0.1070 0.1342 0.1631 -0.0032 -0.0300 0.0157  22   ILE A N   
146 C  CA  . ILE A 22 ? 0.1042 0.1311 0.1237 -0.0079 -0.0026 -0.0047 22   ILE A CA  
147 C  C   . ILE A 22 ? 0.1037 0.1289 0.1282 -0.0158 -0.0011 -0.0055 22   ILE A C   
148 O  O   . ILE A 22 ? 0.0943 0.1282 0.1424 -0.0067 -0.0019 -0.0033 22   ILE A O   
149 C  CB  . ILE A 22 ? 0.1064 0.1485 0.1602 0.0077  0.0043  -0.0095 22   ILE A CB  
150 C  CG1 . ILE A 22 ? 0.1406 0.1693 0.1727 0.0057  0.0262  -0.0063 22   ILE A CG1 
151 C  CG2 . ILE A 22 ? 0.1369 0.1486 0.1365 0.0102  0.0037  -0.0237 22   ILE A CG2 
152 C  CD1 . ILE A 22 ? 0.1530 0.1670 0.1980 -0.0169 0.0221  -0.0073 22   ILE A CD1 
153 N  N   . TRP A 23 ? 0.0888 0.1363 0.1313 -0.0088 -0.0015 -0.0038 23   TRP A N   
154 C  CA  . TRP A 23 ? 0.1114 0.1231 0.1197 -0.0088 0.0045  -0.0095 23   TRP A CA  
155 C  C   . TRP A 23 ? 0.0825 0.1151 0.1274 -0.0125 0.0045  -0.0073 23   TRP A C   
156 O  O   . TRP A 23 ? 0.1019 0.1261 0.1697 -0.0008 0.0043  -0.0148 23   TRP A O   
157 C  CB  . TRP A 23 ? 0.1013 0.1378 0.1226 0.0074  0.0029  -0.0113 23   TRP A CB  
158 C  CG  . TRP A 23 ? 0.1154 0.1519 0.1536 0.0098  -0.0104 -0.0179 23   TRP A CG  
159 C  CD1 . TRP A 23 ? 0.1028 0.1423 0.1488 -0.0068 -0.0195 -0.0288 23   TRP A CD1 
160 C  CD2 . TRP A 23 ? 0.1202 0.1730 0.1665 0.0105  -0.0170 -0.0091 23   TRP A CD2 
161 N  NE1 . TRP A 23 ? 0.1459 0.1441 0.1856 -0.0299 -0.0130 -0.0205 23   TRP A NE1 
162 C  CE2 . TRP A 23 ? 0.1213 0.1730 0.1772 -0.0109 -0.0222 -0.0277 23   TRP A CE2 
163 C  CE3 . TRP A 23 ? 0.1500 0.1911 0.1562 -0.0128 -0.0125 -0.0113 23   TRP A CE3 
164 C  CZ2 . TRP A 23 ? 0.1500 0.2076 0.1844 -0.0050 -0.0398 -0.0586 23   TRP A CZ2 
165 C  CZ3 . TRP A 23 ? 0.2256 0.2440 0.1726 -0.0236 -0.0113 -0.0134 23   TRP A CZ3 
166 C  CH2 . TRP A 23 ? 0.2054 0.2187 0.2004 0.0055  -0.0341 -0.0402 23   TRP A CH2 
167 N  N   . VAL A 24 ? 0.1019 0.1011 0.1239 -0.0048 -0.0008 -0.0077 24   VAL A N   
168 C  CA  . VAL A 24 ? 0.0951 0.1043 0.1146 0.0041  -0.0008 0.0049  24   VAL A CA  
169 C  C   . VAL A 24 ? 0.0898 0.0929 0.1030 -0.0049 -0.0047 -0.0006 24   VAL A C   
170 O  O   . VAL A 24 ? 0.1107 0.1049 0.1186 0.0008  0.0012  -0.0129 24   VAL A O   
171 C  CB  . VAL A 24 ? 0.0969 0.1079 0.1024 -0.0095 0.0003  -0.0109 24   VAL A CB  
172 C  CG1 . VAL A 24 ? 0.1150 0.1217 0.1245 -0.0102 -0.0081 0.0010  24   VAL A CG1 
173 C  CG2 . VAL A 24 ? 0.1201 0.1334 0.1068 -0.0175 -0.0078 -0.0076 24   VAL A CG2 
174 N  N   . THR A 25 ? 0.1128 0.0993 0.0940 -0.0037 0.0177  -0.0070 25   THR A N   
175 C  CA  . THR A 25 ? 0.1141 0.1058 0.0932 0.0021  0.0073  0.0035  25   THR A CA  
176 C  C   . THR A 25 ? 0.1027 0.1058 0.0933 -0.0120 -0.0022 -0.0089 25   THR A C   
177 O  O   . THR A 25 ? 0.1192 0.1057 0.0842 -0.0031 0.0009  -0.0184 25   THR A O   
178 C  CB  . THR A 25 ? 0.1237 0.1258 0.1041 -0.0065 -0.0079 -0.0086 25   THR A CB  
179 O  OG1 . THR A 25 ? 0.1553 0.1146 0.0958 0.0083  -0.0078 0.0021  25   THR A OG1 
180 C  CG2 . THR A 25 ? 0.1654 0.1392 0.1393 -0.0079 -0.0186 -0.0058 25   THR A CG2 
181 N  N   . LEU A 26 ? 0.0908 0.0994 0.0916 -0.0089 -0.0090 -0.0196 26   LEU A N   
182 C  CA  . LEU A 26 ? 0.0945 0.1049 0.0935 0.0024  0.0030  -0.0078 26   LEU A CA  
183 C  C   . LEU A 26 ? 0.1164 0.0977 0.1087 -0.0077 0.0172  -0.0114 26   LEU A C   
184 O  O   . LEU A 26 ? 0.1296 0.1114 0.0978 -0.0129 0.0157  -0.0139 26   LEU A O   
185 C  CB  . LEU A 26 ? 0.1074 0.1062 0.0949 -0.0007 -0.0126 -0.0179 26   LEU A CB  
186 C  CG  . LEU A 26 ? 0.1199 0.1345 0.0804 -0.0031 -0.0046 -0.0026 26   LEU A CG  
187 C  CD1 . LEU A 26 ? 0.1251 0.1334 0.1181 -0.0221 -0.0115 0.0138  26   LEU A CD1 
188 C  CD2 . LEU A 26 ? 0.1365 0.1606 0.1134 -0.0064 -0.0023 -0.0175 26   LEU A CD2 
189 N  N   . GLY A 27 ? 0.1330 0.1190 0.0996 -0.0188 0.0188  -0.0054 27   GLY A N   
190 C  CA  . GLY A 27 ? 0.1649 0.1192 0.1174 -0.0126 0.0291  -0.0081 27   GLY A CA  
191 C  C   . GLY A 27 ? 0.1889 0.1304 0.1176 -0.0251 0.0295  -0.0069 27   GLY A C   
192 O  O   . GLY A 27 ? 0.2038 0.1940 0.1061 -0.0035 -0.0235 -0.0188 27   GLY A O   
193 N  N   . SER A 28 ? 0.2156 0.1523 0.0991 -0.0176 0.0264  0.0012  28   SER A N   
194 C  CA  . SER A 28 ? 0.2473 0.1574 0.1036 -0.0196 -0.0148 -0.0031 28   SER A CA  
195 C  C   . SER A 28 ? 0.2084 0.1512 0.1182 -0.0302 -0.0239 -0.0077 28   SER A C   
196 O  O   . SER A 28 ? 0.3590 0.1901 0.1520 -0.0689 -0.0812 0.0111  28   SER A O   
197 C  CB  . SER A 28 ? 0.2912 0.2192 0.1018 -0.0483 -0.0175 -0.0056 28   SER A CB  
198 O  OG  . SER A 28 ? 0.4463 0.3023 0.1912 -0.0403 0.0208  0.0197  28   SER A OG  
199 N  N   . GLU A 29 ? 0.1568 0.1204 0.0881 0.0018  0.0038  -0.0061 29   GLU A N   
200 C  CA  . GLU A 29 ? 0.1511 0.1284 0.0928 -0.0071 -0.0033 -0.0195 29   GLU A CA  
201 C  C   . GLU A 29 ? 0.1390 0.1150 0.0768 -0.0029 -0.0089 -0.0132 29   GLU A C   
202 O  O   . GLU A 29 ? 0.1283 0.1242 0.0975 -0.0003 -0.0093 -0.0280 29   GLU A O   
203 C  CB  . GLU A 29 ? 0.1463 0.1212 0.0921 0.0017  0.0016  -0.0124 29   GLU A CB  
204 C  CG  . GLU A 29 ? 0.1433 0.1688 0.1027 0.0041  0.0016  -0.0202 29   GLU A CG  
205 C  CD  . GLU A 29 ? 0.1545 0.1752 0.1647 0.0234  0.0198  -0.0175 29   GLU A CD  
206 O  OE1 . GLU A 29 ? 0.1703 0.2075 0.1539 0.0182  -0.0029 -0.0231 29   GLU A OE1 
207 O  OE2 . GLU A 29 ? 0.1709 0.2310 0.2435 0.0378  -0.0240 -0.0774 29   GLU A OE2 
208 N  N   . VAL A 30 ? 0.1265 0.1036 0.0948 -0.0068 -0.0036 -0.0193 30   VAL A N   
209 C  CA  . VAL A 30 ? 0.1294 0.1008 0.0788 -0.0096 -0.0169 -0.0087 30   VAL A CA  
210 C  C   . VAL A 30 ? 0.0837 0.1083 0.1039 -0.0051 -0.0262 -0.0100 30   VAL A C   
211 O  O   . VAL A 30 ? 0.1304 0.1176 0.0968 0.0042  -0.0110 -0.0125 30   VAL A O   
212 C  CB  . VAL A 30 ? 0.1390 0.1181 0.0885 -0.0125 -0.0172 -0.0237 30   VAL A CB  
213 C  CG1 . VAL A 30 ? 0.1337 0.1543 0.1084 -0.0070 -0.0305 -0.0054 30   VAL A CG1 
214 C  CG2 . VAL A 30 ? 0.1669 0.1576 0.0959 -0.0061 -0.0388 -0.0064 30   VAL A CG2 
215 N  N   . PHE A 31 ? 0.1150 0.1054 0.0988 -0.0049 -0.0023 -0.0063 31   PHE A N   
216 C  CA  . PHE A 31 ? 0.1012 0.0977 0.0918 -0.0034 -0.0078 -0.0017 31   PHE A CA  
217 C  C   . PHE A 31 ? 0.1073 0.0975 0.1204 -0.0034 -0.0018 0.0017  31   PHE A C   
218 O  O   . PHE A 31 ? 0.1117 0.1131 0.1385 -0.0004 0.0070  -0.0043 31   PHE A O   
219 C  CB  . PHE A 31 ? 0.1062 0.0972 0.0744 -0.0020 -0.0038 -0.0040 31   PHE A CB  
220 C  CG  . PHE A 31 ? 0.1080 0.0970 0.0643 -0.0103 0.0045  -0.0108 31   PHE A CG  
221 C  CD1 . PHE A 31 ? 0.1111 0.1053 0.0888 0.0018  0.0016  -0.0091 31   PHE A CD1 
222 C  CD2 . PHE A 31 ? 0.1118 0.1129 0.0795 -0.0028 -0.0146 -0.0097 31   PHE A CD2 
223 C  CE1 . PHE A 31 ? 0.1242 0.0947 0.1053 -0.0141 0.0003  -0.0056 31   PHE A CE1 
224 C  CE2 . PHE A 31 ? 0.1059 0.1124 0.1020 0.0098  -0.0143 -0.0025 31   PHE A CE2 
225 C  CZ  . PHE A 31 ? 0.1082 0.1397 0.0807 -0.0055 -0.0145 -0.0042 31   PHE A CZ  
226 N  N   . ASP A 32 ? 0.1034 0.1091 0.1037 -0.0119 0.0087  -0.0107 32   ASP A N   
227 C  CA  . ASP A 32 ? 0.0999 0.1211 0.1148 0.0047  -0.0060 -0.0061 32   ASP A CA  
228 C  C   . ASP A 32 ? 0.0756 0.1092 0.1014 -0.0028 -0.0226 -0.0086 32   ASP A C   
229 O  O   . ASP A 32 ? 0.0988 0.1080 0.1145 0.0003  -0.0041 -0.0057 32   ASP A O   
230 C  CB  . ASP A 32 ? 0.1096 0.1464 0.1102 -0.0175 -0.0178 -0.0191 32   ASP A CB  
231 C  CG  . ASP A 32 ? 0.1371 0.1659 0.1324 -0.0332 -0.0174 -0.0252 32   ASP A CG  
232 O  OD1 . ASP A 32 ? 0.1195 0.1397 0.1393 -0.0257 -0.0045 0.0000  32   ASP A OD1 
233 O  OD2 . ASP A 32 ? 0.2146 0.2745 0.2092 -0.1429 -0.0023 -0.0685 32   ASP A OD2 
234 N  N   . VAL A 33 ? 0.0964 0.0907 0.0965 0.0104  -0.0101 0.0007  33   VAL A N   
235 C  CA  . VAL A 33 ? 0.1024 0.1107 0.0831 -0.0072 -0.0024 -0.0097 33   VAL A CA  
236 C  C   . VAL A 33 ? 0.1096 0.1066 0.1087 -0.0141 -0.0038 -0.0041 33   VAL A C   
237 O  O   . VAL A 33 ? 0.1486 0.1178 0.0958 -0.0291 -0.0036 0.0049  33   VAL A O   
238 C  CB  . VAL A 33 ? 0.1114 0.1046 0.0915 -0.0021 0.0100  0.0005  33   VAL A CB  
239 C  CG1 . VAL A 33 ? 0.0851 0.1161 0.1244 -0.0215 -0.0208 -0.0134 33   VAL A CG1 
240 C  CG2 . VAL A 33 ? 0.0913 0.1031 0.1116 -0.0212 0.0109  -0.0113 33   VAL A CG2 
241 N  N   . THR A 34 ? 0.1167 0.1085 0.1098 -0.0273 0.0000  -0.0099 34   THR A N   
242 C  CA  . THR A 34 ? 0.1019 0.1146 0.1159 -0.0086 0.0141  0.0069  34   THR A CA  
243 C  C   . THR A 34 ? 0.1225 0.1364 0.1277 -0.0202 0.0198  -0.0019 34   THR A C   
244 O  O   . THR A 34 ? 0.1474 0.1303 0.1296 -0.0135 0.0186  0.0016  34   THR A O   
245 C  CB  . THR A 34 ? 0.1016 0.1283 0.1620 -0.0273 0.0049  0.0128  34   THR A CB  
246 O  OG1 . THR A 34 ? 0.1116 0.1428 0.1504 -0.0202 -0.0098 0.0046  34   THR A OG1 
247 C  CG2 . THR A 34 ? 0.1446 0.2071 0.1466 -0.0349 0.0124  0.0076  34   THR A CG2 
248 N  N   . GLU A 35 ? 0.1370 0.0969 0.1370 -0.0102 0.0036  0.0186  35   GLU A N   
249 C  CA  . GLU A 35 ? 0.1333 0.1058 0.1616 -0.0130 0.0039  0.0142  35   GLU A CA  
250 C  C   . GLU A 35 ? 0.1303 0.1310 0.1341 0.0028  -0.0062 0.0328  35   GLU A C   
251 O  O   . GLU A 35 ? 0.1826 0.1848 0.1963 -0.0546 -0.0292 0.0648  35   GLU A O   
252 C  CB  . GLU A 35 ? 0.1673 0.1335 0.1838 0.0010  -0.0187 0.0259  35   GLU A CB  
253 C  CG  . GLU A 35 ? 0.1883 0.1670 0.2160 -0.0189 -0.0356 -0.0060 35   GLU A CG  
254 C  CD  . GLU A 35 ? 0.3723 0.3901 0.3809 -0.0293 0.0232  0.0178  35   GLU A CD  
255 O  OE1 . GLU A 35 ? 0.4158 0.3969 0.3917 -0.0805 -0.0050 0.0477  35   GLU A OE1 
256 O  OE2 . GLU A 35 ? 0.4787 0.5184 0.4949 -0.0362 -0.0432 -0.0007 35   GLU A OE2 
257 N  N   . PHE A 36 ? 0.1110 0.1063 0.1218 -0.0087 0.0184  -0.0027 36   PHE A N   
258 C  CA  . PHE A 36 ? 0.1018 0.0980 0.1190 0.0017  0.0177  -0.0067 36   PHE A CA  
259 C  C   . PHE A 36 ? 0.0902 0.1049 0.0936 0.0008  0.0149  -0.0192 36   PHE A C   
260 O  O   . PHE A 36 ? 0.0870 0.1352 0.0976 0.0083  0.0117  -0.0096 36   PHE A O   
261 C  CB  . PHE A 36 ? 0.1052 0.0993 0.1191 0.0215  0.0223  -0.0011 36   PHE A CB  
262 C  CG  . PHE A 36 ? 0.1082 0.0969 0.1131 0.0032  0.0345  0.0001  36   PHE A CG  
263 C  CD1 . PHE A 36 ? 0.1023 0.1305 0.1411 -0.0015 0.0248  0.0039  36   PHE A CD1 
264 C  CD2 . PHE A 36 ? 0.0918 0.1242 0.1230 -0.0082 0.0145  -0.0011 36   PHE A CD2 
265 C  CE1 . PHE A 36 ? 0.0832 0.1808 0.1473 0.0080  0.0386  0.0002  36   PHE A CE1 
266 C  CE2 . PHE A 36 ? 0.1262 0.1194 0.1420 -0.0239 0.0399  -0.0123 36   PHE A CE2 
267 C  CZ  . PHE A 36 ? 0.0905 0.2029 0.1104 -0.0293 0.0070  -0.0402 36   PHE A CZ  
268 N  N   . VAL A 37 ? 0.0851 0.1109 0.1243 -0.0019 0.0088  -0.0079 37   VAL A N   
269 C  CA  . VAL A 37 ? 0.0960 0.1061 0.1157 0.0054  0.0084  -0.0035 37   VAL A CA  
270 C  C   . VAL A 37 ? 0.0901 0.0765 0.1086 0.0028  0.0298  0.0092  37   VAL A C   
271 O  O   . VAL A 37 ? 0.1033 0.0889 0.1076 0.0052  0.0048  -0.0052 37   VAL A O   
272 C  CB  A VAL A 37 ? 0.1655 0.1523 0.1280 0.0510  0.0030  0.0098  37   VAL A CB  
273 C  CB  B VAL A 37 ? 0.2586 0.1775 0.1597 0.0350  0.0334  0.0160  37   VAL A CB  
274 C  CG2 A VAL A 37 ? 0.1695 0.1621 0.1247 -0.0198 -0.0156 -0.0154 37   VAL A CG2 
275 C  CG2 B VAL A 37 ? 0.2355 0.2416 0.2819 0.0142  -0.0036 -0.0157 37   VAL A CG2 
276 N  N   . ASP A 38 ? 0.1002 0.0939 0.1126 -0.0032 0.0148  0.0018  38   ASP A N   
277 C  CA  . ASP A 38 ? 0.1268 0.1241 0.1111 -0.0072 0.0211  0.0241  38   ASP A CA  
278 C  C   . ASP A 38 ? 0.1186 0.1127 0.1039 -0.0055 0.0221  0.0274  38   ASP A C   
279 O  O   . ASP A 38 ? 0.1199 0.1422 0.1127 0.0025  0.0197  0.0089  38   ASP A O   
280 C  CB  . ASP A 38 ? 0.1133 0.1420 0.1300 -0.0058 0.0239  0.0253  38   ASP A CB  
281 C  CG  . ASP A 38 ? 0.1257 0.1464 0.1463 -0.0087 0.0279  -0.0034 38   ASP A CG  
282 O  OD1 . ASP A 38 ? 0.1283 0.1625 0.1903 0.0056  0.0233  0.0049  38   ASP A OD1 
283 O  OD2 . ASP A 38 ? 0.1574 0.1636 0.2159 -0.0165 0.0348  0.0144  38   ASP A OD2 
284 N  N   . LEU A 39 ? 0.1111 0.0908 0.1203 -0.0037 0.0104  0.0258  39   LEU A N   
285 C  CA  . LEU A 39 ? 0.0983 0.1211 0.1174 -0.0030 0.0117  0.0398  39   LEU A CA  
286 C  C   . LEU A 39 ? 0.0971 0.1198 0.1213 0.0151  0.0168  0.0236  39   LEU A C   
287 O  O   . LEU A 39 ? 0.1223 0.1508 0.1520 0.0047  -0.0123 0.0467  39   LEU A O   
288 C  CB  . LEU A 39 ? 0.1148 0.1163 0.1351 0.0042  0.0195  0.0425  39   LEU A CB  
289 C  CG  . LEU A 39 ? 0.1590 0.1746 0.1933 -0.0196 0.0167  0.0738  39   LEU A CG  
290 C  CD1 . LEU A 39 ? 0.2670 0.1633 0.1863 -0.0393 0.0053  0.0404  39   LEU A CD1 
291 C  CD2 . LEU A 39 ? 0.2217 0.1629 0.3208 -0.0126 -0.0111 0.0442  39   LEU A CD2 
292 N  N   . HIS A 40 ? 0.0942 0.1104 0.1073 0.0082  0.0191  0.0313  40   HIS A N   
293 C  CA  . HIS A 40 ? 0.1184 0.1077 0.1002 0.0077  0.0185  0.0181  40   HIS A CA  
294 C  C   . HIS A 40 ? 0.1012 0.1349 0.1169 0.0225  -0.0028 0.0230  40   HIS A C   
295 O  O   . HIS A 40 ? 0.1369 0.1752 0.1163 0.0420  0.0131  -0.0100 40   HIS A O   
296 C  CB  . HIS A 40 ? 0.1095 0.1026 0.0808 0.0019  0.0223  0.0189  40   HIS A CB  
297 C  CG  . HIS A 40 ? 0.0966 0.0883 0.0951 -0.0141 0.0008  0.0188  40   HIS A CG  
298 N  ND1 . HIS A 40 ? 0.0909 0.1018 0.1007 -0.0010 -0.0049 -0.0015 40   HIS A ND1 
299 C  CD2 . HIS A 40 ? 0.1034 0.0883 0.1089 -0.0013 0.0146  0.0176  40   HIS A CD2 
300 C  CE1 . HIS A 40 ? 0.1090 0.0983 0.1149 -0.0115 0.0164  0.0003  40   HIS A CE1 
301 N  NE2 . HIS A 40 ? 0.0910 0.0902 0.0877 -0.0050 -0.0047 0.0125  40   HIS A NE2 
302 N  N   . PRO A 41 ? 0.1372 0.1297 0.1124 -0.0112 0.0063  0.0062  41   PRO A N   
303 C  CA  . PRO A 41 ? 0.1503 0.1697 0.1667 0.0208  -0.0396 -0.0115 41   PRO A CA  
304 C  C   . PRO A 41 ? 0.2148 0.2395 0.2061 0.0418  -0.0259 -0.0027 41   PRO A C   
305 O  O   . PRO A 41 ? 0.2874 0.1614 0.2417 0.0237  -0.0914 -0.0248 41   PRO A O   
306 C  CB  . PRO A 41 ? 0.1679 0.1561 0.1776 -0.0030 -0.0402 0.0043  41   PRO A CB  
307 C  CG  . PRO A 41 ? 0.1305 0.1638 0.1238 -0.0129 -0.0125 0.0261  41   PRO A CG  
308 C  CD  . PRO A 41 ? 0.1098 0.1575 0.1311 -0.0210 -0.0024 0.0401  41   PRO A CD  
309 N  N   . GLY A 42 ? 0.2672 0.2562 0.2166 0.0634  -0.0355 -0.0356 42   GLY A N   
310 C  CA  . GLY A 42 ? 0.2389 0.2598 0.2563 0.0519  -0.0198 -0.0444 42   GLY A CA  
311 C  C   . GLY A 42 ? 0.2260 0.2546 0.2405 0.0482  -0.0189 -0.0620 42   GLY A C   
312 O  O   . GLY A 42 ? 0.2439 0.2877 0.2855 0.0888  -0.0088 -0.0856 42   GLY A O   
313 N  N   . GLY A 43 ? 0.2292 0.2411 0.2064 0.0481  -0.0157 -0.0643 43   GLY A N   
314 C  CA  . GLY A 43 ? 0.1776 0.2465 0.1807 0.0554  0.0120  -0.0278 43   GLY A CA  
315 C  C   . GLY A 43 ? 0.1624 0.1393 0.1317 0.0452  0.0129  -0.0066 43   GLY A C   
316 O  O   . GLY A 43 ? 0.0868 0.1590 0.1934 0.0216  -0.0089 -0.0258 43   GLY A O   
317 N  N   . PRO A 44 ? 0.1155 0.1319 0.1214 0.0379  0.0355  0.0260  44   PRO A N   
318 C  CA  . PRO A 44 ? 0.1116 0.0973 0.1126 0.0178  0.0196  0.0113  44   PRO A CA  
319 C  C   . PRO A 44 ? 0.0972 0.0868 0.1027 0.0018  0.0245  0.0043  44   PRO A C   
320 O  O   . PRO A 44 ? 0.1053 0.1110 0.1070 0.0143  0.0208  0.0033  44   PRO A O   
321 C  CB  . PRO A 44 ? 0.1480 0.1130 0.1804 0.0288  0.0261  0.0089  44   PRO A CB  
322 C  CG  . PRO A 44 ? 0.1865 0.1241 0.1980 0.0356  0.0561  0.0224  44   PRO A CG  
323 C  CD  . PRO A 44 ? 0.1579 0.1627 0.1496 0.0618  0.0527  0.0638  44   PRO A CD  
324 N  N   . SER A 45 ? 0.1095 0.0835 0.0947 0.0154  0.0232  0.0074  45   SER A N   
325 C  CA  . SER A 45 ? 0.1151 0.0868 0.0832 0.0162  0.0181  -0.0012 45   SER A CA  
326 C  C   . SER A 45 ? 0.1001 0.0936 0.0995 0.0108  0.0095  0.0002  45   SER A C   
327 O  O   . SER A 45 ? 0.1044 0.1038 0.1043 0.0228  0.0099  0.0153  45   SER A O   
328 C  CB  . SER A 45 ? 0.1461 0.0735 0.1111 0.0138  0.0239  0.0145  45   SER A CB  
329 N  N   . LYS A 46 ? 0.0998 0.0960 0.0959 -0.0008 0.0023  -0.0007 46   LYS A N   
330 C  CA  . LYS A 46 ? 0.0861 0.1076 0.1425 0.0017  0.0009  0.0069  46   LYS A CA  
331 C  C   . LYS A 46 ? 0.0846 0.1144 0.1309 -0.0084 0.0030  0.0086  46   LYS A C   
332 O  O   . LYS A 46 ? 0.1060 0.1043 0.1389 -0.0006 0.0170  0.0148  46   LYS A O   
333 C  CB  . LYS A 46 ? 0.1382 0.1701 0.1913 0.0063  -0.0031 -0.0336 46   LYS A CB  
334 C  CG  . LYS A 46 ? 0.1908 0.2951 0.2216 -0.0067 0.0048  -0.0503 46   LYS A CG  
335 C  CD  . LYS A 46 ? 0.3494 0.3435 0.3489 -0.0187 0.0195  -0.0131 46   LYS A CD  
336 C  CE  . LYS A 46 ? 0.3322 0.3207 0.3995 -0.0121 -0.0197 -0.0009 46   LYS A CE  
337 N  NZ  . LYS A 46 ? 0.2705 0.3048 0.3000 0.0228  0.0492  -0.0242 46   LYS A NZ  
338 N  N   . LEU A 47 ? 0.0901 0.1122 0.0979 0.0165  0.0145  0.0099  47   LEU A N   
339 C  CA  . LEU A 47 ? 0.0867 0.1039 0.1102 0.0001  0.0190  0.0184  47   LEU A CA  
340 C  C   . LEU A 47 ? 0.0922 0.1071 0.0985 0.0150  0.0231  0.0028  47   LEU A C   
341 O  O   . LEU A 47 ? 0.0981 0.1155 0.1031 0.0111  0.0250  0.0144  47   LEU A O   
342 C  CB  . LEU A 47 ? 0.0977 0.1005 0.1164 -0.0048 0.0181  0.0228  47   LEU A CB  
343 C  CG  . LEU A 47 ? 0.1068 0.1083 0.0897 0.0185  0.0101  0.0171  47   LEU A CG  
344 C  CD1 . LEU A 47 ? 0.1021 0.1166 0.1012 0.0006  0.0173  0.0038  47   LEU A CD1 
345 C  CD2 . LEU A 47 ? 0.1396 0.1192 0.1182 0.0242  0.0008  0.0207  47   LEU A CD2 
346 N  N   . MET A 48 ? 0.0844 0.1036 0.0926 0.0036  0.0169  0.0066  48   MET A N   
347 C  CA  . MET A 48 ? 0.0875 0.0982 0.1077 -0.0089 0.0157  0.0042  48   MET A CA  
348 C  C   . MET A 48 ? 0.0778 0.1040 0.1054 0.0045  0.0180  0.0024  48   MET A C   
349 O  O   . MET A 48 ? 0.0861 0.1187 0.1232 0.0014  0.0022  0.0244  48   MET A O   
350 C  CB  . MET A 48 ? 0.0778 0.1215 0.1049 -0.0096 0.0047  0.0045  48   MET A CB  
351 C  CG  . MET A 48 ? 0.0999 0.1158 0.1266 -0.0090 0.0137  0.0202  48   MET A CG  
352 S  SD  . MET A 48 ? 0.1289 0.1078 0.1525 0.0023  0.0110  -0.0078 48   MET A SD  
353 C  CE  . MET A 48 ? 0.1220 0.1430 0.1384 -0.0125 0.0141  -0.0291 48   MET A CE  
354 N  N   . LEU A 49 ? 0.1025 0.0980 0.0995 0.0145  0.0063  0.0175  49   LEU A N   
355 C  CA  . LEU A 49 ? 0.1157 0.1060 0.1120 0.0043  -0.0054 0.0278  49   LEU A CA  
356 C  C   . LEU A 49 ? 0.1225 0.1111 0.1050 0.0071  -0.0001 0.0140  49   LEU A C   
357 O  O   . LEU A 49 ? 0.1219 0.1140 0.1309 0.0132  -0.0037 0.0239  49   LEU A O   
358 C  CB  . LEU A 49 ? 0.1228 0.0881 0.1123 0.0016  0.0237  0.0226  49   LEU A CB  
359 C  CG  . LEU A 49 ? 0.1505 0.0980 0.1403 0.0202  0.0282  0.0206  49   LEU A CG  
360 C  CD1 . LEU A 49 ? 0.1697 0.1106 0.1306 0.0066  0.0192  0.0076  49   LEU A CD1 
361 C  CD2 . LEU A 49 ? 0.1862 0.1216 0.1434 0.0183  0.0379  0.0135  49   LEU A CD2 
362 N  N   . ALA A 50 ? 0.1026 0.1050 0.1095 0.0049  0.0070  0.0215  50   ALA A N   
363 C  CA  . ALA A 50 ? 0.1014 0.1132 0.1155 -0.0123 0.0047  0.0108  50   ALA A CA  
364 C  C   . ALA A 50 ? 0.1053 0.1187 0.1067 0.0116  -0.0019 0.0169  50   ALA A C   
365 O  O   . ALA A 50 ? 0.1022 0.1460 0.1090 -0.0115 -0.0045 0.0103  50   ALA A O   
366 C  CB  . ALA A 50 ? 0.1151 0.1353 0.1178 -0.0158 0.0000  0.0059  50   ALA A CB  
367 N  N   . ALA A 51 ? 0.1096 0.1273 0.0999 -0.0067 0.0024  0.0094  51   ALA A N   
368 C  CA  . ALA A 51 ? 0.1129 0.1274 0.1216 -0.0031 -0.0132 0.0050  51   ALA A CA  
369 C  C   . ALA A 51 ? 0.0982 0.1229 0.1241 0.0021  -0.0006 0.0104  51   ALA A C   
370 O  O   . ALA A 51 ? 0.1124 0.1464 0.1481 0.0138  -0.0066 0.0148  51   ALA A O   
371 C  CB  . ALA A 51 ? 0.1307 0.1343 0.1422 -0.0234 -0.0008 -0.0048 51   ALA A CB  
372 N  N   . GLY A 52 ? 0.0984 0.1347 0.1198 0.0051  -0.0139 -0.0103 52   GLY A N   
373 C  CA  . GLY A 52 ? 0.1235 0.1645 0.1352 -0.0057 -0.0073 -0.0114 52   GLY A CA  
374 C  C   . GLY A 52 ? 0.1191 0.1758 0.1236 -0.0199 -0.0250 0.0164  52   GLY A C   
375 O  O   . GLY A 52 ? 0.1810 0.2499 0.1517 -0.0476 -0.0529 0.0411  52   GLY A O   
376 N  N   . GLY A 53 ? 0.1023 0.1461 0.1116 -0.0117 -0.0226 0.0078  53   GLY A N   
377 C  CA  . GLY A 53 ? 0.1312 0.1410 0.1187 0.0034  -0.0134 0.0192  53   GLY A CA  
378 C  C   . GLY A 53 ? 0.1145 0.1147 0.0948 0.0033  -0.0088 -0.0088 53   GLY A C   
379 O  O   . GLY A 53 ? 0.1065 0.1173 0.1007 0.0079  -0.0124 -0.0043 53   GLY A O   
380 N  N   . PRO A 54 ? 0.1219 0.1127 0.1015 0.0017  -0.0099 0.0004  54   PRO A N   
381 C  CA  . PRO A 54 ? 0.1022 0.1039 0.0938 0.0179  -0.0062 0.0013  54   PRO A CA  
382 C  C   . PRO A 54 ? 0.1040 0.0839 0.1001 -0.0118 0.0048  0.0029  54   PRO A C   
383 O  O   . PRO A 54 ? 0.1057 0.1031 0.1059 0.0012  -0.0095 0.0067  54   PRO A O   
384 C  CB  . PRO A 54 ? 0.1383 0.1391 0.0948 0.0016  -0.0135 0.0114  54   PRO A CB  
385 C  CG  . PRO A 54 ? 0.1669 0.1480 0.1520 -0.0023 -0.0139 0.0124  54   PRO A CG  
386 C  CD  . PRO A 54 ? 0.1254 0.1305 0.1244 0.0103  -0.0055 0.0337  54   PRO A CD  
387 N  N   . LEU A 55 ? 0.0954 0.0939 0.0794 0.0076  0.0057  -0.0012 55   LEU A N   
388 C  CA  . LEU A 55 ? 0.0873 0.0786 0.0776 0.0095  0.0064  0.0053  55   LEU A CA  
389 C  C   . LEU A 55 ? 0.0867 0.0894 0.0846 -0.0086 0.0112  -0.0070 55   LEU A C   
390 O  O   . LEU A 55 ? 0.1195 0.0799 0.0759 -0.0066 0.0136  0.0066  55   LEU A O   
391 C  CB  . LEU A 55 ? 0.0852 0.0962 0.1023 -0.0071 0.0053  0.0092  55   LEU A CB  
392 C  CG  . LEU A 55 ? 0.0878 0.0840 0.0812 -0.0103 0.0066  0.0106  55   LEU A CG  
393 C  CD1 . LEU A 55 ? 0.1169 0.0926 0.0922 -0.0037 -0.0043 -0.0012 55   LEU A CD1 
394 C  CD2 . LEU A 55 ? 0.1268 0.1131 0.1301 0.0196  0.0335  0.0304  55   LEU A CD2 
395 N  N   . GLU A 56 ? 0.0941 0.0869 0.0870 -0.0116 0.0135  -0.0090 56   GLU A N   
396 C  CA  . GLU A 56 ? 0.1018 0.0901 0.1042 -0.0039 0.0091  -0.0026 56   GLU A CA  
397 C  C   . GLU A 56 ? 0.1139 0.0892 0.0707 -0.0108 0.0033  0.0190  56   GLU A C   
398 O  O   . GLU A 56 ? 0.0985 0.1033 0.0868 -0.0209 0.0058  -0.0052 56   GLU A O   
399 C  CB  . GLU A 56 ? 0.1264 0.0973 0.1069 -0.0194 0.0321  -0.0111 56   GLU A CB  
400 C  CG  . GLU A 56 ? 0.1240 0.1343 0.1077 -0.0296 0.0192  -0.0060 56   GLU A CG  
401 C  CD  . GLU A 56 ? 0.1448 0.1178 0.0872 -0.0248 0.0361  -0.0128 56   GLU A CD  
402 O  OE1 . GLU A 56 ? 0.1109 0.1222 0.1029 -0.0113 0.0084  -0.0109 56   GLU A OE1 
403 O  OE2 . GLU A 56 ? 0.1407 0.1175 0.1247 -0.0165 0.0320  -0.0152 56   GLU A OE2 
404 N  N   . PRO A 57 ? 0.1234 0.0893 0.0830 -0.0057 0.0094  -0.0025 57   PRO A N   
405 C  CA  . PRO A 57 ? 0.1192 0.0963 0.1172 -0.0005 0.0200  -0.0009 57   PRO A CA  
406 C  C   . PRO A 57 ? 0.1338 0.0993 0.0925 -0.0168 0.0144  -0.0177 57   PRO A C   
407 O  O   . PRO A 57 ? 0.1921 0.1077 0.1132 -0.0425 0.0326  -0.0072 57   PRO A O   
408 C  CB  . PRO A 57 ? 0.1414 0.1517 0.1348 0.0304  0.0086  -0.0103 57   PRO A CB  
409 C  CG  . PRO A 57 ? 0.1836 0.1478 0.2000 0.0300  -0.0297 -0.0282 57   PRO A CG  
410 C  CD  . PRO A 57 ? 0.1149 0.0945 0.1096 0.0033  0.0011  0.0003  57   PRO A CD  
411 N  N   . PHE A 58 ? 0.1134 0.0909 0.0931 -0.0152 0.0103  -0.0059 58   PHE A N   
412 C  CA  . PHE A 58 ? 0.1140 0.0943 0.0986 -0.0128 0.0140  -0.0136 58   PHE A CA  
413 C  C   . PHE A 58 ? 0.1149 0.1077 0.0730 -0.0204 0.0224  0.0045  58   PHE A C   
414 O  O   . PHE A 58 ? 0.1256 0.1216 0.0815 -0.0215 0.0179  -0.0088 58   PHE A O   
415 C  CB  . PHE A 58 ? 0.1061 0.0884 0.0968 -0.0159 0.0223  -0.0064 58   PHE A CB  
416 C  CG  . PHE A 58 ? 0.1092 0.1093 0.1133 -0.0251 0.0167  0.0062  58   PHE A CG  
417 C  CD1 . PHE A 58 ? 0.1325 0.1111 0.1421 -0.0281 0.0043  -0.0120 58   PHE A CD1 
418 C  CD2 . PHE A 58 ? 0.1262 0.0923 0.1253 -0.0092 0.0260  0.0171  58   PHE A CD2 
419 C  CE1 . PHE A 58 ? 0.1582 0.1301 0.1699 -0.0154 0.0021  0.0136  58   PHE A CE1 
420 C  CE2 . PHE A 58 ? 0.1349 0.1120 0.1929 -0.0198 0.0177  0.0035  58   PHE A CE2 
421 C  CZ  . PHE A 58 ? 0.1062 0.1214 0.2236 -0.0104 -0.0082 0.0175  58   PHE A CZ  
422 N  N   . TRP A 59 ? 0.1036 0.1088 0.0885 -0.0113 0.0106  -0.0012 59   TRP A N   
423 C  CA  . TRP A 59 ? 0.1209 0.0807 0.0885 -0.0191 0.0078  -0.0075 59   TRP A CA  
424 C  C   . TRP A 59 ? 0.1041 0.0850 0.0765 -0.0072 0.0052  -0.0018 59   TRP A C   
425 O  O   . TRP A 59 ? 0.1047 0.0978 0.1044 -0.0074 -0.0119 -0.0030 59   TRP A O   
426 C  CB  . TRP A 59 ? 0.1004 0.1051 0.0834 -0.0117 0.0084  0.0083  59   TRP A CB  
427 C  CG  . TRP A 59 ? 0.1095 0.1025 0.0716 0.0028  0.0081  0.0099  59   TRP A CG  
428 C  CD1 . TRP A 59 ? 0.1025 0.0903 0.0969 0.0178  0.0034  -0.0043 59   TRP A CD1 
429 C  CD2 . TRP A 59 ? 0.0858 0.0933 0.0697 -0.0104 0.0000  0.0031  59   TRP A CD2 
430 N  NE1 . TRP A 59 ? 0.1143 0.0909 0.0991 -0.0151 0.0093  0.0068  59   TRP A NE1 
431 C  CE2 . TRP A 59 ? 0.1147 0.0874 0.0795 -0.0033 -0.0132 0.0054  59   TRP A CE2 
432 C  CE3 . TRP A 59 ? 0.0984 0.1053 0.0814 -0.0028 -0.0050 -0.0035 59   TRP A CE3 
433 C  CZ2 . TRP A 59 ? 0.1304 0.0930 0.0776 -0.0001 -0.0188 0.0093  59   TRP A CZ2 
434 C  CZ3 . TRP A 59 ? 0.0995 0.1070 0.1053 0.0106  -0.0241 -0.0171 59   TRP A CZ3 
435 C  CH2 . TRP A 59 ? 0.1278 0.0954 0.1032 0.0017  -0.0290 -0.0208 59   TRP A CH2 
436 N  N   . ALA A 60 ? 0.1133 0.0904 0.1009 -0.0182 0.0006  0.0036  60   ALA A N   
437 C  CA  . ALA A 60 ? 0.1123 0.1004 0.1000 -0.0221 0.0136  0.0071  60   ALA A CA  
438 C  C   . ALA A 60 ? 0.1001 0.1109 0.0968 -0.0128 -0.0065 0.0047  60   ALA A C   
439 O  O   . ALA A 60 ? 0.0921 0.1578 0.1048 -0.0257 -0.0018 -0.0142 60   ALA A O   
440 C  CB  . ALA A 60 ? 0.1183 0.1083 0.1087 -0.0217 0.0114  0.0086  60   ALA A CB  
441 N  N   . LEU A 61 ? 0.0833 0.0852 0.0920 -0.0108 -0.0075 0.0068  61   LEU A N   
442 C  CA  . LEU A 61 ? 0.0947 0.0815 0.1040 -0.0039 0.0033  0.0094  61   LEU A CA  
443 C  C   . LEU A 61 ? 0.1167 0.0753 0.0839 -0.0042 0.0054  -0.0077 61   LEU A C   
444 O  O   . LEU A 61 ? 0.1298 0.0937 0.1113 0.0131  -0.0157 -0.0212 61   LEU A O   
445 C  CD1 A LEU A 61 ? 0.2418 0.0858 0.1416 -0.0546 -0.0027 -0.0329 61   LEU A CD1 
446 C  CD1 B LEU A 61 ? 0.2379 0.2396 0.2055 0.0227  -0.0100 0.0106  61   LEU A CD1 
447 C  CD2 A LEU A 61 ? 0.0937 0.1345 0.0659 0.0121  -0.0110 0.0126  61   LEU A CD2 
448 C  CD2 B LEU A 61 ? 0.1214 0.1039 0.1655 0.0654  0.0630  -0.0144 61   LEU A CD2 
449 N  N   . TYR A 62 ? 0.1020 0.0753 0.0930 0.0002  -0.0027 -0.0038 62   TYR A N   
450 C  CA  . TYR A 62 ? 0.1073 0.0824 0.0850 -0.0045 0.0089  0.0078  62   TYR A CA  
451 C  C   . TYR A 62 ? 0.1218 0.0648 0.0920 -0.0012 -0.0042 -0.0004 62   TYR A C   
452 O  O   . TYR A 62 ? 0.0957 0.0710 0.0964 -0.0078 -0.0031 -0.0048 62   TYR A O   
453 C  CB  . TYR A 62 ? 0.1148 0.0925 0.1016 -0.0025 0.0164  0.0195  62   TYR A CB  
454 C  CG  . TYR A 62 ? 0.1051 0.1034 0.1050 0.0077  0.0087  0.0035  62   TYR A CG  
455 C  CD1 . TYR A 62 ? 0.1389 0.1710 0.1291 0.0350  0.0047  0.0013  62   TYR A CD1 
456 C  CD2 . TYR A 62 ? 0.1032 0.1011 0.1146 -0.0004 0.0017  0.0076  62   TYR A CD2 
457 C  CE1 . TYR A 62 ? 0.1648 0.2090 0.0988 0.0477  -0.0075 -0.0144 62   TYR A CE1 
458 C  CE2 . TYR A 62 ? 0.1296 0.1211 0.1111 0.0070  0.0031  0.0005  62   TYR A CE2 
459 C  CZ  . TYR A 62 ? 0.1426 0.1534 0.1227 0.0359  -0.0188 -0.0232 62   TYR A CZ  
460 O  OH  . TYR A 62 ? 0.1615 0.2008 0.1516 0.0564  0.0189  -0.0345 62   TYR A OH  
461 N  N   . ALA A 63 ? 0.1052 0.0735 0.1377 -0.0017 0.0126  -0.0068 63   ALA A N   
462 C  CA  . ALA A 63 ? 0.1009 0.0960 0.1299 0.0015  -0.0038 -0.0001 63   ALA A CA  
463 C  C   . ALA A 63 ? 0.1011 0.0842 0.1197 0.0012  -0.0121 -0.0185 63   ALA A C   
464 O  O   . ALA A 63 ? 0.0904 0.0932 0.1404 -0.0037 -0.0129 -0.0068 63   ALA A O   
465 C  CB  . ALA A 63 ? 0.0872 0.1152 0.1596 -0.0020 -0.0074 0.0038  63   ALA A CB  
466 N  N   . VAL A 64 ? 0.1168 0.0839 0.1041 0.0015  -0.0207 0.0041  64   VAL A N   
467 C  CA  . VAL A 64 ? 0.1106 0.1042 0.1172 0.0038  -0.0234 0.0074  64   VAL A CA  
468 C  C   . VAL A 64 ? 0.0896 0.0757 0.1237 0.0008  -0.0144 -0.0019 64   VAL A C   
469 O  O   . VAL A 64 ? 0.1218 0.0823 0.1322 0.0148  -0.0210 0.0082  64   VAL A O   
470 C  CB  . VAL A 64 ? 0.1951 0.1115 0.1161 0.0010  -0.0185 -0.0003 64   VAL A CB  
471 C  CG1 . VAL A 64 ? 0.1732 0.1410 0.1235 -0.0197 0.0189  -0.0146 64   VAL A CG1 
472 C  CG2 . VAL A 64 ? 0.2339 0.1487 0.1424 0.0130  -0.0044 0.0020  64   VAL A CG2 
473 N  N   . HIS A 65 ? 0.0966 0.0796 0.0950 0.0160  -0.0044 0.0075  65   HIS A N   
474 C  CA  . HIS A 65 ? 0.0815 0.0654 0.1003 -0.0061 -0.0101 -0.0015 65   HIS A CA  
475 C  C   . HIS A 65 ? 0.0792 0.0641 0.1237 0.0025  -0.0165 0.0059  65   HIS A C   
476 O  O   . HIS A 65 ? 0.0891 0.0789 0.1102 -0.0062 0.0039  -0.0073 65   HIS A O   
477 C  CB  . HIS A 65 ? 0.0862 0.0797 0.0860 -0.0098 -0.0127 -0.0068 65   HIS A CB  
478 C  CG  . HIS A 65 ? 0.0601 0.0933 0.0736 0.0065  -0.0093 0.0069  65   HIS A CG  
479 N  ND1 . HIS A 65 ? 0.0713 0.0992 0.0877 0.0145  -0.0017 -0.0054 65   HIS A ND1 
480 C  CD2 . HIS A 65 ? 0.0988 0.0685 0.0884 0.0110  -0.0137 -0.0012 65   HIS A CD2 
481 C  CE1 . HIS A 65 ? 0.0890 0.0760 0.0819 0.0107  0.0027  0.0040  65   HIS A CE1 
482 N  NE2 . HIS A 65 ? 0.0951 0.0666 0.0968 0.0007  0.0065  -0.0054 65   HIS A NE2 
483 N  N   . ASN A 66 ? 0.0831 0.0756 0.1219 -0.0047 0.0121  -0.0057 66   ASN A N   
484 C  CA  . ASN A 66 ? 0.0998 0.0746 0.1220 -0.0136 0.0037  0.0078  66   ASN A CA  
485 C  C   . ASN A 66 ? 0.0831 0.0811 0.1360 -0.0029 0.0044  0.0097  66   ASN A C   
486 O  O   . ASN A 66 ? 0.0976 0.0846 0.1890 -0.0035 -0.0036 0.0051  66   ASN A O   
487 C  CB  . ASN A 66 ? 0.0902 0.0844 0.1490 -0.0112 0.0166  -0.0072 66   ASN A CB  
488 C  CG  . ASN A 66 ? 0.1063 0.0699 0.1402 0.0121  0.0030  -0.0043 66   ASN A CG  
489 O  OD1 . ASN A 66 ? 0.1493 0.0969 0.1640 -0.0018 -0.0335 0.0089  66   ASN A OD1 
490 N  ND2 . ASN A 66 ? 0.1256 0.0740 0.1346 0.0079  0.0145  0.0100  66   ASN A ND2 
491 N  N   . GLN A 67 ? 0.0789 0.0799 0.1277 -0.0172 -0.0008 0.0084  67   GLN A N   
492 C  CA  . GLN A 67 ? 0.0788 0.0777 0.1245 0.0013  0.0032  0.0179  67   GLN A CA  
493 C  C   . GLN A 67 ? 0.0799 0.0755 0.1109 -0.0022 0.0024  0.0199  67   GLN A C   
494 O  O   . GLN A 67 ? 0.0813 0.0827 0.1146 0.0027  -0.0077 0.0103  67   GLN A O   
495 C  CB  . GLN A 67 ? 0.1002 0.1048 0.1293 0.0104  0.0017  0.0168  67   GLN A CB  
496 C  CG  . GLN A 67 ? 0.1203 0.1107 0.1320 0.0024  -0.0101 -0.0081 67   GLN A CG  
497 C  CD  . GLN A 67 ? 0.1280 0.1163 0.1007 0.0130  -0.0382 0.0073  67   GLN A CD  
498 O  OE1 . GLN A 67 ? 0.1468 0.1646 0.1441 0.0358  -0.0249 0.0117  67   GLN A OE1 
499 N  NE2 . GLN A 67 ? 0.1367 0.1267 0.1307 0.0313  0.0125  0.0131  67   GLN A NE2 
500 N  N   . SER A 68 ? 0.0767 0.0764 0.1133 0.0140  -0.0006 0.0144  68   SER A N   
501 C  CA  . SER A 68 ? 0.0859 0.0902 0.0974 -0.0035 0.0128  0.0080  68   SER A CA  
502 C  C   . SER A 68 ? 0.0711 0.0731 0.0919 0.0098  0.0031  0.0092  68   SER A C   
503 O  O   . SER A 68 ? 0.0866 0.0915 0.0942 0.0096  0.0072  -0.0005 68   SER A O   
504 C  CB  . SER A 68 ? 0.0948 0.1020 0.1138 -0.0037 0.0153  0.0058  68   SER A CB  
505 O  OG  . SER A 68 ? 0.1062 0.1306 0.1598 0.0277  0.0101  0.0407  68   SER A OG  
506 N  N   . HIS A 69 ? 0.0727 0.0724 0.0985 -0.0030 -0.0037 0.0054  69   HIS A N   
507 C  CA  . HIS A 69 ? 0.0859 0.0789 0.0829 -0.0022 0.0063  0.0051  69   HIS A CA  
508 C  C   . HIS A 69 ? 0.0687 0.0836 0.0967 -0.0012 -0.0105 0.0110  69   HIS A C   
509 O  O   . HIS A 69 ? 0.0783 0.0770 0.1101 0.0080  -0.0066 0.0045  69   HIS A O   
510 C  CB  . HIS A 69 ? 0.0936 0.0811 0.0952 -0.0015 -0.0019 0.0116  69   HIS A CB  
511 C  CG  . HIS A 69 ? 0.1346 0.0878 0.1025 -0.0181 -0.0010 0.0245  69   HIS A CG  
512 N  ND1 . HIS A 69 ? 0.1242 0.1042 0.1112 0.0058  -0.0003 0.0219  69   HIS A ND1 
513 C  CD2 . HIS A 69 ? 0.0926 0.1313 0.1340 0.0121  0.0096  0.0204  69   HIS A CD2 
514 C  CE1 . HIS A 69 ? 0.1374 0.1031 0.1037 0.0303  0.0159  0.0126  69   HIS A CE1 
515 N  NE2 . HIS A 69 ? 0.1538 0.1097 0.1113 -0.0076 -0.0242 0.0213  69   HIS A NE2 
516 N  N   . VAL A 70 ? 0.0694 0.0636 0.0897 -0.0079 0.0054  0.0078  70   VAL A N   
517 C  CA  . VAL A 70 ? 0.0492 0.0791 0.1062 -0.0010 -0.0068 0.0124  70   VAL A CA  
518 C  C   . VAL A 70 ? 0.0691 0.0722 0.0923 -0.0001 0.0037  -0.0046 70   VAL A C   
519 O  O   . VAL A 70 ? 0.0817 0.0806 0.0985 -0.0047 0.0019  0.0002  70   VAL A O   
520 C  CB  . VAL A 70 ? 0.0759 0.0747 0.0949 0.0124  0.0035  -0.0028 70   VAL A CB  
521 C  CG1 . VAL A 70 ? 0.1001 0.0725 0.1038 0.0032  -0.0098 -0.0066 70   VAL A CG1 
522 C  CG2 . VAL A 70 ? 0.0947 0.0749 0.1084 0.0090  0.0041  -0.0118 70   VAL A CG2 
523 N  N   . ARG A 71 ? 0.0822 0.0797 0.0994 0.0012  -0.0152 0.0078  71   ARG A N   
524 C  CA  . ARG A 71 ? 0.0887 0.0874 0.0981 0.0031  0.0082  0.0094  71   ARG A CA  
525 C  C   . ARG A 71 ? 0.0772 0.1015 0.0831 -0.0011 0.0034  0.0099  71   ARG A C   
526 O  O   . ARG A 71 ? 0.0966 0.0955 0.1001 0.0057  0.0004  -0.0003 71   ARG A O   
527 C  CB  . ARG A 71 ? 0.1224 0.1003 0.0939 0.0102  0.0070  0.0059  71   ARG A CB  
528 C  CG  . ARG A 71 ? 0.1052 0.1221 0.1469 0.0089  0.0045  0.0016  71   ARG A CG  
529 C  CD  . ARG A 71 ? 0.1420 0.1064 0.1262 0.0052  -0.0059 0.0057  71   ARG A CD  
530 N  NE  . ARG A 71 ? 0.1447 0.1105 0.1225 0.0107  0.0056  0.0115  71   ARG A NE  
531 C  CZ  . ARG A 71 ? 0.1617 0.1055 0.1357 0.0048  -0.0089 0.0212  71   ARG A CZ  
532 N  NH1 . ARG A 71 ? 0.2101 0.1126 0.1166 -0.0228 0.0061  0.0148  71   ARG A NH1 
533 N  NH2 . ARG A 71 ? 0.2002 0.1012 0.1524 -0.0039 -0.0185 -0.0028 71   ARG A NH2 
534 N  N   . GLU A 72 ? 0.0772 0.0913 0.0981 0.0086  -0.0010 -0.0003 72   GLU A N   
535 C  CA  . GLU A 72 ? 0.0861 0.0966 0.0926 0.0222  0.0170  -0.0069 72   GLU A CA  
536 C  C   . GLU A 72 ? 0.0661 0.0827 0.1020 0.0063  -0.0125 0.0007  72   GLU A C   
537 O  O   . GLU A 72 ? 0.0973 0.0977 0.0963 -0.0037 0.0068  -0.0083 72   GLU A O   
538 C  CB  . GLU A 72 ? 0.0754 0.0968 0.1475 -0.0043 0.0091  0.0051  72   GLU A CB  
539 C  CG  . GLU A 72 ? 0.1177 0.1094 0.1684 0.0243  -0.0124 0.0051  72   GLU A CG  
540 C  CD  . GLU A 72 ? 0.1382 0.1413 0.1594 0.0104  0.0092  -0.0333 72   GLU A CD  
541 O  OE1 . GLU A 72 ? 0.1232 0.1737 0.1513 0.0161  0.0133  -0.0195 72   GLU A OE1 
542 O  OE2 . GLU A 72 ? 0.1958 0.1660 0.2224 0.0025  0.0442  -0.0416 72   GLU A OE2 
543 N  N   . LEU A 73 ? 0.0679 0.0868 0.0808 -0.0050 0.0048  -0.0014 73   LEU A N   
544 C  CA  . LEU A 73 ? 0.0947 0.0756 0.0885 0.0084  0.0034  0.0079  73   LEU A CA  
545 C  C   . LEU A 73 ? 0.0733 0.0788 0.0914 0.0070  0.0099  -0.0063 73   LEU A C   
546 O  O   . LEU A 73 ? 0.0784 0.0907 0.1048 -0.0077 -0.0059 -0.0045 73   LEU A O   
547 C  CB  . LEU A 73 ? 0.0871 0.1068 0.1028 0.0166  -0.0021 -0.0030 73   LEU A CB  
548 C  CG  . LEU A 73 ? 0.1108 0.1316 0.1099 0.0113  0.0109  -0.0094 73   LEU A CG  
549 C  CD1 . LEU A 73 ? 0.1306 0.1969 0.1128 0.0349  0.0193  0.0066  73   LEU A CD1 
550 C  CD2 . LEU A 73 ? 0.1088 0.1537 0.1033 0.0081  0.0021  -0.0238 73   LEU A CD2 
551 N  N   . LEU A 74 ? 0.0734 0.0826 0.0939 -0.0047 0.0041  0.0012  74   LEU A N   
552 C  CA  . LEU A 74 ? 0.0675 0.0911 0.0833 0.0056  -0.0024 0.0016  74   LEU A CA  
553 C  C   . LEU A 74 ? 0.0781 0.0803 0.0953 -0.0020 -0.0057 -0.0038 74   LEU A C   
554 O  O   . LEU A 74 ? 0.0844 0.0873 0.1135 0.0022  -0.0009 -0.0035 74   LEU A O   
555 C  CB  . LEU A 74 ? 0.0743 0.1164 0.0963 0.0106  0.0054  -0.0027 74   LEU A CB  
556 C  CG  . LEU A 74 ? 0.0930 0.0888 0.1000 0.0089  0.0021  -0.0043 74   LEU A CG  
557 C  CD1 . LEU A 74 ? 0.0966 0.1525 0.1048 0.0215  -0.0091 -0.0252 74   LEU A CD1 
558 C  CD2 . LEU A 74 ? 0.1310 0.1157 0.1312 0.0228  -0.0088 -0.0070 74   LEU A CD2 
559 N  N   . ALA A 75 ? 0.0822 0.0936 0.0846 0.0046  0.0080  -0.0022 75   ALA A N   
560 C  CA  . ALA A 75 ? 0.0937 0.1115 0.0817 0.0060  0.0058  -0.0039 75   ALA A CA  
561 C  C   . ALA A 75 ? 0.0943 0.0965 0.0820 0.0179  -0.0158 -0.0037 75   ALA A C   
562 O  O   . ALA A 75 ? 0.1162 0.1223 0.0836 -0.0010 0.0015  -0.0177 75   ALA A O   
563 C  CB  . ALA A 75 ? 0.1031 0.1076 0.1027 0.0006  0.0080  -0.0116 75   ALA A CB  
564 N  N   . GLN A 76 ? 0.1076 0.0985 0.0746 0.0096  0.0076  0.0028  76   GLN A N   
565 C  CA  . GLN A 76 ? 0.0962 0.0912 0.1022 0.0075  0.0034  -0.0067 76   GLN A CA  
566 C  C   . GLN A 76 ? 0.1050 0.0847 0.1098 -0.0112 -0.0119 -0.0031 76   GLN A C   
567 O  O   . GLN A 76 ? 0.1285 0.1073 0.1834 -0.0015 -0.0243 -0.0125 76   GLN A O   
568 C  CB  . GLN A 76 ? 0.1064 0.0933 0.1142 -0.0010 0.0047  -0.0084 76   GLN A CB  
569 C  CG  . GLN A 76 ? 0.1311 0.1054 0.1089 -0.0125 -0.0028 0.0030  76   GLN A CG  
570 C  CD  . GLN A 76 ? 0.1430 0.1046 0.1016 0.0043  -0.0045 -0.0029 76   GLN A CD  
571 O  OE1 . GLN A 76 ? 0.1690 0.1177 0.1585 0.0155  0.0094  -0.0060 76   GLN A OE1 
572 N  NE2 . GLN A 76 ? 0.1203 0.1357 0.1101 -0.0031 -0.0088 -0.0111 76   GLN A NE2 
573 N  N   . TYR A 77 ? 0.0973 0.0926 0.1007 0.0089  0.0007  0.0019  77   TYR A N   
574 C  CA  . TYR A 77 ? 0.0966 0.0998 0.0947 0.0061  -0.0103 -0.0022 77   TYR A CA  
575 C  C   . TYR A 77 ? 0.0909 0.1189 0.1050 0.0001  0.0047  -0.0059 77   TYR A C   
576 O  O   . TYR A 77 ? 0.1107 0.1174 0.0964 0.0068  -0.0229 -0.0100 77   TYR A O   
577 C  CB  . TYR A 77 ? 0.0706 0.1051 0.1009 -0.0005 -0.0041 -0.0038 77   TYR A CB  
578 C  CG  . TYR A 77 ? 0.0948 0.1038 0.1018 0.0071  0.0193  -0.0083 77   TYR A CG  
579 C  CD1 . TYR A 77 ? 0.0966 0.1224 0.1244 -0.0075 -0.0041 0.0273  77   TYR A CD1 
580 C  CD2 . TYR A 77 ? 0.0938 0.1080 0.0989 -0.0157 0.0135  0.0182  77   TYR A CD2 
581 C  CE1 . TYR A 77 ? 0.1045 0.1307 0.1300 -0.0125 0.0126  0.0235  77   TYR A CE1 
582 C  CE2 . TYR A 77 ? 0.1003 0.1237 0.1132 -0.0077 0.0068  0.0001  77   TYR A CE2 
583 C  CZ  . TYR A 77 ? 0.0972 0.1088 0.0967 0.0226  0.0201  0.0005  77   TYR A CZ  
584 O  OH  . TYR A 77 ? 0.1192 0.1449 0.0972 0.0404  0.0083  0.0205  77   TYR A OH  
585 N  N   . LYS A 78 ? 0.0995 0.1124 0.1077 0.0102  -0.0050 0.0001  78   LYS A N   
586 C  CA  . LYS A 78 ? 0.1122 0.1125 0.0884 -0.0147 -0.0032 0.0053  78   LYS A CA  
587 C  C   . LYS A 78 ? 0.1323 0.1213 0.1133 0.0017  0.0032  -0.0191 78   LYS A C   
588 O  O   . LYS A 78 ? 0.1717 0.1217 0.1152 0.0082  -0.0212 -0.0218 78   LYS A O   
589 C  CB  . LYS A 78 ? 0.1311 0.1334 0.1008 0.0065  -0.0023 -0.0026 78   LYS A CB  
590 C  CG  . LYS A 78 ? 0.1477 0.1675 0.1145 -0.0042 -0.0032 -0.0112 78   LYS A CG  
591 C  CD  . LYS A 78 ? 0.1660 0.1954 0.1171 0.0191  0.0228  0.0061  78   LYS A CD  
592 C  CE  . LYS A 78 ? 0.2083 0.2408 0.1423 -0.0086 0.0328  -0.0017 78   LYS A CE  
593 N  NZ  . LYS A 78 ? 0.2155 0.2434 0.1548 -0.0138 0.0345  -0.0189 78   LYS A NZ  
594 N  N   . ILE A 79 ? 0.1487 0.1025 0.0938 0.0013  -0.0185 -0.0224 79   ILE A N   
595 C  CA  . ILE A 79 ? 0.1492 0.1148 0.1206 0.0015  -0.0193 -0.0200 79   ILE A CA  
596 C  C   . ILE A 79 ? 0.1589 0.1348 0.1034 0.0008  -0.0236 -0.0232 79   ILE A C   
597 O  O   . ILE A 79 ? 0.1916 0.1737 0.1261 -0.0251 -0.0367 -0.0480 79   ILE A O   
598 C  CB  . ILE A 79 ? 0.1558 0.1491 0.1334 -0.0173 -0.0201 -0.0292 79   ILE A CB  
599 C  CG1 . ILE A 79 ? 0.1355 0.1675 0.1399 -0.0090 -0.0291 -0.0292 79   ILE A CG1 
600 C  CG2 . ILE A 79 ? 0.1656 0.1707 0.1519 -0.0168 0.0001  -0.0185 79   ILE A CG2 
601 C  CD1 . ILE A 79 ? 0.1423 0.1709 0.1508 -0.0257 -0.0330 -0.0358 79   ILE A CD1 
602 N  N   . GLY A 80 ? 0.1598 0.1434 0.0902 -0.0046 -0.0108 -0.0202 80   GLY A N   
603 C  CA  . GLY A 80 ? 0.1872 0.1433 0.1071 -0.0085 -0.0119 -0.0288 80   GLY A CA  
604 C  C   . GLY A 80 ? 0.1670 0.1433 0.1085 0.0002  -0.0010 -0.0280 80   GLY A C   
605 O  O   . GLY A 80 ? 0.1599 0.1401 0.0980 -0.0021 -0.0133 -0.0370 80   GLY A O   
606 N  N   . GLU A 81 ? 0.2217 0.1403 0.0971 -0.0102 -0.0276 -0.0183 81   GLU A N   
607 C  CA  . GLU A 81 ? 0.2226 0.1590 0.1075 -0.0140 -0.0243 -0.0211 81   GLU A CA  
608 C  C   . GLU A 81 ? 0.2258 0.1686 0.0960 -0.0111 -0.0190 -0.0147 81   GLU A C   
609 O  O   . GLU A 81 ? 0.2268 0.1756 0.1330 0.0013  -0.0526 -0.0199 81   GLU A O   
610 C  CB  . GLU A 81 ? 0.2227 0.1794 0.1665 -0.0213 -0.0063 -0.0008 81   GLU A CB  
611 C  CG  . GLU A 81 ? 0.2186 0.2430 0.1474 -0.0306 -0.0300 -0.0304 81   GLU A CG  
612 C  CD  . GLU A 81 ? 0.2639 0.2786 0.2329 -0.0493 0.0018  0.0065  81   GLU A CD  
613 O  OE1 . GLU A 81 ? 0.3401 0.3791 0.2438 -0.0623 0.0434  0.0216  81   GLU A OE1 
614 O  OE2 . GLU A 81 ? 0.3086 0.3571 0.2497 0.0145  0.0476  0.0058  81   GLU A OE2 
615 N  N   . LEU A 82 ? 0.2654 0.1706 0.1281 -0.0128 -0.0339 -0.0064 82   LEU A N   
616 C  CA  . LEU A 82 ? 0.2845 0.2016 0.1855 -0.0093 -0.0327 -0.0146 82   LEU A CA  
617 C  C   . LEU A 82 ? 0.3281 0.2573 0.2455 -0.0020 -0.0112 0.0204  82   LEU A C   
618 O  O   . LEU A 82 ? 0.3660 0.2902 0.2259 -0.0104 0.0515  0.0179  82   LEU A O   
619 C  CB  . LEU A 82 ? 0.3093 0.2203 0.1704 0.0013  -0.0167 0.0103  82   LEU A CB  
620 C  CG  . LEU A 82 ? 0.3043 0.2049 0.1695 0.0068  -0.0178 0.0058  82   LEU A CG  
621 C  CD1 . LEU A 82 ? 0.3147 0.2313 0.2304 -0.0072 0.0196  -0.0098 82   LEU A CD1 
622 C  CD2 . LEU A 82 ? 0.3227 0.2790 0.2226 -0.0053 -0.0022 0.0169  82   LEU A CD2 
623 O  OXT . LEU A 82 ? 0.4388 0.3459 0.3178 0.0058  -0.0480 -0.0266 82   LEU A OXT 
624 S  S   . SO4 B .  ? 0.1707 0.1806 0.2506 -0.0114 0.0022  0.0039  83   SO4 A S   
625 O  O1  . SO4 B .  ? 0.2199 0.2030 0.3223 0.0635  -0.0642 -0.1306 83   SO4 A O1  
626 O  O2  . SO4 B .  ? 0.2080 0.2220 0.3655 -0.0425 -0.0574 -0.0208 83   SO4 A O2  
627 O  O3  . SO4 B .  ? 0.3358 0.2655 0.2889 -0.0032 0.0409  0.0180  83   SO4 A O3  
628 O  O4  . SO4 B .  ? 0.1969 0.2782 0.3158 -0.0249 -0.0266 -0.0269 83   SO4 A O4  
629 C  CHA . HEM C .  ? 0.0970 0.1197 0.1056 -0.0009 -0.0213 -0.0053 502  HEM A CHA 
630 C  CHB . HEM C .  ? 0.0963 0.0797 0.1090 -0.0075 0.0096  0.0125  502  HEM A CHB 
631 C  CHC . HEM C .  ? 0.0718 0.0909 0.0654 -0.0112 -0.0147 0.0032  502  HEM A CHC 
632 C  CHD . HEM C .  ? 0.1001 0.0828 0.1068 0.0049  0.0034  -0.0044 502  HEM A CHD 
633 C  C1A . HEM C .  ? 0.0834 0.1073 0.0891 -0.0023 -0.0097 0.0039  502  HEM A C1A 
634 C  C2A . HEM C .  ? 0.0810 0.1197 0.0975 0.0039  -0.0115 0.0091  502  HEM A C2A 
635 C  C3A . HEM C .  ? 0.0966 0.0953 0.1033 -0.0044 0.0080  0.0097  502  HEM A C3A 
636 C  C4A . HEM C .  ? 0.0810 0.0877 0.1066 -0.0061 0.0238  0.0098  502  HEM A C4A 
637 C  CMA . HEM C .  ? 0.0969 0.1053 0.1400 -0.0074 -0.0034 0.0018  502  HEM A CMA 
638 C  CAA . HEM C .  ? 0.0874 0.1486 0.1136 0.0102  0.0125  -0.0022 502  HEM A CAA 
639 C  CBA . HEM C .  ? 0.1058 0.1557 0.1173 0.0175  0.0010  -0.0096 502  HEM A CBA 
640 C  CGA . HEM C .  ? 0.1145 0.1971 0.0954 0.0100  -0.0075 -0.0139 502  HEM A CGA 
641 O  O1A . HEM C .  ? 0.1511 0.3945 0.1668 0.0580  -0.0337 -0.0594 502  HEM A O1A 
642 O  O2A . HEM C .  ? 0.1277 0.1408 0.1211 0.0216  -0.0042 0.0062  502  HEM A O2A 
643 C  C1B . HEM C .  ? 0.0959 0.0833 0.0693 -0.0001 -0.0033 -0.0048 502  HEM A C1B 
644 C  C2B . HEM C .  ? 0.0937 0.0729 0.0863 -0.0053 0.0077  -0.0020 502  HEM A C2B 
645 C  C3B . HEM C .  ? 0.1017 0.0931 0.0643 -0.0130 0.0018  0.0023  502  HEM A C3B 
646 C  C4B . HEM C .  ? 0.0856 0.0807 0.0777 -0.0093 -0.0034 -0.0031 502  HEM A C4B 
647 C  CMB . HEM C .  ? 0.1430 0.1036 0.1144 -0.0169 -0.0013 -0.0079 502  HEM A CMB 
648 C  CAB . HEM C .  ? 0.1306 0.0955 0.0919 -0.0170 0.0101  0.0138  502  HEM A CAB 
649 C  CBB . HEM C .  ? 0.1150 0.1363 0.1246 0.0075  -0.0258 -0.0007 502  HEM A CBB 
650 C  C1C . HEM C .  ? 0.0874 0.0917 0.0813 -0.0115 0.0025  0.0115  502  HEM A C1C 
651 C  C2C . HEM C .  ? 0.0834 0.0851 0.0896 -0.0158 0.0144  0.0148  502  HEM A C2C 
652 C  C3C . HEM C .  ? 0.0814 0.0735 0.1056 0.0066  0.0054  0.0119  502  HEM A C3C 
653 C  C4C . HEM C .  ? 0.0762 0.0950 0.0938 -0.0007 0.0263  -0.0077 502  HEM A C4C 
654 C  CMC . HEM C .  ? 0.1061 0.0801 0.1175 0.0021  0.0181  0.0293  502  HEM A CMC 
655 C  CAC . HEM C .  ? 0.1004 0.1153 0.1316 -0.0102 -0.0040 -0.0060 502  HEM A CAC 
656 C  CBC . HEM C .  ? 0.1263 0.0875 0.1714 0.0029  -0.0031 0.0051  502  HEM A CBC 
657 C  C1D . HEM C .  ? 0.1145 0.0987 0.0993 -0.0148 0.0164  -0.0281 502  HEM A C1D 
658 C  C2D . HEM C .  ? 0.1239 0.1227 0.1119 0.0085  0.0048  -0.0335 502  HEM A C2D 
659 C  C3D . HEM C .  ? 0.1295 0.1385 0.0992 -0.0033 -0.0289 -0.0133 502  HEM A C3D 
660 C  C4D . HEM C .  ? 0.0879 0.1010 0.1093 -0.0056 0.0032  -0.0109 502  HEM A C4D 
661 C  CMD . HEM C .  ? 0.1900 0.1410 0.1452 -0.0161 -0.0025 -0.0397 502  HEM A CMD 
662 C  CAD . HEM C .  ? 0.1767 0.1603 0.1626 0.0021  -0.0566 -0.0206 502  HEM A CAD 
663 C  CBD . HEM C .  ? 0.2814 0.2406 0.1679 -0.0206 -0.0203 -0.0151 502  HEM A CBD 
664 C  CGD . HEM C .  ? 0.3452 0.4302 0.2805 -0.0017 -0.0458 -0.0147 502  HEM A CGD 
665 O  O1D . HEM C .  ? 0.4549 0.5013 0.3169 0.0328  -0.0617 -0.0064 502  HEM A O1D 
666 O  O2D . HEM C .  ? 0.5047 0.5468 0.3484 0.0243  -0.0211 -0.0331 502  HEM A O2D 
667 N  NA  . HEM C .  ? 0.0751 0.1047 0.0941 -0.0140 -0.0014 0.0066  502  HEM A NA  
668 N  NB  . HEM C .  ? 0.0699 0.0885 0.0994 -0.0047 0.0038  0.0231  502  HEM A NB  
669 N  NC  . HEM C .  ? 0.0843 0.0706 0.0839 -0.0064 0.0057  0.0024  502  HEM A NC  
670 N  ND  . HEM C .  ? 0.0753 0.1022 0.1066 -0.0046 -0.0125 0.0134  502  HEM A ND  
671 FE FE  . HEM C .  ? 0.0886 0.0862 0.0876 -0.0003 0.0018  0.0013  502  HEM A FE  
672 C  C1  . GOL D .  ? 0.1486 0.1620 0.1497 0.0031  0.0048  0.0259  9601 GOL A C1  
673 O  O1  . GOL D .  ? 0.1562 0.1584 0.1630 0.0133  0.0170  0.0165  9601 GOL A O1  
674 C  C2  . GOL D .  ? 0.1651 0.1075 0.1556 -0.0014 0.0140  0.0182  9601 GOL A C2  
675 O  O2  . GOL D .  ? 0.2132 0.1335 0.2114 -0.0209 0.0596  0.0089  9601 GOL A O2  
676 C  C3  . GOL D .  ? 0.1177 0.1417 0.1600 -0.0045 -0.0265 0.0137  9601 GOL A C3  
677 O  O3  . GOL D .  ? 0.1597 0.1417 0.1754 0.0051  0.0125  0.0348  9601 GOL A O3  
678 O  O   . HOH E .  ? 0.1262 0.1436 0.1230 -0.0121 -0.0176 0.0018  503  HOH A O   
679 O  O   . HOH E .  ? 0.1233 0.1325 0.1254 0.0078  0.0107  0.0024  504  HOH A O   
680 O  O   . HOH E .  ? 0.1351 0.1241 0.1442 -0.0098 0.0066  0.0029  505  HOH A O   
681 O  O   . HOH E .  ? 0.1230 0.1208 0.1427 0.0022  0.0023  -0.0092 506  HOH A O   
682 O  O   . HOH E .  ? 0.1939 0.1590 0.1458 0.0475  -0.0304 -0.0134 507  HOH A O   
683 O  O   . HOH E .  ? 0.1636 0.1813 0.1155 0.0082  0.0096  -0.0224 508  HOH A O   
684 O  O   . HOH E .  ? 0.1383 0.1975 0.1492 0.0077  0.0099  0.0067  509  HOH A O   
685 O  O   . HOH E .  ? 0.1279 0.1811 0.1620 -0.0182 -0.0221 -0.0053 510  HOH A O   
686 O  O   . HOH E .  ? 0.1581 0.2294 0.1786 -0.0058 0.0034  0.0509  511  HOH A O   
687 O  O   . HOH E .  ? 0.2471 0.1829 0.1486 0.0046  -0.0233 0.0104  512  HOH A O   
688 O  O   . HOH E .  ? 0.1509 0.2032 0.1715 -0.0041 0.0212  -0.0096 513  HOH A O   
689 O  O   . HOH E .  ? 0.2335 0.2436 0.1803 0.0186  -0.0062 0.0062  514  HOH A O   
690 O  O   . HOH E .  ? 0.2567 0.1900 0.1543 0.0362  -0.0141 0.0240  515  HOH A O   
691 O  O   . HOH E .  ? 0.2478 0.2113 0.1968 -0.0724 0.0408  -0.0280 516  HOH A O   
692 O  O   . HOH E .  ? 0.1819 0.3870 0.1780 -0.0738 0.0257  -0.0357 517  HOH A O   
693 O  O   . HOH E .  ? 0.2360 0.2607 0.2070 -0.0019 -0.0410 0.0291  518  HOH A O   
694 O  O   . HOH E .  ? 0.2179 0.1875 0.2236 -0.0071 -0.0064 -0.0259 519  HOH A O   
695 O  O   . HOH E .  ? 0.2671 0.2374 0.1965 -0.0064 -0.0204 -0.0280 520  HOH A O   
696 O  O   . HOH E .  ? 0.2424 0.2397 0.2194 -0.0262 -0.0048 -0.0101 521  HOH A O   
697 O  O   . HOH E .  ? 0.1918 0.1893 0.2202 0.0456  0.0086  0.0102  523  HOH A O   
698 O  O   . HOH E .  ? 0.2779 0.2548 0.2308 0.0504  -0.0728 0.0395  524  HOH A O   
699 O  O   . HOH E .  ? 0.2000 0.3793 0.2950 0.0392  -0.0115 -0.0401 525  HOH A O   
700 O  O   . HOH E .  ? 0.1982 0.2191 0.3293 0.0429  -0.0713 -0.0880 526  HOH A O   
701 O  O   . HOH E .  ? 0.2945 0.3154 0.2171 -0.0069 0.0367  0.1092  527  HOH A O   
702 O  O   . HOH E .  ? 0.3928 0.2748 0.2787 0.0205  0.0355  0.0099  528  HOH A O   
703 O  O   . HOH E .  ? 0.2054 0.3264 0.2377 0.0284  -0.0548 -0.0168 529  HOH A O   
704 O  O   . HOH E .  ? 0.1632 0.1838 0.2372 0.0182  0.0526  0.0278  530  HOH A O   
705 O  O   . HOH E .  ? 0.1759 0.2073 0.2413 -0.0015 -0.0061 0.0166  531  HOH A O   
706 O  O   . HOH E .  ? 0.2621 0.2164 0.1618 -0.0223 -0.0034 0.0112  532  HOH A O   
707 O  O   . HOH E .  ? 0.2696 0.2168 0.2775 -0.0293 -0.0073 0.0661  533  HOH A O   
708 O  O   . HOH E .  ? 0.2251 0.2918 0.2010 0.0145  -0.0007 0.0043  534  HOH A O   
709 O  O   . HOH E .  ? 0.2429 0.2333 0.1989 0.0446  0.0189  -0.0285 535  HOH A O   
710 O  O   . HOH E .  ? 0.2783 0.1965 0.3085 0.0384  -0.0861 0.0132  536  HOH A O   
711 O  O   . HOH E .  ? 0.3160 0.2689 0.2036 -0.0039 -0.0078 0.0324  537  HOH A O   
712 O  O   . HOH E .  ? 0.3427 0.3041 0.2755 0.0017  0.0741  -0.0217 538  HOH A O   
713 O  O   . HOH E .  ? 0.3086 0.2077 0.2851 0.0392  0.0058  0.0468  539  HOH A O   
714 O  O   . HOH E .  ? 0.2680 0.3141 0.4018 0.0111  0.0982  -0.0937 540  HOH A O   
715 O  O   . HOH E .  ? 0.2323 0.3518 0.2347 -0.0154 -0.0209 -0.0059 541  HOH A O   
716 O  O   . HOH E .  ? 0.3836 0.3021 0.2701 0.0137  0.0293  0.0213  542  HOH A O   
717 O  O   . HOH E .  ? 0.3303 0.3568 0.3229 0.0419  0.0113  -0.1101 543  HOH A O   
718 O  O   . HOH E .  ? 0.2630 0.3500 0.3194 0.1052  0.0101  -0.0062 544  HOH A O   
719 O  O   . HOH E .  ? 0.3052 0.4925 0.2811 0.0539  0.0764  -0.1076 545  HOH A O   
720 O  O   . HOH E .  ? 0.3402 0.4086 0.2499 0.0977  -0.0599 -0.0535 546  HOH A O   
721 O  O   . HOH E .  ? 0.3320 0.3215 0.3398 0.0464  -0.0033 0.0340  547  HOH A O   
722 O  O   . HOH E .  ? 0.3452 0.2451 0.3540 0.0381  0.0221  0.0194  548  HOH A O   
723 O  O   . HOH E .  ? 0.4150 0.3599 0.3520 -0.0048 0.0319  0.0109  549  HOH A O   
724 O  O   . HOH E .  ? 0.4373 0.4498 0.4441 0.0229  -0.0083 -0.0624 550  HOH A O   
725 O  O   . HOH E .  ? 0.2030 0.4500 0.4817 0.0527  0.0143  -0.0241 551  HOH A O   
726 O  O   . HOH E .  ? 0.3839 0.3854 0.3382 -0.0689 0.0078  -0.1168 552  HOH A O   
727 O  O   . HOH E .  ? 0.4024 0.3875 0.3991 -0.0055 0.0215  0.1546  553  HOH A O   
728 O  O   . HOH E .  ? 0.2804 0.3781 0.2722 0.0339  0.0066  0.1007  554  HOH A O   
729 O  O   . HOH E .  ? 0.3372 0.2819 0.4337 0.0010  -0.0067 -0.0237 555  HOH A O   
730 O  O   . HOH E .  ? 0.4274 0.3942 0.3546 -0.0285 -0.0227 0.0123  556  HOH A O   
731 O  O   . HOH E .  ? 0.3214 0.4121 0.3822 0.0683  0.0118  0.0332  558  HOH A O   
732 O  O   . HOH E .  ? 0.3296 0.3875 0.4490 0.0953  -0.0147 0.0334  559  HOH A O   
733 O  O   . HOH E .  ? 0.2924 0.2844 0.3420 -0.0886 -0.0159 -0.0367 560  HOH A O   
734 O  O   . HOH E .  ? 0.3767 0.2583 0.2696 0.0571  -0.0181 0.0085  561  HOH A O   
735 O  O   . HOH E .  ? 0.3816 0.3204 0.3024 0.0086  -0.0317 -0.0399 562  HOH A O   
736 O  O   . HOH E .  ? 0.3733 0.3657 0.2673 -0.0179 -0.0409 -0.0224 563  HOH A O   
737 O  O   . HOH E .  ? 0.3988 0.3658 0.3259 -0.0087 -0.0155 -0.0889 564  HOH A O   
738 O  O   . HOH E .  ? 0.3438 0.3286 0.3167 0.0571  -0.0251 -0.0661 565  HOH A O   
739 O  O   . HOH E .  ? 0.4168 0.3517 0.2981 -0.0144 0.0072  -0.0003 566  HOH A O   
740 O  O   . HOH E .  ? 0.4595 0.4034 0.4828 0.0695  -0.0414 0.0017  567  HOH A O   
741 O  O   . HOH E .  ? 0.3571 0.3925 0.3821 0.0418  0.0338  -0.0630 568  HOH A O   
742 O  O   . HOH E .  ? 0.5312 0.5120 0.5271 0.0005  0.0053  0.0421  569  HOH A O   
743 O  O   . HOH E .  ? 0.4202 0.3811 0.5042 -0.0232 -0.0105 -0.0398 570  HOH A O   
744 O  O   . HOH E .  ? 0.3463 0.4054 0.4442 -0.0548 0.0078  0.0020  571  HOH A O   
745 O  O   . HOH E .  ? 0.4055 0.3801 0.5278 0.0391  -0.0264 0.0242  572  HOH A O   
746 O  O   . HOH E .  ? 0.4748 0.3013 0.3065 0.0762  0.0094  0.0351  573  HOH A O   
747 O  O   . HOH E .  ? 0.5623 0.4480 0.4447 -0.0253 0.0047  0.0597  574  HOH A O   
748 O  O   . HOH E .  ? 0.4545 0.3888 0.3751 -0.0911 -0.0524 0.0501  575  HOH A O   
749 O  O   . HOH E .  ? 0.5404 0.5204 0.4493 -0.0058 -0.0101 -0.0269 576  HOH A O   
750 O  O   . HOH E .  ? 0.4826 0.3883 0.4328 -0.0747 -0.0038 0.1174  577  HOH A O   
751 O  O   . HOH E .  ? 0.4440 0.4695 0.3601 -0.0651 0.0120  0.0008  578  HOH A O   
752 O  O   . HOH E .  ? 0.4024 0.5088 0.4874 0.0249  -0.0003 -0.0033 579  HOH A O   
753 O  O   . HOH E .  ? 0.4061 0.5122 0.4503 0.0726  -0.0533 0.0985  580  HOH A O   
754 O  O   . HOH E .  ? 0.3718 0.4422 0.3867 0.0232  -0.0112 -0.0517 581  HOH A O   
755 O  O   . HOH E .  ? 0.5069 0.5367 0.5223 0.0199  0.0017  -0.0344 582  HOH A O   
756 O  O   . HOH E .  ? 0.4576 0.3780 0.3247 -0.0357 -0.0833 0.0076  583  HOH A O   
757 O  O   . HOH E .  ? 0.5184 0.4268 0.5256 -0.0161 -0.0362 0.0478  584  HOH A O   
758 O  O   . HOH E .  ? 0.3995 0.4176 0.3622 0.1055  -0.0272 0.0027  585  HOH A O   
759 O  O   . HOH E .  ? 0.4655 0.5117 0.4058 0.0027  -0.0103 -0.0656 586  HOH A O   
760 O  O   . HOH E .  ? 0.4868 0.5504 0.5034 -0.0252 -0.0067 0.0420  587  HOH A O   
761 O  O   . HOH E .  ? 0.3838 0.4613 0.4312 0.0372  0.0281  -0.0994 588  HOH A O   
762 O  O   . HOH E .  ? 0.4301 0.3989 0.4807 0.0679  -0.0004 -0.0422 589  HOH A O   
763 O  O   . HOH E .  ? 0.5646 0.5210 0.5861 -0.0044 0.0030  -0.0158 590  HOH A O   
764 O  O   . HOH E .  ? 0.4415 0.5077 0.4365 -0.0323 -0.0613 -0.0010 591  HOH A O   
765 O  O   . HOH E .  ? 0.5776 0.6007 0.5436 -0.0053 -0.0189 -0.0120 592  HOH A O   
766 O  O   . HOH E .  ? 0.3657 0.4800 0.4049 -0.0106 0.0663  0.0042  593  HOH A O   
767 O  O   . HOH E .  ? 0.4908 0.4195 0.4232 0.0045  0.0198  -0.0249 594  HOH A O   
768 O  O   . HOH E .  ? 0.4676 0.4091 0.5323 0.0189  0.0098  -0.0930 595  HOH A O   
769 O  O   . HOH E .  ? 0.6572 0.7007 0.6694 0.0047  -0.0103 -0.0195 596  HOH A O   
770 O  O   . HOH E .  ? 0.5357 0.5499 0.5323 -0.0205 0.0281  -0.0216 597  HOH A O   
771 O  O   . HOH E .  ? 0.4317 0.4458 0.3545 0.0268  -0.0612 -0.0788 598  HOH A O   
772 O  O   . HOH E .  ? 0.4600 0.3929 0.4532 0.0682  -0.0412 0.0358  599  HOH A O   
773 O  O   . HOH E .  ? 0.5966 0.6112 0.5766 -0.0025 -0.0161 -0.0152 600  HOH A O   
774 O  O   . HOH E .  ? 0.5690 0.5715 0.5514 0.0236  -0.0228 -0.0337 601  HOH A O   
775 O  O   . HOH E .  ? 0.4286 0.3529 0.4640 0.0030  -0.0374 -0.0943 602  HOH A O   
776 O  O   . HOH E .  ? 0.5894 0.5670 0.5306 0.0119  0.0212  -0.0004 603  HOH A O   
777 O  O   . HOH E .  ? 0.5179 0.4986 0.5166 0.0196  -0.0124 -0.0300 604  HOH A O   
778 O  O   . HOH E .  ? 0.5857 0.5414 0.5558 0.0106  -0.0216 0.0183  605  HOH A O   
779 O  O   . HOH E .  ? 0.5042 0.5185 0.5502 -0.0194 -0.0367 0.0069  606  HOH A O   
780 O  O   . HOH E .  ? 0.6120 0.6077 0.6126 0.0042  -0.0128 0.0310  607  HOH A O   
781 O  O   . HOH E .  ? 0.6287 0.6061 0.6195 -0.0149 -0.0260 0.0183  608  HOH A O   
782 O  O   . HOH E .  ? 0.8088 0.8046 0.8065 0.0115  -0.0031 0.0008  609  HOH A O   
783 O  O   . HOH E .  ? 0.4425 0.3362 0.5161 -0.0636 0.0578  -0.0283 610  HOH A O   
784 O  O   . HOH E .  ? 0.6928 0.6658 0.6647 -0.0109 -0.0092 0.0216  611  HOH A O   
785 O  O   . HOH E .  ? 0.6562 0.5997 0.6298 0.0177  -0.0034 -0.0093 612  HOH A O   
786 O  O   . HOH E .  ? 0.5206 0.4559 0.5127 0.0081  -0.0100 -0.0135 613  HOH A O   
787 O  O   . HOH E .  ? 0.5060 0.4926 0.5296 -0.0052 -0.0040 -0.0215 614  HOH A O   
788 O  O   . HOH E .  ? 0.5495 0.4656 0.4649 0.0269  -0.0198 0.0209  615  HOH A O   
789 O  O   . HOH E .  ? 0.5643 0.5002 0.4882 -0.0092 0.0043  0.0196  616  HOH A O   
790 O  O   . HOH E .  ? 0.6919 0.6959 0.6854 -0.0023 0.0113  0.0294  618  HOH A O   
791 O  O   . HOH E .  ? 0.2087 0.2296 0.2505 -0.0369 -0.0398 0.0707  619  HOH A O   
792 O  O   . HOH E .  ? 0.4596 0.4188 0.5450 -0.0091 0.0140  0.0380  620  HOH A O   
793 O  O   . HOH E .  ? 0.4375 0.4635 0.5209 0.0434  0.0451  -0.0034 621  HOH A O   
794 O  O   . HOH E .  ? 0.4337 0.3433 0.3103 0.0011  0.0008  -0.0762 622  HOH A O   
# 
